data_7N6I
#
_entry.id   7N6I
#
loop_
_entity.id
_entity.type
_entity.pdbx_description
1 polymer 'TniQ (Homology model)'
2 polymer TnsC
3 polymer "DNA (5'-D(P*TP*TP*TP*TP*TP*TP*TP*TP*TP*TP*TP*TP*TP*TP*TP*TP*T)-3')"
4 polymer "DNA (5'-D(P*AP*AP*AP*AP*AP*AP*AP*AP*AP*AP*AP*AP*AP*AP*AP*AP*A)-3')"
5 non-polymer "ADENOSINE-5'-TRIPHOSPHATE"
6 non-polymer 'MAGNESIUM ION'
#
loop_
_entity_poly.entity_id
_entity_poly.type
_entity_poly.pdbx_seq_one_letter_code
_entity_poly.pdbx_strand_id
1 'polypeptide(L)'
;MIEAPDVKPWLFLIKPYEGESLSHFLGRFRRANHLSASGLGTLAGIGAIVARWERFHFNPRPSQQELEAIASVVEVDAQR
LAQMLPPAGVGMQHEPIRLCGACYAESPCHRIEWQYKSVWKCDRHQLKILAKCPNCQAPFKMPALWEDGCCHRCRMPFAE
MAKLQKV
;
A,B
2 'polypeptide(L)'
;MTEAQAIAKQLGGVKPDDEWLQAEIARLKGKSIVPLQQVKTLHDWLDGKRKARKSCRVVGESRTGKTVACDAYRYRHKPQ
QEAGRPPTVPVVYIRPHQKCGPKDLFKKITEYLKYRVTKGTVSDFRDRTIEVLKGCGVEMLIIDEADRLKPETFADVRDI
AEDLGIAVVLVGTDRLDAVIKRDEQVLERFRAHLRFGKLSGEDFKNTVEMWEQMVLKLPVSSNLKSKEMLRILTSATEGY
IGRLDEILREAAIRSLSRGLKKIDKAVLQEVAKEYK
;
C,D,E,F,G,H,I,J
3 'polydeoxyribonucleotide' (DT)(DT)(DT)(DT)(DT)(DT)(DT)(DT)(DT)(DT)(DT)(DT)(DT)(DT)(DT)(DT)(DT) K
4 'polydeoxyribonucleotide' (DA)(DA)(DA)(DA)(DA)(DA)(DA)(DA)(DA)(DA)(DA)(DA)(DA)(DA)(DA)(DA)(DA) L
#
loop_
_chem_comp.id
_chem_comp.type
_chem_comp.name
_chem_comp.formula
ATP non-polymer ADENOSINE-5'-TRIPHOSPHATE 'C10 H16 N5 O13 P3'
DA DNA linking 2'-DEOXYADENOSINE-5'-MONOPHOSPHATE 'C10 H14 N5 O6 P'
DT DNA linking THYMIDINE-5'-MONOPHOSPHATE 'C10 H15 N2 O8 P'
MG non-polymer 'MAGNESIUM ION' 'Mg 2'
#
# COMPACT_ATOMS: atom_id res chain seq x y z
N TRP A 10 32.10 -22.70 -0.64
CA TRP A 10 33.16 -23.64 -0.40
C TRP A 10 32.68 -24.65 0.57
N LEU A 11 32.76 -25.92 0.13
CA LEU A 11 32.33 -27.07 0.88
C LEU A 11 33.51 -27.79 1.44
N PHE A 12 33.27 -28.39 2.62
CA PHE A 12 34.20 -29.20 3.34
C PHE A 12 33.96 -30.62 2.91
N LEU A 13 35.07 -31.28 2.54
CA LEU A 13 35.08 -32.64 2.09
C LEU A 13 34.75 -33.65 3.16
N ILE A 14 33.84 -34.57 2.79
CA ILE A 14 33.39 -35.67 3.60
C ILE A 14 34.42 -36.77 3.55
N LYS A 15 34.36 -37.74 4.49
CA LYS A 15 35.27 -38.87 4.50
C LYS A 15 34.92 -39.70 3.29
N PRO A 16 35.84 -39.92 2.35
CA PRO A 16 35.56 -40.71 1.18
C PRO A 16 35.42 -42.17 1.48
N TYR A 17 34.44 -42.82 0.82
CA TYR A 17 34.39 -44.24 0.68
C TYR A 17 34.19 -44.50 -0.78
N GLU A 18 34.98 -45.44 -1.33
CA GLU A 18 34.95 -45.77 -2.73
C GLU A 18 33.70 -46.47 -3.18
N GLY A 19 32.95 -47.10 -2.23
CA GLY A 19 31.73 -47.80 -2.56
C GLY A 19 30.49 -46.95 -2.42
N GLU A 20 30.63 -45.64 -2.05
CA GLU A 20 29.50 -44.76 -1.87
C GLU A 20 28.81 -44.33 -3.12
N SER A 21 27.45 -44.31 -3.07
CA SER A 21 26.64 -43.83 -4.16
C SER A 21 26.84 -42.34 -4.28
N LEU A 22 26.66 -41.78 -5.50
CA LEU A 22 26.79 -40.37 -5.75
C LEU A 22 25.77 -39.60 -4.93
N SER A 23 24.55 -40.17 -4.82
CA SER A 23 23.45 -39.59 -4.09
C SER A 23 23.81 -39.43 -2.64
N HIS A 24 24.39 -40.49 -2.02
CA HIS A 24 24.80 -40.43 -0.64
C HIS A 24 25.88 -39.43 -0.43
N PHE A 25 26.84 -39.35 -1.38
CA PHE A 25 28.00 -38.51 -1.29
C PHE A 25 27.52 -37.06 -1.18
N LEU A 26 26.53 -36.67 -2.04
CA LEU A 26 26.00 -35.33 -2.00
C LEU A 26 25.20 -35.06 -0.75
N GLY A 27 24.48 -36.09 -0.23
CA GLY A 27 23.70 -35.97 0.98
C GLY A 27 24.59 -35.72 2.16
N ARG A 28 25.76 -36.41 2.21
CA ARG A 28 26.69 -36.26 3.31
C ARG A 28 27.33 -34.90 3.19
N PHE A 29 27.58 -34.35 1.95
CA PHE A 29 28.13 -33.02 1.79
C PHE A 29 27.21 -32.04 2.45
N ARG A 30 25.88 -32.15 2.19
CA ARG A 30 24.96 -31.27 2.84
C ARG A 30 24.87 -31.36 4.30
N ARG A 31 24.86 -32.58 4.86
CA ARG A 31 24.81 -32.75 6.29
C ARG A 31 26.01 -32.10 6.94
N ALA A 32 27.23 -32.39 6.44
CA ALA A 32 28.46 -31.85 6.98
C ALA A 32 28.58 -30.35 6.86
N ASN A 33 28.00 -29.76 5.78
CA ASN A 33 28.06 -28.34 5.49
C ASN A 33 26.86 -27.53 5.94
N HIS A 34 26.00 -28.14 6.81
CA HIS A 34 24.81 -27.59 7.43
C HIS A 34 23.62 -27.13 6.64
N LEU A 35 23.25 -27.88 5.58
CA LEU A 35 22.06 -27.60 4.80
C LEU A 35 21.36 -28.90 4.42
N SER A 36 20.18 -28.82 3.74
CA SER A 36 19.42 -29.96 3.26
C SER A 36 19.96 -30.41 1.90
N ALA A 37 19.71 -31.70 1.46
CA ALA A 37 20.20 -32.23 0.19
C ALA A 37 19.60 -31.52 -1.00
N SER A 38 18.28 -31.22 -0.93
CA SER A 38 17.56 -30.52 -1.97
C SER A 38 18.03 -29.09 -2.02
N GLY A 39 18.36 -28.53 -0.84
CA GLY A 39 18.87 -27.20 -0.67
C GLY A 39 20.25 -27.15 -1.28
N LEU A 40 21.06 -28.24 -1.16
CA LEU A 40 22.40 -28.29 -1.73
C LEU A 40 22.30 -28.26 -3.21
N GLY A 41 21.36 -29.04 -3.79
CA GLY A 41 21.23 -29.11 -5.21
C GLY A 41 20.83 -27.79 -5.81
N THR A 42 19.90 -27.09 -5.15
CA THR A 42 19.42 -25.81 -5.62
C THR A 42 20.55 -24.79 -5.54
N LEU A 43 21.31 -24.81 -4.42
CA LEU A 43 22.42 -23.90 -4.21
C LEU A 43 23.56 -24.13 -5.16
N ALA A 44 23.80 -25.43 -5.51
CA ALA A 44 24.85 -25.83 -6.40
C ALA A 44 24.53 -25.33 -7.78
N GLY A 45 23.23 -25.41 -8.18
CA GLY A 45 22.76 -24.94 -9.45
C GLY A 45 22.90 -23.45 -9.55
N ILE A 46 22.66 -22.71 -8.45
CA ILE A 46 22.77 -21.26 -8.42
C ILE A 46 24.22 -20.86 -8.56
N GLY A 47 25.15 -21.65 -7.94
CA GLY A 47 26.55 -21.33 -8.01
C GLY A 47 27.10 -21.56 -9.40
N ALA A 48 26.70 -22.68 -10.04
CA ALA A 48 27.16 -23.06 -11.35
C ALA A 48 26.61 -22.33 -12.53
N ILE A 49 25.28 -22.03 -12.51
CA ILE A 49 24.50 -21.38 -13.56
C ILE A 49 24.63 -22.01 -14.94
N VAL A 50 24.71 -23.36 -14.96
CA VAL A 50 24.80 -24.18 -16.15
C VAL A 50 23.43 -24.29 -16.81
N ALA A 51 22.35 -24.33 -15.98
CA ALA A 51 20.92 -24.44 -16.29
C ALA A 51 20.39 -25.83 -16.54
N ARG A 52 21.27 -26.86 -16.61
CA ARG A 52 20.83 -28.22 -16.82
C ARG A 52 20.98 -29.04 -15.55
N TRP A 53 21.48 -28.44 -14.45
CA TRP A 53 21.70 -29.11 -13.19
C TRP A 53 20.41 -29.47 -12.52
N GLU A 54 20.32 -30.77 -12.17
CA GLU A 54 19.18 -31.33 -11.53
C GLU A 54 19.21 -31.28 -10.03
N ARG A 55 17.98 -31.29 -9.46
CA ARG A 55 17.82 -31.31 -8.02
C ARG A 55 17.88 -32.76 -7.54
N PHE A 56 17.13 -33.70 -8.21
CA PHE A 56 17.09 -35.12 -7.86
C PHE A 56 17.60 -36.13 -8.86
N HIS A 57 17.69 -35.82 -10.19
CA HIS A 57 18.24 -36.80 -11.11
C HIS A 57 19.71 -36.53 -10.92
N PHE A 58 20.38 -37.49 -10.28
CA PHE A 58 21.76 -37.36 -9.95
C PHE A 58 22.77 -37.62 -11.01
N ASN A 59 22.47 -38.46 -12.05
CA ASN A 59 23.54 -38.78 -12.97
C ASN A 59 23.38 -38.40 -14.47
N PRO A 60 23.35 -37.11 -14.90
CA PRO A 60 23.26 -36.72 -16.31
C PRO A 60 24.62 -36.62 -16.98
N ARG A 61 24.69 -36.71 -18.34
CA ARG A 61 25.90 -36.59 -19.11
C ARG A 61 26.52 -35.20 -19.10
N PRO A 62 25.86 -34.05 -19.35
CA PRO A 62 26.48 -32.72 -19.28
C PRO A 62 26.75 -32.36 -17.84
N SER A 63 26.04 -33.02 -16.91
CA SER A 63 26.33 -32.91 -15.52
C SER A 63 27.63 -33.54 -15.15
N GLN A 64 28.21 -34.44 -16.00
CA GLN A 64 29.51 -35.00 -15.69
C GLN A 64 30.53 -33.89 -15.79
N GLN A 65 30.36 -32.98 -16.77
CA GLN A 65 31.23 -31.82 -16.97
C GLN A 65 31.10 -30.91 -15.77
N GLU A 66 29.84 -30.77 -15.26
CA GLU A 66 29.54 -29.93 -14.13
C GLU A 66 30.21 -30.46 -12.89
N LEU A 67 30.14 -31.80 -12.67
CA LEU A 67 30.73 -32.47 -11.54
C LEU A 67 32.20 -32.34 -11.52
N GLU A 68 32.86 -32.46 -12.69
CA GLU A 68 34.30 -32.29 -12.81
C GLU A 68 34.68 -30.90 -12.36
N ALA A 69 33.92 -29.88 -12.82
CA ALA A 69 34.14 -28.49 -12.47
C ALA A 69 34.01 -28.27 -10.98
N ILE A 70 32.91 -28.79 -10.37
CA ILE A 70 32.59 -28.69 -8.96
C ILE A 70 33.69 -29.31 -8.12
N ALA A 71 34.15 -30.52 -8.51
CA ALA A 71 35.20 -31.25 -7.83
C ALA A 71 36.47 -30.47 -7.81
N SER A 72 36.81 -29.83 -8.95
CA SER A 72 38.01 -29.08 -9.07
C SER A 72 37.97 -27.71 -8.44
N VAL A 73 36.77 -27.10 -8.20
CA VAL A 73 36.74 -25.76 -7.63
C VAL A 73 36.09 -25.47 -6.31
N VAL A 74 34.94 -26.11 -5.96
CA VAL A 74 34.25 -25.76 -4.74
C VAL A 74 34.61 -26.46 -3.46
N GLU A 75 35.61 -27.36 -3.44
CA GLU A 75 35.94 -28.05 -2.22
C GLU A 75 37.32 -27.69 -1.77
N VAL A 76 37.52 -27.76 -0.43
CA VAL A 76 38.78 -27.47 0.24
C VAL A 76 39.84 -28.39 -0.36
N ASP A 77 39.49 -29.69 -0.49
CA ASP A 77 40.34 -30.70 -1.08
C ASP A 77 39.43 -31.42 -2.02
N ALA A 78 39.89 -31.64 -3.28
CA ALA A 78 39.10 -32.29 -4.29
C ALA A 78 38.79 -33.72 -4.00
N GLN A 79 37.48 -34.05 -4.05
CA GLN A 79 37.01 -35.38 -3.82
C GLN A 79 36.66 -36.06 -5.10
N ARG A 80 36.64 -37.42 -5.06
CA ARG A 80 36.29 -38.17 -6.24
C ARG A 80 34.80 -38.21 -6.35
N LEU A 81 34.29 -37.41 -7.31
CA LEU A 81 32.90 -37.28 -7.63
C LEU A 81 32.59 -38.14 -8.81
N ALA A 82 33.36 -37.97 -9.91
CA ALA A 82 33.19 -38.66 -11.15
C ALA A 82 33.23 -40.16 -10.99
N GLN A 83 34.08 -40.66 -10.08
CA GLN A 83 34.24 -42.08 -9.82
C GLN A 83 32.97 -42.68 -9.25
N MET A 84 32.20 -41.89 -8.46
CA MET A 84 30.98 -42.31 -7.82
C MET A 84 29.84 -42.42 -8.82
N LEU A 85 29.83 -41.53 -9.84
CA LEU A 85 28.82 -41.45 -10.87
C LEU A 85 28.69 -42.59 -11.83
N PRO A 86 27.50 -43.21 -11.96
CA PRO A 86 27.28 -44.22 -12.96
C PRO A 86 27.08 -43.49 -14.29
N PRO A 87 27.66 -43.90 -15.41
CA PRO A 87 27.50 -43.21 -16.67
C PRO A 87 26.20 -43.59 -17.33
N ALA A 88 26.17 -44.66 -18.16
CA ALA A 88 24.94 -45.37 -18.43
C ALA A 88 24.63 -46.23 -17.22
N GLY A 89 25.69 -46.76 -16.55
CA GLY A 89 25.57 -47.63 -15.39
C GLY A 89 25.23 -49.00 -15.88
N VAL A 90 25.06 -49.96 -14.93
CA VAL A 90 24.72 -51.31 -15.30
C VAL A 90 23.56 -51.81 -14.46
N GLY A 91 22.49 -52.33 -15.12
CA GLY A 91 21.31 -52.91 -14.45
C GLY A 91 20.61 -51.91 -13.57
N MET A 92 20.61 -50.62 -13.99
CA MET A 92 20.06 -49.57 -13.19
C MET A 92 18.59 -49.59 -12.93
N GLN A 93 18.26 -49.53 -11.62
CA GLN A 93 16.89 -49.46 -11.17
C GLN A 93 16.30 -48.14 -11.60
N HIS A 94 15.09 -48.21 -12.18
CA HIS A 94 14.37 -47.04 -12.64
C HIS A 94 13.43 -46.53 -11.57
N GLU A 95 12.92 -47.49 -10.78
CA GLU A 95 12.01 -47.44 -9.67
C GLU A 95 12.74 -47.06 -8.38
N PRO A 96 12.09 -46.87 -7.20
CA PRO A 96 12.79 -46.54 -5.97
C PRO A 96 13.90 -47.47 -5.59
N ILE A 97 14.98 -46.88 -5.08
CA ILE A 97 16.20 -47.56 -4.72
C ILE A 97 15.97 -48.13 -3.35
N ARG A 98 16.24 -49.44 -3.23
CA ARG A 98 16.10 -50.22 -2.04
C ARG A 98 17.37 -50.08 -1.23
N LEU A 99 17.32 -50.28 0.11
CA LEU A 99 18.52 -50.17 0.95
C LEU A 99 18.60 -51.17 2.06
N CYS A 100 19.80 -51.21 2.71
CA CYS A 100 20.07 -52.07 3.82
C CYS A 100 20.13 -51.18 5.04
N GLY A 101 19.24 -51.49 6.00
CA GLY A 101 19.10 -50.76 7.23
C GLY A 101 20.30 -50.87 8.10
N ALA A 102 20.92 -52.07 8.10
CA ALA A 102 22.09 -52.31 8.90
C ALA A 102 23.22 -51.48 8.38
N CYS A 103 23.36 -51.38 7.03
CA CYS A 103 24.39 -50.60 6.41
C CYS A 103 24.24 -49.15 6.71
N TYR A 104 23.01 -48.55 6.62
CA TYR A 104 22.83 -47.13 6.89
C TYR A 104 23.25 -46.80 8.30
N ALA A 105 22.76 -47.60 9.27
CA ALA A 105 23.00 -47.37 10.66
C ALA A 105 24.41 -47.58 11.09
N GLU A 106 25.11 -48.59 10.53
CA GLU A 106 26.46 -48.86 10.94
C GLU A 106 27.44 -47.92 10.31
N SER A 107 27.27 -47.63 9.01
CA SER A 107 28.13 -46.71 8.32
C SER A 107 27.12 -45.84 7.65
N PRO A 108 26.95 -44.59 8.04
CA PRO A 108 25.98 -43.68 7.45
C PRO A 108 26.34 -43.30 6.03
N CYS A 109 26.16 -44.28 5.12
CA CYS A 109 26.46 -44.22 3.73
C CYS A 109 25.62 -45.24 3.01
N HIS A 110 25.33 -44.98 1.71
CA HIS A 110 24.57 -45.84 0.85
C HIS A 110 25.58 -46.43 -0.12
N ARG A 111 25.45 -47.75 -0.41
CA ARG A 111 26.30 -48.40 -1.37
C ARG A 111 25.77 -48.28 -2.76
N ILE A 112 26.68 -48.15 -3.76
CA ILE A 112 26.35 -48.06 -5.17
C ILE A 112 25.62 -49.29 -5.63
N GLU A 113 25.88 -50.44 -4.96
CA GLU A 113 25.31 -51.72 -5.28
C GLU A 113 23.82 -51.75 -5.20
N TRP A 114 23.21 -50.92 -4.30
CA TRP A 114 21.78 -50.94 -4.13
C TRP A 114 21.04 -50.43 -5.36
N GLN A 115 21.73 -49.68 -6.25
CA GLN A 115 21.15 -49.13 -7.44
C GLN A 115 21.02 -50.13 -8.55
N TYR A 116 21.59 -51.34 -8.40
CA TYR A 116 21.52 -52.31 -9.46
C TYR A 116 20.93 -53.64 -9.15
N LYS A 117 20.05 -54.04 -10.10
CA LYS A 117 19.34 -55.28 -10.09
C LYS A 117 20.31 -56.42 -10.18
N SER A 118 19.97 -57.52 -9.48
CA SER A 118 20.68 -58.76 -9.32
C SER A 118 21.08 -58.81 -7.88
N VAL A 119 21.50 -57.63 -7.30
CA VAL A 119 21.89 -57.57 -5.92
C VAL A 119 20.62 -57.32 -5.13
N TRP A 120 20.02 -58.43 -4.64
CA TRP A 120 18.81 -58.32 -3.86
C TRP A 120 19.02 -58.53 -2.39
N LYS A 121 20.19 -59.09 -2.01
CA LYS A 121 20.55 -59.32 -0.63
C LYS A 121 21.80 -58.53 -0.38
N CYS A 122 21.93 -58.00 0.85
CA CYS A 122 23.10 -57.28 1.29
C CYS A 122 24.18 -58.32 1.39
N ASP A 123 25.33 -58.07 0.73
CA ASP A 123 26.41 -59.02 0.72
C ASP A 123 27.15 -59.09 2.02
N ARG A 124 27.03 -58.05 2.86
CA ARG A 124 27.74 -58.01 4.11
C ARG A 124 26.91 -58.56 5.25
N HIS A 125 25.58 -58.32 5.23
CA HIS A 125 24.74 -58.80 6.32
C HIS A 125 23.90 -60.00 5.98
N GLN A 126 23.90 -60.42 4.69
CA GLN A 126 23.15 -61.53 4.15
C GLN A 126 21.68 -61.53 4.45
N LEU A 127 21.07 -60.34 4.40
CA LEU A 127 19.66 -60.12 4.63
C LEU A 127 19.14 -59.44 3.40
N LYS A 128 17.84 -59.65 3.09
CA LYS A 128 17.21 -59.04 1.94
C LYS A 128 17.13 -57.55 2.12
N ILE A 129 17.39 -56.84 1.01
CA ILE A 129 17.36 -55.41 0.91
C ILE A 129 15.89 -55.01 0.96
N LEU A 130 15.55 -53.90 1.66
CA LEU A 130 14.18 -53.50 1.77
C LEU A 130 13.83 -52.24 1.04
N ALA A 131 12.61 -52.28 0.46
CA ALA A 131 12.05 -51.21 -0.33
C ALA A 131 10.99 -50.41 0.37
N LYS A 132 10.27 -51.00 1.36
CA LYS A 132 9.20 -50.29 2.03
C LYS A 132 9.28 -50.48 3.50
N CYS A 133 8.85 -49.44 4.25
CA CYS A 133 8.84 -49.45 5.69
C CYS A 133 7.78 -50.41 6.17
N PRO A 134 8.10 -51.35 7.07
CA PRO A 134 7.16 -52.33 7.58
C PRO A 134 6.02 -51.73 8.35
N ASN A 135 4.81 -52.33 8.21
CA ASN A 135 3.56 -51.85 8.75
C ASN A 135 3.06 -50.59 8.09
N CYS A 136 3.90 -49.54 8.01
CA CYS A 136 3.58 -48.27 7.42
C CYS A 136 3.29 -48.42 5.94
N GLN A 137 4.09 -49.31 5.29
CA GLN A 137 4.05 -49.66 3.89
C GLN A 137 4.26 -48.49 2.97
N ALA A 138 5.07 -47.51 3.47
CA ALA A 138 5.42 -46.33 2.76
C ALA A 138 6.77 -46.65 2.17
N PRO A 139 6.95 -46.53 0.86
CA PRO A 139 8.20 -46.83 0.20
C PRO A 139 9.29 -45.90 0.64
N PHE A 140 10.47 -46.50 0.89
CA PHE A 140 11.50 -45.84 1.60
C PHE A 140 12.66 -45.79 0.66
N LYS A 141 12.99 -44.56 0.21
CA LYS A 141 14.09 -44.35 -0.70
C LYS A 141 15.01 -43.43 0.02
N MET A 142 16.20 -43.94 0.43
CA MET A 142 17.18 -43.15 1.15
C MET A 142 17.62 -41.90 0.41
N PRO A 143 17.73 -41.81 -0.92
CA PRO A 143 18.12 -40.57 -1.55
C PRO A 143 17.13 -39.44 -1.32
N ALA A 144 15.83 -39.76 -1.17
CA ALA A 144 14.84 -38.75 -0.89
C ALA A 144 14.58 -38.57 0.58
N LEU A 145 14.63 -39.67 1.36
CA LEU A 145 14.30 -39.69 2.76
C LEU A 145 15.44 -39.68 3.74
N TRP A 146 16.70 -39.56 3.26
CA TRP A 146 17.95 -39.51 3.99
C TRP A 146 18.55 -40.81 4.48
N GLU A 147 19.85 -40.73 4.89
CA GLU A 147 20.69 -41.82 5.35
C GLU A 147 20.46 -42.21 6.78
N ASP A 148 19.57 -41.48 7.48
CA ASP A 148 19.26 -41.70 8.87
C ASP A 148 18.33 -42.85 9.01
N GLY A 149 17.71 -43.32 7.89
CA GLY A 149 16.83 -44.45 7.88
C GLY A 149 15.55 -44.27 8.62
N CYS A 150 15.01 -43.04 8.66
CA CYS A 150 13.78 -42.78 9.35
C CYS A 150 12.71 -42.56 8.31
N CYS A 151 11.56 -43.27 8.43
CA CYS A 151 10.46 -43.17 7.52
C CYS A 151 9.82 -41.81 7.53
N HIS A 152 9.51 -41.29 6.32
CA HIS A 152 8.94 -39.99 6.12
C HIS A 152 7.55 -39.80 6.66
N ARG A 153 6.63 -40.77 6.44
CA ARG A 153 5.26 -40.59 6.86
C ARG A 153 5.10 -40.84 8.33
N CYS A 154 5.56 -42.00 8.79
CA CYS A 154 5.53 -42.34 10.18
C CYS A 154 6.98 -42.26 10.42
N ARG A 155 7.43 -41.40 11.37
CA ARG A 155 8.83 -41.21 11.65
C ARG A 155 9.39 -42.31 12.53
N MET A 156 9.20 -43.57 12.08
CA MET A 156 9.67 -44.74 12.73
C MET A 156 10.94 -45.17 12.03
N PRO A 157 11.99 -45.55 12.77
CA PRO A 157 13.22 -46.04 12.20
C PRO A 157 12.95 -47.32 11.46
N PHE A 158 13.56 -47.47 10.28
CA PHE A 158 13.30 -48.52 9.34
C PHE A 158 13.90 -49.76 9.95
N ALA A 159 13.16 -50.88 9.82
CA ALA A 159 13.56 -52.14 10.38
C ALA A 159 13.65 -53.15 9.28
N GLU A 160 14.49 -54.19 9.53
CA GLU A 160 14.73 -55.24 8.58
C GLU A 160 13.77 -56.38 8.82
N TRP B 10 -13.55 -39.97 -1.98
CA TRP B 10 -14.65 -40.87 -2.15
C TRP B 10 -15.47 -40.40 -3.29
N LEU B 11 -15.64 -41.32 -4.27
CA LEU B 11 -16.35 -41.10 -5.48
C LEU B 11 -17.70 -41.75 -5.42
N PHE B 12 -18.65 -41.08 -6.12
CA PHE B 12 -19.99 -41.53 -6.27
C PHE B 12 -20.05 -42.32 -7.53
N LEU B 13 -20.64 -43.53 -7.42
CA LEU B 13 -20.80 -44.45 -8.50
C LEU B 13 -21.76 -44.02 -9.56
N ILE B 14 -21.30 -44.15 -10.82
CA ILE B 14 -22.04 -43.84 -12.01
C ILE B 14 -22.97 -44.99 -12.32
N LYS B 15 -23.98 -44.76 -13.19
CA LYS B 15 -24.91 -45.81 -13.58
C LYS B 15 -24.12 -46.80 -14.40
N PRO B 16 -24.02 -48.07 -14.00
CA PRO B 16 -23.26 -49.04 -14.73
C PRO B 16 -23.93 -49.43 -16.04
N TYR B 17 -23.10 -49.59 -17.08
CA TYR B 17 -23.49 -50.31 -18.27
C TYR B 17 -22.39 -51.29 -18.51
N GLU B 18 -22.75 -52.55 -18.79
CA GLU B 18 -21.81 -53.62 -19.01
C GLU B 18 -21.02 -53.50 -20.28
N GLY B 19 -21.52 -52.73 -21.27
CA GLY B 19 -20.83 -52.55 -22.53
C GLY B 19 -19.93 -51.34 -22.56
N GLU B 20 -19.82 -50.58 -21.44
CA GLU B 20 -19.00 -49.39 -21.38
C GLU B 20 -17.53 -49.62 -21.36
N SER B 21 -16.79 -48.78 -22.14
CA SER B 21 -15.35 -48.82 -22.16
C SER B 21 -14.85 -48.32 -20.83
N LEU B 22 -13.64 -48.78 -20.41
CA LEU B 22 -13.02 -48.37 -19.17
C LEU B 22 -12.77 -46.88 -19.18
N SER B 23 -12.37 -46.35 -20.36
CA SER B 23 -12.08 -44.96 -20.56
C SER B 23 -13.30 -44.12 -20.29
N HIS B 24 -14.47 -44.54 -20.85
CA HIS B 24 -15.70 -43.83 -20.64
C HIS B 24 -16.11 -43.86 -19.21
N PHE B 25 -15.94 -45.02 -18.54
CA PHE B 25 -16.35 -45.25 -17.19
C PHE B 25 -15.65 -44.23 -16.30
N LEU B 26 -14.31 -44.04 -16.50
CA LEU B 26 -13.56 -43.09 -15.72
C LEU B 26 -13.94 -41.66 -16.03
N GLY B 27 -14.29 -41.38 -17.31
CA GLY B 27 -14.70 -40.05 -17.72
C GLY B 27 -15.99 -39.67 -17.07
N ARG B 28 -16.94 -40.64 -16.96
CA ARG B 28 -18.22 -40.38 -16.35
C ARG B 28 -18.03 -40.22 -14.86
N PHE B 29 -17.05 -40.94 -14.23
CA PHE B 29 -16.77 -40.76 -12.80
C PHE B 29 -16.37 -39.33 -12.57
N ARG B 30 -15.47 -38.78 -13.42
CA ARG B 30 -15.12 -37.38 -13.26
C ARG B 30 -16.19 -36.40 -13.46
N ARG B 31 -17.03 -36.58 -14.51
CA ARG B 31 -18.12 -35.69 -14.74
C ARG B 31 -19.06 -35.64 -13.55
N ALA B 32 -19.49 -36.83 -13.06
CA ALA B 32 -20.39 -36.93 -11.93
C ALA B 32 -19.83 -36.40 -10.64
N ASN B 33 -18.50 -36.52 -10.44
CA ASN B 33 -17.81 -36.10 -9.23
C ASN B 33 -17.17 -34.72 -9.28
N HIS B 34 -17.55 -33.91 -10.31
CA HIS B 34 -17.14 -32.55 -10.60
C HIS B 34 -15.71 -32.17 -10.88
N LEU B 35 -14.98 -33.00 -11.64
CA LEU B 35 -13.62 -32.70 -12.06
C LEU B 35 -13.41 -33.14 -13.50
N SER B 36 -12.20 -32.86 -14.08
CA SER B 36 -11.82 -33.27 -15.43
C SER B 36 -11.28 -34.70 -15.41
N ALA B 37 -11.27 -35.43 -16.58
CA ALA B 37 -10.79 -36.81 -16.68
C ALA B 37 -9.32 -36.92 -16.38
N SER B 38 -8.51 -35.98 -16.90
CA SER B 38 -7.08 -35.92 -16.70
C SER B 38 -6.80 -35.58 -15.25
N GLY B 39 -7.66 -34.72 -14.66
CA GLY B 39 -7.61 -34.30 -13.29
C GLY B 39 -7.92 -35.49 -12.42
N LEU B 40 -8.86 -36.39 -12.84
CA LEU B 40 -9.22 -37.59 -12.09
C LEU B 40 -8.05 -38.50 -12.04
N GLY B 41 -7.36 -38.70 -13.19
CA GLY B 41 -6.25 -39.59 -13.25
C GLY B 41 -5.11 -39.16 -12.38
N THR B 42 -4.83 -37.83 -12.38
CA THR B 42 -3.75 -37.29 -11.59
C THR B 42 -4.09 -37.43 -10.11
N LEU B 43 -5.36 -37.14 -9.73
CA LEU B 43 -5.83 -37.23 -8.37
C LEU B 43 -5.85 -38.64 -7.86
N ALA B 44 -6.18 -39.61 -8.74
CA ALA B 44 -6.26 -41.00 -8.42
C ALA B 44 -4.87 -41.50 -8.13
N GLY B 45 -3.88 -41.05 -8.92
CA GLY B 45 -2.51 -41.41 -8.75
C GLY B 45 -1.97 -40.88 -7.45
N ILE B 46 -2.38 -39.66 -7.04
CA ILE B 46 -1.95 -39.04 -5.81
C ILE B 46 -2.54 -39.80 -4.63
N GLY B 47 -3.80 -40.28 -4.76
CA GLY B 47 -4.43 -41.01 -3.70
C GLY B 47 -3.79 -42.37 -3.49
N ALA B 48 -3.48 -43.07 -4.60
CA ALA B 48 -2.91 -44.39 -4.56
C ALA B 48 -1.46 -44.52 -4.23
N ILE B 49 -0.62 -43.60 -4.77
CA ILE B 49 0.83 -43.54 -4.63
C ILE B 49 1.56 -44.83 -4.99
N VAL B 50 1.05 -45.50 -6.05
CA VAL B 50 1.59 -46.73 -6.60
C VAL B 50 2.82 -46.42 -7.45
N ALA B 51 2.82 -45.25 -8.15
CA ALA B 51 3.81 -44.67 -9.05
C ALA B 51 3.80 -45.16 -10.48
N ARG B 52 2.99 -46.20 -10.80
CA ARG B 52 2.91 -46.70 -12.15
C ARG B 52 1.59 -46.32 -12.80
N TRP B 53 0.70 -45.61 -12.07
CA TRP B 53 -0.60 -45.20 -12.56
C TRP B 53 -0.50 -44.16 -13.64
N GLU B 54 -1.17 -44.47 -14.76
CA GLU B 54 -1.20 -43.63 -15.92
C GLU B 54 -2.30 -42.62 -15.95
N ARG B 55 -2.04 -41.52 -16.68
CA ARG B 55 -3.02 -40.49 -16.87
C ARG B 55 -3.92 -40.86 -18.04
N PHE B 56 -3.34 -41.30 -19.20
CA PHE B 56 -4.08 -41.70 -20.39
C PHE B 56 -3.99 -43.12 -20.86
N HIS B 57 -2.94 -43.92 -20.51
CA HIS B 57 -2.91 -45.31 -20.92
C HIS B 57 -3.79 -45.93 -19.88
N PHE B 58 -4.99 -46.33 -20.31
CA PHE B 58 -5.97 -46.86 -19.42
C PHE B 58 -5.85 -48.27 -18.99
N ASN B 59 -5.21 -49.17 -19.79
CA ASN B 59 -5.25 -50.57 -19.38
C ASN B 59 -3.90 -51.30 -19.09
N PRO B 60 -3.11 -50.98 -18.04
CA PRO B 60 -1.87 -51.69 -17.69
C PRO B 60 -2.12 -52.90 -16.79
N ARG B 61 -1.18 -53.88 -16.76
CA ARG B 61 -1.26 -55.05 -15.91
C ARG B 61 -1.11 -54.77 -14.42
N PRO B 62 -0.15 -54.02 -13.85
CA PRO B 62 -0.08 -53.72 -12.43
C PRO B 62 -1.17 -52.76 -12.04
N SER B 63 -1.70 -52.02 -13.05
CA SER B 63 -2.84 -51.21 -12.86
C SER B 63 -4.09 -52.02 -12.64
N GLN B 64 -4.10 -53.34 -12.99
CA GLN B 64 -5.27 -54.15 -12.72
C GLN B 64 -5.38 -54.30 -11.22
N GLN B 65 -4.23 -54.44 -10.51
CA GLN B 65 -4.17 -54.54 -9.07
C GLN B 65 -4.66 -53.25 -8.46
N GLU B 66 -4.28 -52.12 -9.09
CA GLU B 66 -4.65 -50.80 -8.65
C GLU B 66 -6.14 -50.61 -8.76
N LEU B 67 -6.73 -51.03 -9.90
CA LEU B 67 -8.15 -50.93 -10.16
C LEU B 67 -8.96 -51.71 -9.21
N GLU B 68 -8.49 -52.94 -8.86
CA GLU B 68 -9.16 -53.78 -7.88
C GLU B 68 -9.22 -53.06 -6.56
N ALA B 69 -8.09 -52.46 -6.13
CA ALA B 69 -7.99 -51.72 -4.89
C ALA B 69 -8.93 -50.55 -4.88
N ILE B 70 -8.95 -49.73 -5.97
CA ILE B 70 -9.78 -48.56 -6.15
C ILE B 70 -11.24 -48.93 -6.06
N ALA B 71 -11.64 -50.02 -6.75
CA ALA B 71 -13.00 -50.50 -6.79
C ALA B 71 -13.47 -50.87 -5.41
N SER B 72 -12.58 -51.54 -4.64
CA SER B 72 -12.91 -51.99 -3.32
C SER B 72 -12.86 -50.91 -2.26
N VAL B 73 -12.14 -49.77 -2.47
CA VAL B 73 -12.07 -48.77 -1.43
C VAL B 73 -12.58 -47.37 -1.64
N VAL B 74 -12.41 -46.75 -2.84
CA VAL B 74 -12.81 -45.37 -3.01
C VAL B 74 -14.21 -45.04 -3.45
N GLU B 75 -15.11 -46.04 -3.60
CA GLU B 75 -16.45 -45.72 -4.03
C GLU B 75 -17.43 -46.07 -2.97
N VAL B 76 -18.57 -45.32 -2.97
CA VAL B 76 -19.68 -45.49 -2.05
C VAL B 76 -20.16 -46.92 -2.15
N ASP B 77 -20.34 -47.41 -3.41
CA ASP B 77 -20.74 -48.77 -3.70
C ASP B 77 -19.77 -49.19 -4.78
N ALA B 78 -19.18 -50.41 -4.62
CA ALA B 78 -18.21 -50.91 -5.55
C ALA B 78 -18.77 -51.19 -6.91
N GLN B 79 -18.10 -50.60 -7.93
CA GLN B 79 -18.47 -50.78 -9.30
C GLN B 79 -17.57 -51.75 -10.00
N ARG B 80 -18.07 -52.33 -11.11
CA ARG B 80 -17.27 -53.26 -11.86
C ARG B 80 -16.35 -52.49 -12.75
N LEU B 81 -15.07 -52.46 -12.35
CA LEU B 81 -14.00 -51.79 -13.03
C LEU B 81 -13.24 -52.79 -13.84
N ALA B 82 -12.81 -53.90 -13.19
CA ALA B 82 -12.03 -54.96 -13.80
C ALA B 82 -12.70 -55.55 -15.01
N GLN B 83 -14.05 -55.68 -14.97
CA GLN B 83 -14.83 -56.24 -16.05
C GLN B 83 -14.75 -55.39 -17.30
N MET B 84 -14.62 -54.06 -17.13
CA MET B 84 -14.55 -53.11 -18.22
C MET B 84 -13.21 -53.15 -18.92
N LEU B 85 -12.12 -53.42 -18.15
CA LEU B 85 -10.74 -53.47 -18.61
C LEU B 85 -10.38 -54.57 -19.57
N PRO B 86 -9.82 -54.25 -20.74
CA PRO B 86 -9.31 -55.25 -21.65
C PRO B 86 -7.96 -55.67 -21.11
N PRO B 87 -7.60 -56.96 -21.05
CA PRO B 87 -6.32 -57.39 -20.51
C PRO B 87 -5.23 -57.24 -21.54
N ALA B 88 -4.97 -58.28 -22.39
CA ALA B 88 -4.33 -58.05 -23.65
C ALA B 88 -5.35 -57.47 -24.59
N GLY B 89 -6.64 -57.88 -24.45
CA GLY B 89 -7.74 -57.43 -25.28
C GLY B 89 -7.69 -58.18 -26.59
N VAL B 90 -8.64 -57.90 -27.51
CA VAL B 90 -8.64 -58.56 -28.79
C VAL B 90 -8.79 -57.54 -29.90
N GLY B 91 -7.88 -57.60 -30.92
CA GLY B 91 -7.90 -56.74 -32.09
C GLY B 91 -7.81 -55.28 -31.74
N MET B 92 -7.04 -54.96 -30.66
CA MET B 92 -6.95 -53.62 -30.17
C MET B 92 -6.31 -52.59 -31.04
N GLN B 93 -7.08 -51.49 -31.26
CA GLN B 93 -6.61 -50.37 -32.02
C GLN B 93 -5.48 -49.71 -31.26
N HIS B 94 -4.39 -49.41 -31.99
CA HIS B 94 -3.22 -48.76 -31.43
C HIS B 94 -3.30 -47.27 -31.61
N GLU B 95 -3.96 -46.88 -32.73
CA GLU B 95 -4.24 -45.57 -33.27
C GLU B 95 -5.48 -44.97 -32.60
N PRO B 96 -5.91 -43.72 -32.89
CA PRO B 96 -7.09 -43.15 -32.28
C PRO B 96 -8.34 -43.98 -32.43
N ILE B 97 -9.13 -43.99 -31.34
CA ILE B 97 -10.33 -44.79 -31.20
C ILE B 97 -11.42 -44.00 -31.87
N ARG B 98 -12.13 -44.68 -32.79
CA ARG B 98 -13.21 -44.15 -33.58
C ARG B 98 -14.48 -44.29 -32.76
N LEU B 99 -15.52 -43.46 -33.02
CA LEU B 99 -16.78 -43.55 -32.28
C LEU B 99 -18.01 -43.32 -33.11
N CYS B 100 -19.18 -43.60 -32.48
CA CYS B 100 -20.48 -43.41 -33.08
C CYS B 100 -21.09 -42.23 -32.39
N GLY B 101 -21.42 -41.20 -33.21
CA GLY B 101 -21.99 -39.97 -32.76
C GLY B 101 -23.36 -40.15 -32.19
N ALA B 102 -24.13 -41.05 -32.81
CA ALA B 102 -25.47 -41.33 -32.38
C ALA B 102 -25.43 -41.95 -31.02
N CYS B 103 -24.48 -42.88 -30.78
CA CYS B 103 -24.32 -43.54 -29.52
C CYS B 103 -23.94 -42.59 -28.44
N TYR B 104 -22.97 -41.65 -28.66
CA TYR B 104 -22.57 -40.71 -27.62
C TYR B 104 -23.73 -39.86 -27.18
N ALA B 105 -24.45 -39.30 -28.17
CA ALA B 105 -25.54 -38.41 -27.92
C ALA B 105 -26.73 -39.05 -27.29
N GLU B 106 -27.07 -40.29 -27.68
CA GLU B 106 -28.25 -40.93 -27.16
C GLU B 106 -27.99 -41.49 -25.79
N SER B 107 -26.83 -42.13 -25.58
CA SER B 107 -26.48 -42.67 -24.29
C SER B 107 -25.11 -42.14 -24.13
N PRO B 108 -24.84 -41.19 -23.23
CA PRO B 108 -23.54 -40.61 -23.02
C PRO B 108 -22.56 -41.59 -22.44
N CYS B 109 -22.13 -42.55 -23.30
CA CYS B 109 -21.23 -43.61 -23.00
C CYS B 109 -20.59 -44.07 -24.28
N HIS B 110 -19.37 -44.65 -24.15
CA HIS B 110 -18.61 -45.18 -25.26
C HIS B 110 -18.67 -46.68 -25.10
N ARG B 111 -18.85 -47.41 -26.23
CA ARG B 111 -18.85 -48.85 -26.21
C ARG B 111 -17.47 -49.41 -26.36
N ILE B 112 -17.20 -50.55 -25.68
CA ILE B 112 -15.93 -51.26 -25.70
C ILE B 112 -15.62 -51.70 -27.12
N GLU B 113 -16.67 -51.93 -27.94
CA GLU B 113 -16.56 -52.41 -29.30
C GLU B 113 -15.79 -51.49 -30.19
N TRP B 114 -15.81 -50.15 -29.91
CA TRP B 114 -15.14 -49.22 -30.76
C TRP B 114 -13.63 -49.35 -30.71
N GLN B 115 -13.10 -50.02 -29.65
CA GLN B 115 -11.68 -50.21 -29.48
C GLN B 115 -11.12 -51.35 -30.30
N TYR B 116 -12.00 -52.13 -30.98
CA TYR B 116 -11.52 -53.23 -31.76
C TYR B 116 -11.89 -53.30 -33.18
N LYS B 117 -10.83 -53.61 -33.98
CA LYS B 117 -10.87 -53.76 -35.40
C LYS B 117 -11.76 -54.91 -35.75
N SER B 118 -12.47 -54.74 -36.89
CA SER B 118 -13.45 -55.62 -37.50
C SER B 118 -14.76 -54.91 -37.37
N VAL B 119 -15.00 -54.23 -36.22
CA VAL B 119 -16.24 -53.51 -36.00
C VAL B 119 -16.00 -52.14 -36.58
N TRP B 120 -16.43 -51.95 -37.85
CA TRP B 120 -16.27 -50.67 -38.50
C TRP B 120 -17.56 -49.92 -38.63
N LYS B 121 -18.71 -50.60 -38.44
CA LYS B 121 -20.01 -50.00 -38.48
C LYS B 121 -20.63 -50.20 -37.13
N CYS B 122 -21.43 -49.22 -36.68
CA CYS B 122 -22.17 -49.27 -35.45
C CYS B 122 -23.23 -50.31 -35.66
N ASP B 123 -23.30 -51.31 -34.77
CA ASP B 123 -24.24 -52.39 -34.92
C ASP B 123 -25.66 -51.99 -34.61
N ARG B 124 -25.84 -50.88 -33.88
CA ARG B 124 -27.15 -50.45 -33.50
C ARG B 124 -27.73 -49.45 -34.48
N HIS B 125 -26.88 -48.57 -35.06
CA HIS B 125 -27.37 -47.58 -35.99
C HIS B 125 -27.07 -47.86 -37.44
N GLN B 126 -26.26 -48.91 -37.72
CA GLN B 126 -25.83 -49.34 -39.03
C GLN B 126 -25.21 -48.28 -39.90
N LEU B 127 -24.41 -47.40 -39.26
CA LEU B 127 -23.70 -46.33 -39.92
C LEU B 127 -22.25 -46.54 -39.59
N LYS B 128 -21.36 -46.07 -40.50
CA LYS B 128 -19.94 -46.20 -40.31
C LYS B 128 -19.48 -45.35 -39.16
N ILE B 129 -18.56 -45.92 -38.37
CA ILE B 129 -17.96 -45.30 -37.21
C ILE B 129 -17.02 -44.23 -37.75
N LEU B 130 -16.96 -43.05 -37.07
CA LEU B 130 -16.11 -41.98 -37.54
C LEU B 130 -14.93 -41.69 -36.69
N ALA B 131 -13.82 -41.39 -37.40
CA ALA B 131 -12.54 -41.09 -36.81
C ALA B 131 -12.16 -39.64 -36.80
N LYS B 132 -12.70 -38.82 -37.74
CA LYS B 132 -12.33 -37.42 -37.83
C LYS B 132 -13.55 -36.58 -38.02
N CYS B 133 -13.49 -35.34 -37.45
CA CYS B 133 -14.56 -34.38 -37.54
C CYS B 133 -14.65 -33.89 -38.96
N PRO B 134 -15.83 -33.90 -39.59
CA PRO B 134 -16.03 -33.46 -40.96
C PRO B 134 -15.74 -31.99 -41.17
N ASN B 135 -15.16 -31.65 -42.34
CA ASN B 135 -14.68 -30.34 -42.71
C ASN B 135 -13.46 -29.91 -41.94
N CYS B 136 -13.51 -29.98 -40.59
CA CYS B 136 -12.43 -29.60 -39.71
C CYS B 136 -11.23 -30.49 -39.92
N GLN B 137 -11.50 -31.80 -40.16
CA GLN B 137 -10.57 -32.88 -40.39
C GLN B 137 -9.59 -33.07 -39.26
N ALA B 138 -10.07 -32.76 -38.04
CA ALA B 138 -9.33 -32.91 -36.82
C ALA B 138 -9.78 -34.23 -36.27
N PRO B 139 -8.86 -35.16 -36.02
CA PRO B 139 -9.18 -36.47 -35.49
C PRO B 139 -9.80 -36.40 -34.13
N PHE B 140 -10.86 -37.19 -33.94
CA PHE B 140 -11.75 -37.01 -32.84
C PHE B 140 -11.68 -38.30 -32.09
N LYS B 141 -11.11 -38.23 -30.87
CA LYS B 141 -10.97 -39.38 -30.03
C LYS B 141 -11.71 -39.02 -28.77
N MET B 142 -12.87 -39.68 -28.53
CA MET B 142 -13.67 -39.42 -27.36
C MET B 142 -12.94 -39.59 -26.05
N PRO B 143 -11.97 -40.51 -25.84
CA PRO B 143 -11.29 -40.58 -24.57
C PRO B 143 -10.49 -39.34 -24.23
N ALA B 144 -9.98 -38.62 -25.25
CA ALA B 144 -9.28 -37.39 -25.03
C ALA B 144 -10.14 -36.17 -25.10
N LEU B 145 -11.14 -36.18 -26.01
CA LEU B 145 -12.00 -35.06 -26.28
C LEU B 145 -13.37 -35.07 -25.67
N TRP B 146 -13.69 -36.08 -24.82
CA TRP B 146 -14.93 -36.30 -24.09
C TRP B 146 -16.10 -36.92 -24.82
N GLU B 147 -17.11 -37.37 -24.03
CA GLU B 147 -18.31 -38.05 -24.45
C GLU B 147 -19.38 -37.14 -24.98
N ASP B 148 -19.14 -35.81 -24.94
CA ASP B 148 -20.07 -34.81 -25.36
C ASP B 148 -20.05 -34.70 -26.85
N GLY B 149 -19.04 -35.30 -27.53
CA GLY B 149 -18.94 -35.32 -28.97
C GLY B 149 -18.69 -33.98 -29.59
N CYS B 150 -17.98 -33.07 -28.89
CA CYS B 150 -17.70 -31.78 -29.44
C CYS B 150 -16.24 -31.75 -29.82
N CYS B 151 -15.95 -31.31 -31.08
CA CYS B 151 -14.59 -31.24 -31.59
C CYS B 151 -13.76 -30.22 -30.85
N HIS B 152 -12.50 -30.61 -30.54
CA HIS B 152 -11.57 -29.82 -29.80
C HIS B 152 -11.11 -28.55 -30.47
N ARG B 153 -10.76 -28.60 -31.78
CA ARG B 153 -10.24 -27.44 -32.46
C ARG B 153 -11.32 -26.48 -32.82
N CYS B 154 -12.35 -26.98 -33.53
CA CYS B 154 -13.47 -26.18 -33.90
C CYS B 154 -14.46 -26.84 -33.00
N ARG B 155 -15.11 -26.07 -32.10
CA ARG B 155 -16.04 -26.62 -31.16
C ARG B 155 -17.40 -26.86 -31.76
N MET B 156 -17.41 -27.63 -32.87
CA MET B 156 -18.58 -28.01 -33.59
C MET B 156 -18.93 -29.41 -33.17
N PRO B 157 -20.21 -29.71 -32.91
CA PRO B 157 -20.66 -31.04 -32.57
C PRO B 157 -20.42 -31.96 -33.74
N PHE B 158 -19.94 -33.17 -33.43
CA PHE B 158 -19.47 -34.13 -34.39
C PHE B 158 -20.70 -34.65 -35.09
N ALA B 159 -20.58 -34.81 -36.42
CA ALA B 159 -21.67 -35.25 -37.24
C ALA B 159 -21.27 -36.49 -37.95
N GLU B 160 -22.30 -37.29 -38.33
CA GLU B 160 -22.10 -38.55 -39.00
C GLU B 160 -22.15 -38.36 -40.49
N GLU C 19 -52.24 5.64 26.78
CA GLU C 19 -52.45 6.66 27.84
C GLU C 19 -52.41 8.06 27.21
N TRP C 20 -53.50 8.83 27.35
CA TRP C 20 -53.61 10.17 26.74
C TRP C 20 -52.45 11.06 27.22
N LEU C 21 -52.16 11.01 28.52
CA LEU C 21 -51.14 11.91 29.13
C LEU C 21 -49.78 11.65 28.46
N GLN C 22 -49.41 10.37 28.31
CA GLN C 22 -48.09 10.01 27.72
C GLN C 22 -48.04 10.39 26.24
N ALA C 23 -49.18 10.26 25.53
CA ALA C 23 -49.22 10.62 24.10
C ALA C 23 -48.92 12.11 23.92
N GLU C 24 -49.46 12.95 24.82
CA GLU C 24 -49.26 14.42 24.76
C GLU C 24 -47.83 14.78 25.18
N ILE C 25 -47.29 14.09 26.19
CA ILE C 25 -45.87 14.33 26.61
C ILE C 25 -44.91 13.92 25.49
N ALA C 26 -45.15 12.76 24.86
CA ALA C 26 -44.28 12.31 23.76
C ALA C 26 -44.32 13.34 22.62
N ARG C 27 -45.47 13.98 22.41
CA ARG C 27 -45.61 15.06 21.40
C ARG C 27 -44.89 16.33 21.86
N LEU C 28 -45.15 16.77 23.10
CA LEU C 28 -44.67 18.09 23.59
C LEU C 28 -43.14 18.11 23.61
N LYS C 29 -42.52 16.97 23.95
CA LYS C 29 -41.04 16.89 24.11
C LYS C 29 -40.37 17.00 22.74
N GLY C 30 -41.17 16.90 21.67
CA GLY C 30 -40.67 16.93 20.28
C GLY C 30 -40.46 18.36 19.79
N LYS C 31 -40.08 18.52 18.52
CA LYS C 31 -39.79 19.87 17.97
C LYS C 31 -40.63 20.08 16.69
N SER C 32 -40.85 21.34 16.33
CA SER C 32 -41.55 21.68 15.05
C SER C 32 -41.08 23.07 14.59
N ILE C 33 -41.40 23.42 13.34
CA ILE C 33 -41.02 24.73 12.74
C ILE C 33 -42.24 25.65 12.72
N VAL C 34 -42.13 26.82 13.36
CA VAL C 34 -43.24 27.82 13.37
C VAL C 34 -42.89 28.95 12.39
N PRO C 35 -43.77 29.30 11.44
CA PRO C 35 -43.50 30.42 10.52
C PRO C 35 -43.31 31.71 11.33
N LEU C 36 -42.27 32.48 10.98
CA LEU C 36 -42.02 33.78 11.65
C LEU C 36 -41.54 34.81 10.61
N GLN C 37 -41.67 36.10 10.94
CA GLN C 37 -41.25 37.19 10.03
C GLN C 37 -39.75 37.07 9.72
N GLN C 38 -38.96 36.68 10.73
CA GLN C 38 -37.48 36.59 10.58
C GLN C 38 -37.11 35.46 9.62
N VAL C 39 -37.90 34.38 9.61
CA VAL C 39 -37.60 33.19 8.76
C VAL C 39 -37.89 33.55 7.30
N LYS C 40 -39.06 34.15 7.04
CA LYS C 40 -39.43 34.57 5.66
C LYS C 40 -38.40 35.56 5.13
N THR C 41 -37.97 36.50 5.97
CA THR C 41 -36.99 37.54 5.58
C THR C 41 -35.70 36.89 5.08
N LEU C 42 -35.20 35.89 5.81
CA LEU C 42 -33.95 35.18 5.44
C LEU C 42 -34.16 34.45 4.10
N HIS C 43 -35.30 33.78 3.94
CA HIS C 43 -35.56 32.94 2.75
C HIS C 43 -35.58 33.80 1.49
N ASP C 44 -36.19 34.99 1.57
CA ASP C 44 -36.27 35.92 0.40
C ASP C 44 -34.88 36.45 0.07
N TRP C 45 -34.10 36.75 1.11
CA TRP C 45 -32.70 37.27 1.01
C TRP C 45 -31.79 36.22 0.37
N LEU C 46 -31.86 34.97 0.85
CA LEU C 46 -31.00 33.88 0.33
C LEU C 46 -31.35 33.64 -1.14
N ASP C 47 -32.65 33.71 -1.46
CA ASP C 47 -33.16 33.52 -2.84
C ASP C 47 -32.49 34.51 -3.80
N GLY C 48 -32.35 35.78 -3.38
CA GLY C 48 -31.61 36.78 -4.17
C GLY C 48 -30.16 36.39 -4.37
N LYS C 49 -29.46 35.99 -3.30
CA LYS C 49 -28.03 35.61 -3.40
C LYS C 49 -27.88 34.37 -4.29
N ARG C 50 -28.86 33.46 -4.24
CA ARG C 50 -28.83 32.22 -5.06
C ARG C 50 -28.86 32.57 -6.55
N LYS C 51 -29.76 33.48 -6.95
CA LYS C 51 -29.93 33.83 -8.39
C LYS C 51 -28.67 34.52 -8.89
N ALA C 52 -28.09 35.39 -8.05
CA ALA C 52 -26.93 36.25 -8.38
C ALA C 52 -25.61 35.47 -8.22
N ARG C 53 -25.70 34.29 -7.61
CA ARG C 53 -24.53 33.44 -7.23
C ARG C 53 -23.57 34.27 -6.38
N LYS C 54 -24.11 34.99 -5.38
CA LYS C 54 -23.33 35.90 -4.50
C LYS C 54 -23.01 35.18 -3.20
N SER C 55 -21.77 35.28 -2.69
CA SER C 55 -21.42 34.63 -1.43
C SER C 55 -21.52 35.65 -0.28
N CYS C 56 -22.25 35.33 0.79
CA CYS C 56 -22.41 36.28 1.90
C CYS C 56 -22.73 35.63 3.25
N ARG C 57 -22.22 36.20 4.35
CA ARG C 57 -22.52 35.68 5.71
C ARG C 57 -23.88 35.97 6.39
N VAL C 58 -24.25 35.09 7.32
CA VAL C 58 -25.46 35.21 8.13
C VAL C 58 -24.95 35.19 9.58
N VAL C 59 -25.10 36.28 10.33
CA VAL C 59 -24.54 36.38 11.70
C VAL C 59 -25.64 36.87 12.64
N GLY C 60 -25.68 36.31 13.85
CA GLY C 60 -26.64 36.72 14.88
C GLY C 60 -26.27 36.11 16.22
N GLU C 61 -27.11 36.32 17.23
CA GLU C 61 -26.84 35.83 18.61
C GLU C 61 -27.32 34.38 18.73
N SER C 62 -26.82 33.66 19.74
CA SER C 62 -27.29 32.28 20.06
C SER C 62 -28.77 32.25 20.45
N ARG C 63 -29.43 31.12 20.13
CA ARG C 63 -30.86 30.82 20.47
C ARG C 63 -31.83 31.79 19.78
N THR C 64 -31.44 32.38 18.64
CA THR C 64 -32.33 33.34 17.93
C THR C 64 -33.07 32.60 16.82
N GLY C 65 -32.64 31.35 16.54
CA GLY C 65 -33.37 30.44 15.63
C GLY C 65 -32.74 30.48 14.25
N LYS C 66 -31.45 30.85 14.19
CA LYS C 66 -30.65 30.85 12.93
C LYS C 66 -30.60 29.45 12.30
N THR C 67 -30.23 28.41 13.03
CA THR C 67 -30.09 27.09 12.34
C THR C 67 -31.43 26.59 11.77
N VAL C 68 -32.53 26.77 12.53
CA VAL C 68 -33.87 26.26 12.14
C VAL C 68 -34.33 26.92 10.84
N ALA C 69 -34.11 28.23 10.69
CA ALA C 69 -34.49 28.94 9.46
C ALA C 69 -33.75 28.34 8.25
N CYS C 70 -32.49 27.94 8.45
CA CYS C 70 -31.69 27.33 7.36
C CYS C 70 -32.28 25.96 6.96
N ASP C 71 -32.68 25.15 7.94
CA ASP C 71 -33.33 23.85 7.66
C ASP C 71 -34.61 24.07 6.84
N ALA C 72 -35.43 25.05 7.24
CA ALA C 72 -36.71 25.34 6.56
C ALA C 72 -36.47 25.68 5.08
N TYR C 73 -35.40 26.44 4.82
CA TYR C 73 -35.01 26.83 3.44
C TYR C 73 -34.71 25.61 2.57
N ARG C 74 -33.93 24.65 3.10
CA ARG C 74 -33.62 23.40 2.38
C ARG C 74 -34.92 22.69 1.99
N TYR C 75 -35.92 22.68 2.86
CA TYR C 75 -37.17 22.00 2.55
C TYR C 75 -38.04 22.78 1.56
N ARG C 76 -37.83 24.09 1.48
CA ARG C 76 -38.60 24.92 0.55
C ARG C 76 -38.32 24.48 -0.88
N HIS C 77 -37.06 24.21 -1.19
CA HIS C 77 -36.69 23.75 -2.52
C HIS C 77 -36.09 22.35 -2.37
N LYS C 78 -36.93 21.33 -2.55
CA LYS C 78 -36.49 19.95 -2.38
C LYS C 78 -35.78 19.40 -3.61
N PRO C 79 -34.94 18.32 -3.40
CA PRO C 79 -34.30 17.75 -4.59
C PRO C 79 -35.32 17.20 -5.59
N GLN C 80 -35.00 17.22 -6.88
CA GLN C 80 -35.93 16.71 -7.90
C GLN C 80 -35.44 15.37 -8.49
N GLN C 81 -36.31 14.35 -8.54
CA GLN C 81 -35.93 13.03 -9.05
C GLN C 81 -36.64 12.58 -10.34
N GLU C 82 -37.26 13.51 -11.07
CA GLU C 82 -38.00 13.21 -12.31
C GLU C 82 -37.33 12.20 -13.26
N ALA C 83 -36.04 12.38 -13.52
CA ALA C 83 -35.27 11.49 -14.38
C ALA C 83 -34.49 10.38 -13.68
N GLY C 84 -34.03 9.41 -14.46
CA GLY C 84 -33.25 8.27 -13.93
C GLY C 84 -31.81 8.67 -13.65
N ARG C 85 -31.48 9.93 -13.95
CA ARG C 85 -30.12 10.51 -13.73
C ARG C 85 -29.95 10.89 -12.25
N PRO C 86 -28.73 11.20 -11.78
CA PRO C 86 -28.52 11.59 -10.38
C PRO C 86 -29.36 12.84 -10.05
N PRO C 87 -29.99 12.92 -8.87
CA PRO C 87 -30.85 14.06 -8.53
C PRO C 87 -30.11 15.40 -8.50
N THR C 88 -30.75 16.44 -9.04
CA THR C 88 -30.17 17.81 -9.07
C THR C 88 -30.50 18.51 -7.75
N VAL C 89 -29.56 18.49 -6.79
CA VAL C 89 -29.82 19.11 -5.51
C VAL C 89 -29.51 20.59 -5.64
N PRO C 90 -30.56 21.43 -5.58
CA PRO C 90 -30.26 22.85 -5.73
C PRO C 90 -29.41 23.41 -4.59
N VAL C 91 -29.70 23.00 -3.36
CA VAL C 91 -28.97 23.51 -2.21
C VAL C 91 -28.34 22.41 -1.33
N VAL C 92 -27.12 22.65 -0.82
CA VAL C 92 -26.41 21.69 0.08
C VAL C 92 -26.28 22.36 1.46
N TYR C 93 -26.69 21.65 2.52
CA TYR C 93 -26.52 22.18 3.90
C TYR C 93 -25.67 21.19 4.69
N ILE C 94 -24.56 21.67 5.26
CA ILE C 94 -23.65 20.83 6.09
C ILE C 94 -23.34 21.60 7.38
N ARG C 95 -23.00 20.86 8.45
CA ARG C 95 -22.48 21.47 9.70
C ARG C 95 -21.17 20.79 10.11
N PRO C 96 -19.99 21.40 9.85
CA PRO C 96 -18.70 20.78 10.15
C PRO C 96 -18.51 20.40 11.62
N HIS C 97 -17.76 19.31 11.85
CA HIS C 97 -17.38 18.85 13.21
C HIS C 97 -16.31 19.79 13.78
N GLN C 98 -15.89 19.56 15.02
CA GLN C 98 -14.91 20.46 15.67
C GLN C 98 -13.53 20.35 15.03
N LYS C 99 -12.85 21.48 14.86
CA LYS C 99 -11.51 21.54 14.23
C LYS C 99 -11.56 20.70 12.94
N CYS C 100 -12.58 20.97 12.11
CA CYS C 100 -12.76 20.32 10.79
C CYS C 100 -11.60 20.67 9.85
N GLY C 101 -11.00 19.62 9.29
CA GLY C 101 -9.84 19.70 8.38
C GLY C 101 -10.30 19.55 6.95
N PRO C 102 -9.43 19.65 5.93
CA PRO C 102 -9.86 19.50 4.55
C PRO C 102 -10.37 18.14 4.05
N LYS C 103 -10.06 17.01 4.71
CA LYS C 103 -10.60 15.68 4.31
C LYS C 103 -12.05 15.51 4.76
N ASP C 104 -12.38 16.16 5.90
CA ASP C 104 -13.69 16.06 6.61
C ASP C 104 -14.75 16.91 5.90
N LEU C 105 -14.37 18.11 5.43
CA LEU C 105 -15.28 19.02 4.70
C LEU C 105 -15.75 18.34 3.41
N PHE C 106 -14.81 17.73 2.69
CA PHE C 106 -15.11 17.06 1.39
C PHE C 106 -15.97 15.81 1.63
N LYS C 107 -15.64 15.02 2.66
CA LYS C 107 -16.38 13.79 3.00
C LYS C 107 -17.86 14.11 3.22
N LYS C 108 -18.13 15.13 4.05
CA LYS C 108 -19.51 15.48 4.47
C LYS C 108 -20.31 16.04 3.29
N ILE C 109 -19.67 16.81 2.40
CA ILE C 109 -20.38 17.33 1.19
C ILE C 109 -20.82 16.16 0.30
N THR C 110 -19.89 15.24 0.09
CA THR C 110 -20.06 14.04 -0.78
C THR C 110 -21.17 13.13 -0.22
N GLU C 111 -21.17 12.89 1.10
CA GLU C 111 -22.20 12.00 1.72
C GLU C 111 -23.59 12.64 1.59
N TYR C 112 -23.66 13.98 1.66
CA TYR C 112 -24.93 14.70 1.54
C TYR C 112 -25.59 14.51 0.18
N LEU C 113 -24.80 14.17 -0.84
CA LEU C 113 -25.29 13.90 -2.19
C LEU C 113 -25.52 12.40 -2.48
N LYS C 114 -25.45 11.55 -1.44
CA LYS C 114 -25.67 10.10 -1.46
C LYS C 114 -24.59 9.30 -2.19
N TYR C 115 -23.39 9.86 -2.25
CA TYR C 115 -22.26 9.18 -2.86
C TYR C 115 -21.41 8.67 -1.69
N ARG C 116 -20.93 7.43 -1.77
CA ARG C 116 -20.12 6.90 -0.69
C ARG C 116 -18.71 7.27 -1.00
N VAL C 117 -17.92 7.56 0.03
CA VAL C 117 -16.50 7.97 -0.17
C VAL C 117 -15.58 6.76 -0.04
N THR C 118 -14.72 6.55 -1.04
CA THR C 118 -13.78 5.38 -1.08
C THR C 118 -12.52 5.76 -0.30
N LYS C 119 -11.68 4.77 0.05
CA LYS C 119 -10.43 5.10 0.78
C LYS C 119 -9.49 5.84 -0.19
N GLY C 120 -8.81 6.87 0.29
CA GLY C 120 -7.86 7.66 -0.52
C GLY C 120 -7.39 8.90 0.22
N THR C 121 -6.64 9.77 -0.45
CA THR C 121 -6.10 11.02 0.14
C THR C 121 -6.97 12.23 -0.22
N VAL C 122 -6.69 13.38 0.42
CA VAL C 122 -7.42 14.64 0.13
C VAL C 122 -7.33 14.91 -1.38
N SER C 123 -6.16 14.68 -1.97
CA SER C 123 -5.90 14.99 -3.41
C SER C 123 -6.71 14.06 -4.32
N ASP C 124 -7.29 13.00 -3.76
CA ASP C 124 -8.08 12.01 -4.54
C ASP C 124 -9.58 12.38 -4.56
N PHE C 125 -10.17 12.68 -3.40
CA PHE C 125 -11.64 12.90 -3.35
C PHE C 125 -11.95 14.39 -3.22
N ARG C 126 -10.91 15.22 -3.33
CA ARG C 126 -11.02 16.67 -3.62
C ARG C 126 -11.63 16.75 -5.04
N ASP C 127 -11.13 15.91 -5.96
CA ASP C 127 -11.51 15.81 -7.40
C ASP C 127 -12.89 15.14 -7.49
N ARG C 128 -13.12 14.10 -6.68
CA ARG C 128 -14.44 13.41 -6.64
C ARG C 128 -15.52 14.39 -6.17
N THR C 129 -15.20 15.23 -5.18
CA THR C 129 -16.14 16.26 -4.68
C THR C 129 -16.55 17.19 -5.82
N ILE C 130 -15.57 17.65 -6.60
CA ILE C 130 -15.81 18.53 -7.73
C ILE C 130 -16.68 17.78 -8.71
N GLU C 131 -16.36 16.50 -8.93
CA GLU C 131 -17.12 15.68 -9.86
C GLU C 131 -18.56 15.49 -9.38
N VAL C 132 -18.78 15.24 -8.09
CA VAL C 132 -20.15 15.14 -7.57
C VAL C 132 -20.82 16.52 -7.58
N LEU C 133 -20.03 17.57 -7.37
CA LEU C 133 -20.53 18.95 -7.41
C LEU C 133 -21.04 19.28 -8.80
N LYS C 134 -20.38 18.79 -9.85
CA LYS C 134 -20.85 18.97 -11.22
C LYS C 134 -22.00 17.97 -11.44
N GLY C 135 -22.92 18.22 -12.36
CA GLY C 135 -24.06 17.33 -12.54
C GLY C 135 -25.20 17.60 -11.55
N CYS C 136 -24.95 17.48 -10.24
CA CYS C 136 -25.91 17.88 -9.21
C CYS C 136 -25.93 19.40 -9.29
N GLY C 137 -27.07 20.02 -9.05
CA GLY C 137 -27.14 21.45 -9.28
C GLY C 137 -26.27 22.25 -8.38
N VAL C 138 -26.37 21.99 -7.09
CA VAL C 138 -25.54 22.63 -6.07
C VAL C 138 -25.46 24.15 -6.23
N GLU C 139 -26.59 24.81 -6.42
CA GLU C 139 -26.58 26.26 -6.64
C GLU C 139 -26.06 27.00 -5.42
N MET C 140 -26.40 26.53 -4.23
CA MET C 140 -25.93 27.18 -3.02
C MET C 140 -25.43 26.18 -1.95
N LEU C 141 -24.31 26.50 -1.30
CA LEU C 141 -23.75 25.66 -0.20
C LEU C 141 -23.87 26.45 1.12
N ILE C 142 -24.62 25.91 2.09
CA ILE C 142 -24.76 26.59 3.41
C ILE C 142 -23.89 25.88 4.45
N ILE C 143 -22.87 26.55 5.00
CA ILE C 143 -22.01 25.92 6.04
C ILE C 143 -22.40 26.46 7.41
N ASP C 144 -23.07 25.69 8.24
CA ASP C 144 -23.40 26.19 9.57
C ASP C 144 -22.22 25.95 10.46
N GLU C 145 -22.18 26.69 11.57
CA GLU C 145 -21.10 26.58 12.52
C GLU C 145 -19.79 26.77 11.77
N ALA C 146 -19.71 27.91 11.07
CA ALA C 146 -18.56 28.35 10.24
C ALA C 146 -17.29 28.57 11.07
N ASP C 147 -17.48 28.90 12.36
CA ASP C 147 -16.42 29.05 13.34
C ASP C 147 -15.67 27.71 13.49
N ARG C 148 -16.36 26.56 13.40
CA ARG C 148 -15.73 25.22 13.42
C ARG C 148 -15.08 24.71 12.08
N LEU C 149 -14.04 25.41 11.64
CA LEU C 149 -13.17 25.11 10.47
C LEU C 149 -11.71 25.44 10.87
N LYS C 150 -10.76 24.56 10.51
CA LYS C 150 -9.32 24.91 10.64
C LYS C 150 -9.15 26.04 9.62
N PRO C 151 -8.37 27.11 9.93
CA PRO C 151 -8.14 28.20 8.97
C PRO C 151 -7.67 27.72 7.58
N GLU C 152 -6.96 26.60 7.53
CA GLU C 152 -6.37 26.10 6.25
C GLU C 152 -7.49 25.67 5.30
N THR C 153 -8.68 25.37 5.82
CA THR C 153 -9.77 24.78 5.01
C THR C 153 -10.49 25.88 4.21
N PHE C 154 -10.32 27.14 4.62
CA PHE C 154 -11.02 28.29 3.97
C PHE C 154 -10.49 28.44 2.54
N ALA C 155 -9.27 27.97 2.28
CA ALA C 155 -8.72 27.87 0.90
C ALA C 155 -9.54 26.96 -0.01
N ASP C 156 -10.09 25.86 0.52
CA ASP C 156 -10.81 24.86 -0.31
C ASP C 156 -12.23 25.39 -0.55
N VAL C 157 -12.74 26.11 0.44
CA VAL C 157 -14.05 26.82 0.35
C VAL C 157 -13.96 27.92 -0.70
N ARG C 158 -12.89 28.72 -0.71
CA ARG C 158 -12.78 29.81 -1.72
C ARG C 158 -12.68 29.22 -3.14
N ASP C 159 -11.92 28.13 -3.25
CA ASP C 159 -11.68 27.41 -4.53
C ASP C 159 -13.03 26.98 -5.11
N ILE C 160 -13.89 26.40 -4.27
CA ILE C 160 -15.24 25.93 -4.70
C ILE C 160 -16.02 27.16 -5.18
N ALA C 161 -16.03 28.21 -4.34
CA ALA C 161 -16.83 29.44 -4.60
C ALA C 161 -16.30 30.11 -5.87
N GLU C 162 -15.02 29.97 -6.16
CA GLU C 162 -14.40 30.56 -7.36
C GLU C 162 -14.50 29.69 -8.63
N ASP C 163 -14.11 28.42 -8.55
CA ASP C 163 -14.10 27.53 -9.72
C ASP C 163 -15.48 27.28 -10.33
N LEU C 164 -16.48 27.12 -9.48
CA LEU C 164 -17.83 26.86 -9.95
C LEU C 164 -18.75 27.96 -9.45
N GLY C 165 -19.86 28.18 -10.15
CA GLY C 165 -20.79 29.23 -9.76
C GLY C 165 -21.73 28.73 -8.67
N ILE C 166 -21.21 28.66 -7.45
CA ILE C 166 -21.95 28.21 -6.30
C ILE C 166 -21.85 29.27 -5.21
N ALA C 167 -22.95 29.61 -4.55
CA ALA C 167 -22.90 30.60 -3.49
C ALA C 167 -22.68 29.88 -2.17
N VAL C 168 -21.90 30.47 -1.26
CA VAL C 168 -21.61 29.87 0.05
C VAL C 168 -22.11 30.80 1.17
N VAL C 169 -23.14 30.40 1.92
CA VAL C 169 -23.72 31.21 2.99
C VAL C 169 -22.83 31.53 4.21
N LEU C 170 -22.03 30.56 4.66
CA LEU C 170 -21.14 30.75 5.83
C LEU C 170 -21.83 31.25 7.10
N VAL C 171 -22.92 30.60 7.50
CA VAL C 171 -23.65 31.01 8.70
C VAL C 171 -22.76 30.92 9.94
N GLY C 172 -22.82 31.92 10.82
CA GLY C 172 -22.00 31.93 12.02
C GLY C 172 -22.53 32.83 13.12
N THR C 173 -21.94 32.70 14.31
CA THR C 173 -22.32 33.52 15.47
C THR C 173 -21.42 34.77 15.49
N ASP C 174 -21.56 35.65 16.50
CA ASP C 174 -20.71 36.85 16.54
C ASP C 174 -19.20 36.54 16.51
N ARG C 175 -18.80 35.43 17.13
CA ARG C 175 -17.40 34.98 17.16
C ARG C 175 -16.79 34.70 15.76
N LEU C 176 -17.62 34.29 14.81
CA LEU C 176 -17.19 34.01 13.40
C LEU C 176 -16.46 35.22 12.82
N ASP C 177 -16.95 36.44 13.09
CA ASP C 177 -16.35 37.70 12.56
C ASP C 177 -14.91 37.84 13.05
N ALA C 178 -14.65 37.43 14.30
CA ALA C 178 -13.27 37.45 14.84
C ALA C 178 -12.36 36.50 14.05
N VAL C 179 -12.92 35.37 13.59
CA VAL C 179 -12.15 34.37 12.79
C VAL C 179 -11.97 34.90 11.36
N ILE C 180 -13.04 35.42 10.75
CA ILE C 180 -13.01 35.88 9.32
C ILE C 180 -11.96 36.97 9.14
N LYS C 181 -11.90 37.93 10.07
CA LYS C 181 -11.00 39.11 9.95
C LYS C 181 -9.53 38.69 10.08
N ARG C 182 -9.23 37.41 10.32
CA ARG C 182 -7.81 37.02 10.43
C ARG C 182 -7.20 36.72 9.06
N ASP C 183 -8.02 36.70 8.00
CA ASP C 183 -7.54 36.34 6.64
C ASP C 183 -8.10 37.33 5.61
N GLU C 184 -7.23 38.13 4.98
CA GLU C 184 -7.67 39.24 4.09
C GLU C 184 -8.57 38.66 3.00
N GLN C 185 -8.10 37.58 2.36
CA GLN C 185 -8.74 37.02 1.13
C GLN C 185 -10.13 36.49 1.46
N VAL C 186 -10.32 35.94 2.65
CA VAL C 186 -11.61 35.40 3.07
C VAL C 186 -12.57 36.52 3.46
N LEU C 187 -12.06 37.53 4.16
CA LEU C 187 -12.88 38.65 4.60
C LEU C 187 -13.48 39.45 3.45
N GLU C 188 -12.68 39.69 2.41
CA GLU C 188 -13.14 40.46 1.24
C GLU C 188 -14.26 39.76 0.48
N ARG C 189 -14.14 38.44 0.33
CA ARG C 189 -15.12 37.64 -0.39
C ARG C 189 -16.52 37.58 0.26
N PHE C 190 -16.55 37.56 1.58
CA PHE C 190 -17.81 37.43 2.34
C PHE C 190 -18.27 38.73 3.01
N ARG C 191 -17.98 39.87 2.40
CA ARG C 191 -18.35 41.16 2.98
C ARG C 191 -19.85 41.40 3.21
N ALA C 192 -20.70 41.00 2.28
CA ALA C 192 -22.15 41.20 2.45
C ALA C 192 -22.66 40.37 3.62
N HIS C 193 -23.62 40.89 4.38
CA HIS C 193 -24.13 40.10 5.54
C HIS C 193 -25.61 40.37 5.87
N LEU C 194 -26.22 39.47 6.61
CA LEU C 194 -27.60 39.64 7.08
C LEU C 194 -27.57 39.46 8.59
N ARG C 195 -28.32 40.26 9.34
CA ARG C 195 -28.32 40.15 10.81
C ARG C 195 -29.66 39.60 11.33
N PHE C 196 -29.64 38.46 12.04
CA PHE C 196 -30.86 37.87 12.56
C PHE C 196 -31.62 38.64 13.65
N GLY C 197 -30.89 39.19 14.63
CA GLY C 197 -31.53 39.93 15.70
C GLY C 197 -32.29 39.03 16.68
N LYS C 198 -33.20 39.63 17.45
CA LYS C 198 -34.02 38.91 18.42
C LYS C 198 -35.42 39.53 18.44
N LEU C 199 -36.35 39.00 19.24
CA LEU C 199 -37.70 39.61 19.24
C LEU C 199 -37.85 40.65 20.36
N SER C 200 -38.65 41.69 20.10
CA SER C 200 -39.02 42.71 21.10
C SER C 200 -40.35 43.36 20.70
N GLY C 201 -41.03 44.01 21.64
CA GLY C 201 -42.28 44.75 21.33
C GLY C 201 -43.40 43.84 20.89
N GLU C 202 -44.29 44.35 20.01
CA GLU C 202 -45.49 43.66 19.50
C GLU C 202 -45.12 42.31 18.86
N ASP C 203 -43.98 42.24 18.18
CA ASP C 203 -43.56 40.99 17.47
C ASP C 203 -43.52 39.84 18.47
N PHE C 204 -43.08 40.13 19.71
CA PHE C 204 -42.99 39.11 20.78
C PHE C 204 -44.40 38.70 21.22
N LYS C 205 -45.26 39.68 21.51
CA LYS C 205 -46.66 39.40 21.93
C LYS C 205 -47.37 38.55 20.86
N ASN C 206 -47.23 38.92 19.59
CA ASN C 206 -47.88 38.18 18.47
C ASN C 206 -47.29 36.77 18.38
N THR C 207 -45.98 36.63 18.61
CA THR C 207 -45.31 35.30 18.61
C THR C 207 -45.87 34.42 19.72
N VAL C 208 -46.10 34.98 20.90
CA VAL C 208 -46.69 34.19 22.03
C VAL C 208 -48.09 33.73 21.65
N GLU C 209 -48.89 34.61 21.04
CA GLU C 209 -50.27 34.25 20.61
C GLU C 209 -50.17 33.12 19.58
N MET C 210 -49.28 33.26 18.60
CA MET C 210 -49.04 32.22 17.57
C MET C 210 -48.61 30.93 18.26
N TRP C 211 -47.68 31.03 19.22
CA TRP C 211 -47.15 29.84 19.96
C TRP C 211 -48.25 29.03 20.65
N GLU C 212 -49.11 29.69 21.43
CA GLU C 212 -50.20 28.95 22.13
C GLU C 212 -51.14 28.30 21.11
N GLN C 213 -51.42 28.98 20.00
CA GLN C 213 -52.36 28.45 18.96
C GLN C 213 -51.73 27.31 18.14
N MET C 214 -50.48 27.43 17.73
CA MET C 214 -49.91 26.42 16.78
C MET C 214 -49.06 25.34 17.46
N VAL C 215 -48.33 25.68 18.52
CA VAL C 215 -47.47 24.71 19.19
C VAL C 215 -48.08 24.07 20.43
N LEU C 216 -48.98 24.78 21.10
CA LEU C 216 -49.62 24.23 22.29
C LEU C 216 -51.07 23.88 21.96
N LYS C 217 -51.49 22.64 22.24
CA LYS C 217 -52.83 22.17 21.95
C LYS C 217 -53.51 21.65 23.20
N LEU C 218 -53.22 22.26 24.34
CA LEU C 218 -53.79 21.83 25.60
C LEU C 218 -55.32 21.93 25.58
N PRO C 219 -56.03 20.93 26.17
CA PRO C 219 -57.50 20.91 26.21
C PRO C 219 -58.15 22.26 26.56
N VAL C 220 -57.55 23.00 27.48
CA VAL C 220 -58.12 24.33 27.86
C VAL C 220 -57.05 25.39 27.61
N SER C 221 -57.46 26.49 26.98
CA SER C 221 -56.63 27.69 26.65
C SER C 221 -55.99 28.32 27.89
N SER C 222 -54.74 28.76 27.75
CA SER C 222 -53.96 29.39 28.85
C SER C 222 -54.01 30.92 28.76
N ASN C 223 -54.34 31.48 27.58
CA ASN C 223 -54.44 32.96 27.43
C ASN C 223 -53.09 33.60 27.77
N LEU C 224 -52.00 33.10 27.19
CA LEU C 224 -50.62 33.54 27.51
C LEU C 224 -50.35 34.97 27.03
N LYS C 225 -51.25 35.52 26.22
CA LYS C 225 -51.08 36.89 25.68
C LYS C 225 -51.38 37.90 26.81
N SER C 226 -52.14 37.49 27.82
CA SER C 226 -52.51 38.38 28.94
C SER C 226 -51.30 39.03 29.57
N LYS C 227 -51.40 40.31 29.95
CA LYS C 227 -50.28 41.07 30.51
C LYS C 227 -49.68 40.51 31.79
N GLU C 228 -50.52 40.03 32.69
CA GLU C 228 -50.06 39.47 33.97
C GLU C 228 -49.03 38.35 33.80
N MET C 229 -49.18 37.55 32.74
CA MET C 229 -48.27 36.41 32.48
C MET C 229 -47.26 36.75 31.37
N LEU C 230 -47.63 37.68 30.48
CA LEU C 230 -46.76 38.14 29.36
C LEU C 230 -45.52 38.85 29.92
N ARG C 231 -45.68 39.59 31.03
CA ARG C 231 -44.53 40.29 31.67
C ARG C 231 -43.55 39.23 32.20
N ILE C 232 -44.10 38.09 32.62
CA ILE C 232 -43.30 36.95 33.17
C ILE C 232 -42.54 36.28 32.03
N LEU C 233 -43.24 35.99 30.93
CA LEU C 233 -42.64 35.36 29.72
C LEU C 233 -41.57 36.29 29.17
N THR C 234 -41.84 37.61 29.19
CA THR C 234 -40.87 38.63 28.71
C THR C 234 -39.59 38.62 29.56
N SER C 235 -39.73 38.61 30.90
CA SER C 235 -38.56 38.66 31.81
C SER C 235 -37.76 37.35 31.67
N ALA C 236 -38.48 36.24 31.53
CA ALA C 236 -37.89 34.88 31.46
C ALA C 236 -37.23 34.70 30.09
N THR C 237 -37.76 35.25 29.02
CA THR C 237 -37.19 34.94 27.72
C THR C 237 -36.20 35.98 27.19
N GLU C 238 -36.42 37.25 27.53
CA GLU C 238 -35.54 38.35 27.09
C GLU C 238 -35.34 38.36 25.57
N GLY C 239 -36.45 38.18 24.85
CA GLY C 239 -36.46 38.10 23.41
C GLY C 239 -35.85 36.97 22.60
N TYR C 240 -35.42 35.91 23.26
CA TYR C 240 -34.77 34.75 22.57
C TYR C 240 -35.83 33.69 22.26
N ILE C 241 -36.01 33.34 20.98
CA ILE C 241 -37.10 32.40 20.60
C ILE C 241 -36.76 31.06 21.25
N GLY C 242 -35.46 30.74 21.40
CA GLY C 242 -35.07 29.49 22.08
C GLY C 242 -35.54 29.43 23.52
N ARG C 243 -35.61 30.57 24.21
CA ARG C 243 -36.03 30.46 25.64
C ARG C 243 -37.56 30.35 25.70
N LEU C 244 -38.26 31.12 24.85
CA LEU C 244 -39.74 31.07 24.83
C LEU C 244 -40.16 29.63 24.59
N ASP C 245 -39.48 28.96 23.65
CA ASP C 245 -39.75 27.52 23.38
C ASP C 245 -39.59 26.69 24.66
N GLU C 246 -38.45 26.84 25.35
CA GLU C 246 -38.14 26.00 26.54
C GLU C 246 -39.14 26.25 27.66
N ILE C 247 -39.43 27.53 27.92
CA ILE C 247 -40.22 27.96 29.12
C ILE C 247 -41.61 27.36 28.95
N LEU C 248 -42.23 27.57 27.78
CA LEU C 248 -43.62 27.11 27.50
C LEU C 248 -43.73 25.60 27.28
N ARG C 249 -42.73 24.99 26.62
CA ARG C 249 -42.71 23.51 26.37
C ARG C 249 -42.55 22.71 27.67
N GLU C 250 -41.67 23.13 28.57
CA GLU C 250 -41.51 22.47 29.90
C GLU C 250 -42.74 22.73 30.78
N ALA C 251 -43.23 23.97 30.79
CA ALA C 251 -44.44 24.35 31.59
C ALA C 251 -45.65 23.52 31.18
N ALA C 252 -45.83 23.27 29.88
CA ALA C 252 -46.93 22.43 29.38
C ALA C 252 -46.82 20.99 29.90
N ILE C 253 -45.62 20.39 29.85
CA ILE C 253 -45.43 19.00 30.33
C ILE C 253 -45.63 18.95 31.85
N ARG C 254 -45.03 19.91 32.58
CA ARG C 254 -45.12 19.96 34.05
C ARG C 254 -46.57 20.16 34.49
N SER C 255 -47.33 20.96 33.73
CA SER C 255 -48.76 21.24 34.04
C SER C 255 -49.62 19.98 33.83
N LEU C 256 -49.47 19.32 32.68
CA LEU C 256 -50.25 18.10 32.35
C LEU C 256 -49.94 17.00 33.37
N SER C 257 -48.69 16.95 33.83
CA SER C 257 -48.21 15.87 34.74
C SER C 257 -48.91 16.02 36.10
N ARG C 258 -49.48 17.20 36.35
CA ARG C 258 -50.18 17.50 37.63
C ARG C 258 -51.70 17.30 37.44
N GLY C 259 -52.13 16.91 36.24
CA GLY C 259 -53.56 16.71 35.92
C GLY C 259 -54.24 18.00 35.53
N LEU C 260 -53.48 19.03 35.15
CA LEU C 260 -54.07 20.33 34.74
C LEU C 260 -54.42 20.26 33.25
N LYS C 261 -55.39 21.07 32.80
CA LYS C 261 -55.77 21.12 31.37
C LYS C 261 -55.17 22.38 30.72
N LYS C 262 -54.46 23.20 31.52
CA LYS C 262 -53.86 24.46 31.02
C LYS C 262 -52.63 24.80 31.87
N ILE C 263 -51.85 25.79 31.44
CA ILE C 263 -50.66 26.24 32.24
C ILE C 263 -51.11 27.35 33.21
N ASP C 264 -50.92 27.11 34.51
CA ASP C 264 -51.26 28.09 35.57
C ASP C 264 -50.13 29.13 35.69
N LYS C 265 -50.45 30.35 36.09
CA LYS C 265 -49.43 31.41 36.33
C LYS C 265 -48.37 30.84 37.28
N ALA C 266 -48.79 30.06 38.27
CA ALA C 266 -47.87 29.50 39.28
C ALA C 266 -46.81 28.63 38.61
N VAL C 267 -47.18 27.95 37.51
CA VAL C 267 -46.24 27.03 36.82
C VAL C 267 -45.21 27.86 36.05
N LEU C 268 -45.67 28.91 35.37
CA LEU C 268 -44.77 29.80 34.59
C LEU C 268 -43.76 30.43 35.54
N GLN C 269 -44.22 30.82 36.74
CA GLN C 269 -43.33 31.44 37.76
C GLN C 269 -42.33 30.39 38.26
N GLU C 270 -42.82 29.19 38.57
CA GLU C 270 -41.99 28.09 39.11
C GLU C 270 -40.88 27.76 38.11
N VAL C 271 -41.22 27.68 36.82
CA VAL C 271 -40.21 27.37 35.76
C VAL C 271 -39.25 28.56 35.60
N ALA C 272 -39.78 29.78 35.57
CA ALA C 272 -38.93 30.98 35.34
C ALA C 272 -37.86 31.07 36.44
N LYS C 273 -38.20 30.68 37.67
CA LYS C 273 -37.29 30.79 38.83
C LYS C 273 -36.03 29.93 38.61
N GLU C 274 -36.10 28.95 37.72
CA GLU C 274 -34.97 28.00 37.49
C GLU C 274 -33.93 28.65 36.56
N TYR C 275 -34.27 29.77 35.94
CA TYR C 275 -33.37 30.43 34.95
C TYR C 275 -32.67 31.62 35.63
N GLU D 19 -37.61 33.22 -22.34
CA GLU D 19 -37.99 34.39 -21.51
C GLU D 19 -36.85 35.41 -21.53
N TRP D 20 -37.14 36.65 -21.98
CA TRP D 20 -36.11 37.70 -22.11
C TRP D 20 -35.43 37.94 -20.74
N LEU D 21 -36.23 38.01 -19.68
CA LEU D 21 -35.72 38.35 -18.33
C LEU D 21 -34.67 37.30 -17.92
N GLN D 22 -34.98 36.02 -18.10
CA GLN D 22 -34.07 34.91 -17.69
C GLN D 22 -32.80 34.93 -18.56
N ALA D 23 -32.94 35.26 -19.84
CA ALA D 23 -31.76 35.31 -20.75
C ALA D 23 -30.77 36.37 -20.25
N GLU D 24 -31.28 37.51 -19.81
CA GLU D 24 -30.43 38.64 -19.31
C GLU D 24 -29.82 38.27 -17.95
N ILE D 25 -30.60 37.62 -17.08
CA ILE D 25 -30.07 37.17 -15.75
C ILE D 25 -28.97 36.11 -15.96
N ALA D 26 -29.21 35.15 -16.85
CA ALA D 26 -28.18 34.11 -17.13
C ALA D 26 -26.91 34.76 -17.65
N ARG D 27 -27.03 35.85 -18.41
CA ARG D 27 -25.87 36.63 -18.90
C ARG D 27 -25.22 37.41 -17.74
N LEU D 28 -26.02 38.16 -16.98
CA LEU D 28 -25.49 39.10 -15.96
C LEU D 28 -24.72 38.33 -14.88
N LYS D 29 -25.18 37.13 -14.53
CA LYS D 29 -24.59 36.33 -13.43
C LYS D 29 -23.22 35.81 -13.87
N GLY D 30 -22.91 35.93 -15.16
CA GLY D 30 -21.65 35.43 -15.74
C GLY D 30 -20.51 36.43 -15.54
N LYS D 31 -19.33 36.12 -16.09
CA LYS D 31 -18.13 36.99 -15.91
C LYS D 31 -17.55 37.34 -17.29
N SER D 32 -16.80 38.45 -17.36
CA SER D 32 -16.08 38.84 -18.60
C SER D 32 -14.85 39.67 -18.22
N ILE D 33 -13.95 39.87 -19.19
CA ILE D 33 -12.71 40.66 -18.97
C ILE D 33 -12.87 42.05 -19.58
N VAL D 34 -12.70 43.10 -18.77
CA VAL D 34 -12.79 44.50 -19.26
C VAL D 34 -11.38 45.08 -19.37
N PRO D 35 -10.98 45.65 -20.53
CA PRO D 35 -9.65 46.25 -20.66
C PRO D 35 -9.50 47.39 -19.65
N LEU D 36 -8.36 47.43 -18.95
CA LEU D 36 -8.08 48.52 -17.97
C LEU D 36 -6.61 48.93 -18.07
N GLN D 37 -6.29 50.13 -17.59
CA GLN D 37 -4.88 50.66 -17.63
C GLN D 37 -3.96 49.72 -16.84
N GLN D 38 -4.46 49.19 -15.72
CA GLN D 38 -3.65 48.32 -14.81
C GLN D 38 -3.32 47.00 -15.52
N VAL D 39 -4.24 46.50 -16.35
CA VAL D 39 -4.04 45.19 -17.03
C VAL D 39 -2.98 45.34 -18.13
N LYS D 40 -3.10 46.40 -18.95
CA LYS D 40 -2.12 46.67 -20.03
C LYS D 40 -0.72 46.88 -19.40
N THR D 41 -0.66 47.61 -18.30
CA THR D 41 0.62 47.90 -17.60
C THR D 41 1.32 46.59 -17.22
N LEU D 42 0.58 45.63 -16.65
CA LEU D 42 1.15 44.33 -16.24
C LEU D 42 1.64 43.57 -17.47
N HIS D 43 0.84 43.56 -18.55
CA HIS D 43 1.16 42.76 -19.76
C HIS D 43 2.47 43.24 -20.38
N ASP D 44 2.67 44.57 -20.43
CA ASP D 44 3.90 45.16 -21.03
C ASP D 44 5.11 44.82 -20.15
N TRP D 45 4.90 44.87 -18.82
CA TRP D 45 5.94 44.57 -17.80
C TRP D 45 6.36 43.10 -17.88
N LEU D 46 5.38 42.19 -17.94
CA LEU D 46 5.65 40.73 -17.99
C LEU D 46 6.41 40.43 -19.29
N ASP D 47 6.02 41.09 -20.37
CA ASP D 47 6.65 40.92 -21.72
C ASP D 47 8.15 41.22 -21.64
N GLY D 48 8.52 42.28 -20.91
CA GLY D 48 9.95 42.58 -20.66
C GLY D 48 10.65 41.47 -19.91
N LYS D 49 10.06 40.99 -18.81
CA LYS D 49 10.67 39.91 -18.00
C LYS D 49 10.79 38.64 -18.83
N ARG D 50 9.81 38.39 -19.72
CA ARG D 50 9.80 37.18 -20.57
C ARG D 50 11.02 37.19 -21.50
N LYS D 51 11.30 38.32 -22.15
CA LYS D 51 12.40 38.43 -23.15
C LYS D 51 13.74 38.27 -22.43
N ALA D 52 13.85 38.86 -21.24
CA ALA D 52 15.09 38.92 -20.42
C ALA D 52 15.27 37.63 -19.61
N ARG D 53 14.24 36.79 -19.58
CA ARG D 53 14.14 35.56 -18.75
C ARG D 53 14.43 35.93 -17.28
N LYS D 54 13.83 37.00 -16.77
CA LYS D 54 14.17 37.41 -15.38
C LYS D 54 13.05 37.09 -14.39
N SER D 55 13.43 36.62 -13.19
CA SER D 55 12.47 36.35 -12.13
C SER D 55 11.98 37.69 -11.60
N CYS D 56 10.73 37.71 -11.14
CA CYS D 56 10.13 38.91 -10.67
C CYS D 56 8.91 38.53 -9.82
N ARG D 57 8.21 39.52 -9.27
CA ARG D 57 7.05 39.27 -8.42
C ARG D 57 5.87 40.18 -8.74
N VAL D 58 4.66 39.72 -8.39
CA VAL D 58 3.44 40.48 -8.58
C VAL D 58 2.72 40.49 -7.24
N VAL D 59 2.69 41.64 -6.55
CA VAL D 59 2.06 41.70 -5.20
C VAL D 59 1.06 42.86 -5.19
N GLY D 60 -0.09 42.64 -4.56
CA GLY D 60 -1.12 43.69 -4.42
C GLY D 60 -2.18 43.24 -3.43
N GLU D 61 -3.23 44.06 -3.27
CA GLU D 61 -4.30 43.77 -2.29
C GLU D 61 -5.33 42.83 -2.93
N SER D 62 -6.15 42.17 -2.10
CA SER D 62 -7.27 41.32 -2.57
C SER D 62 -8.32 42.13 -3.34
N ARG D 63 -8.97 41.48 -4.31
CA ARG D 63 -10.09 42.02 -5.14
C ARG D 63 -9.63 43.19 -6.02
N THR D 64 -8.34 43.26 -6.35
CA THR D 64 -7.83 44.39 -7.19
C THR D 64 -7.77 43.92 -8.65
N GLY D 65 -7.96 42.62 -8.88
CA GLY D 65 -8.11 42.05 -10.23
C GLY D 65 -6.78 41.49 -10.72
N LYS D 66 -5.91 41.02 -9.81
CA LYS D 66 -4.64 40.46 -10.16
C LYS D 66 -4.78 39.13 -10.86
N THR D 67 -5.62 38.23 -10.37
CA THR D 67 -5.70 36.92 -11.09
C THR D 67 -6.22 37.09 -12.53
N VAL D 68 -7.23 37.95 -12.72
CA VAL D 68 -7.89 38.14 -14.04
C VAL D 68 -6.87 38.67 -15.06
N ALA D 69 -6.03 39.63 -14.67
CA ALA D 69 -5.00 40.18 -15.57
C ALA D 69 -4.06 39.06 -16.03
N CYS D 70 -3.75 38.11 -15.13
CA CYS D 70 -2.85 36.97 -15.48
C CYS D 70 -3.52 36.06 -16.53
N ASP D 71 -4.81 35.78 -16.35
CA ASP D 71 -5.58 34.98 -17.35
C ASP D 71 -5.54 35.66 -18.72
N ALA D 72 -5.77 36.97 -18.75
CA ALA D 72 -5.80 37.75 -20.01
C ALA D 72 -4.46 37.62 -20.74
N TYR D 73 -3.36 37.66 -19.99
CA TYR D 73 -1.99 37.51 -20.54
C TYR D 73 -1.80 36.16 -21.25
N ARG D 74 -2.24 35.08 -20.62
CA ARG D 74 -2.18 33.72 -21.23
C ARG D 74 -2.91 33.72 -22.57
N TYR D 75 -4.02 34.44 -22.67
CA TYR D 75 -4.78 34.51 -23.91
C TYR D 75 -4.14 35.42 -24.95
N ARG D 76 -3.35 36.39 -24.50
CA ARG D 76 -2.71 37.31 -25.42
C ARG D 76 -1.75 36.57 -26.34
N HIS D 77 -0.96 35.66 -25.77
CA HIS D 77 -0.03 34.86 -26.56
C HIS D 77 -0.43 33.39 -26.36
N LYS D 78 -1.16 32.82 -27.31
CA LYS D 78 -1.60 31.44 -27.18
C LYS D 78 -0.60 30.45 -27.72
N PRO D 79 -0.73 29.17 -27.32
CA PRO D 79 0.18 28.16 -27.83
C PRO D 79 0.14 28.04 -29.36
N GLN D 80 1.28 27.79 -29.99
CA GLN D 80 1.32 27.66 -31.45
C GLN D 80 1.62 26.20 -31.83
N GLN D 81 0.81 25.62 -32.71
CA GLN D 81 1.02 24.24 -33.13
C GLN D 81 0.98 24.17 -34.64
N GLU D 82 2.02 24.72 -35.28
CA GLU D 82 2.12 24.71 -36.73
C GLU D 82 2.85 23.46 -37.26
N ALA D 83 3.37 22.64 -36.36
CA ALA D 83 4.10 21.44 -36.77
C ALA D 83 3.60 20.20 -36.02
N GLY D 84 3.96 19.01 -36.55
CA GLY D 84 3.65 17.68 -36.06
C GLY D 84 3.99 17.46 -34.61
N ARG D 85 5.02 18.16 -34.13
CA ARG D 85 5.52 18.05 -32.76
C ARG D 85 4.54 18.60 -31.70
N PRO D 86 4.76 18.27 -30.40
CA PRO D 86 3.92 18.79 -29.30
C PRO D 86 3.72 20.32 -29.37
N PRO D 87 2.49 20.80 -29.11
CA PRO D 87 2.25 22.25 -29.26
C PRO D 87 3.20 23.12 -28.45
N THR D 88 3.75 24.16 -29.07
CA THR D 88 4.68 25.04 -28.40
C THR D 88 3.89 25.99 -27.51
N VAL D 89 3.94 25.78 -26.19
CA VAL D 89 3.22 26.65 -25.26
C VAL D 89 4.21 27.62 -24.60
N PRO D 90 4.19 28.90 -25.02
CA PRO D 90 5.14 29.85 -24.43
C PRO D 90 4.95 30.12 -22.94
N VAL D 91 3.70 30.23 -22.48
CA VAL D 91 3.44 30.55 -21.09
C VAL D 91 2.63 29.49 -20.32
N VAL D 92 3.06 29.13 -19.11
CA VAL D 92 2.32 28.15 -18.26
C VAL D 92 1.73 28.89 -17.06
N TYR D 93 0.43 28.73 -16.82
CA TYR D 93 -0.22 29.35 -15.63
C TYR D 93 -0.83 28.23 -14.78
N ILE D 94 -0.43 28.18 -13.50
CA ILE D 94 -0.97 27.17 -12.54
C ILE D 94 -1.35 27.90 -11.25
N ARG D 95 -2.30 27.32 -10.49
CA ARG D 95 -2.64 27.81 -9.13
C ARG D 95 -2.59 26.64 -8.14
N PRO D 96 -1.50 26.49 -7.34
CA PRO D 96 -1.35 25.36 -6.41
C PRO D 96 -2.48 25.23 -5.39
N HIS D 97 -2.79 23.99 -5.00
CA HIS D 97 -3.79 23.67 -3.96
C HIS D 97 -3.20 24.01 -2.58
N GLN D 98 -3.98 23.84 -1.52
CA GLN D 98 -3.51 24.23 -0.16
C GLN D 98 -2.40 23.29 0.32
N LYS D 99 -1.39 23.86 0.98
CA LYS D 99 -0.22 23.09 1.49
C LYS D 99 0.26 22.17 0.37
N CYS D 100 0.46 22.75 -0.82
CA CYS D 100 1.00 22.05 -2.00
C CYS D 100 2.43 21.56 -1.76
N GLY D 101 2.64 20.26 -2.00
CA GLY D 101 3.91 19.56 -1.79
C GLY D 101 4.63 19.40 -3.12
N PRO D 102 5.84 18.83 -3.16
CA PRO D 102 6.54 18.66 -4.45
C PRO D 102 5.98 17.68 -5.49
N LYS D 103 5.13 16.72 -5.13
CA LYS D 103 4.49 15.80 -6.13
C LYS D 103 3.35 16.51 -6.88
N ASP D 104 2.68 17.42 -6.15
CA ASP D 104 1.46 18.16 -6.61
C ASP D 104 1.83 19.27 -7.59
N LEU D 105 2.94 19.99 -7.32
CA LEU D 105 3.43 21.08 -8.19
C LEU D 105 3.77 20.50 -9.57
N PHE D 106 4.48 19.37 -9.58
CA PHE D 106 4.93 18.71 -10.83
C PHE D 106 3.72 18.16 -11.60
N LYS D 107 2.78 17.53 -10.88
CA LYS D 107 1.56 16.94 -11.50
C LYS D 107 0.81 18.02 -12.28
N LYS D 108 0.56 19.17 -11.64
CA LYS D 108 -0.27 20.25 -12.21
C LYS D 108 0.44 20.90 -13.41
N ILE D 109 1.77 21.04 -13.36
CA ILE D 109 2.52 21.61 -14.52
C ILE D 109 2.36 20.69 -15.75
N THR D 110 2.55 19.39 -15.49
CA THR D 110 2.50 18.32 -16.52
C THR D 110 1.10 18.24 -17.14
N GLU D 111 0.04 18.29 -16.33
CA GLU D 111 -1.36 18.20 -16.85
C GLU D 111 -1.66 19.42 -17.72
N TYR D 112 -1.21 20.60 -17.27
CA TYR D 112 -1.44 21.88 -17.98
C TYR D 112 -0.98 21.77 -19.43
N LEU D 113 0.20 21.16 -19.62
CA LEU D 113 0.85 20.96 -20.95
C LEU D 113 0.20 19.80 -21.71
N LYS D 114 -0.85 19.21 -21.13
CA LYS D 114 -1.65 18.09 -21.72
C LYS D 114 -0.91 16.74 -21.77
N TYR D 115 -0.08 16.43 -20.77
CA TYR D 115 0.49 15.05 -20.67
C TYR D 115 -0.19 14.34 -19.49
N ARG D 116 -0.39 13.02 -19.62
CA ARG D 116 -1.00 12.24 -18.51
C ARG D 116 0.13 11.86 -17.55
N VAL D 117 -0.10 11.97 -16.23
CA VAL D 117 0.96 11.54 -15.28
C VAL D 117 0.76 10.07 -14.88
N THR D 118 1.82 9.26 -15.01
CA THR D 118 1.75 7.80 -14.71
C THR D 118 2.02 7.61 -13.22
N LYS D 119 1.73 6.42 -12.67
CA LYS D 119 2.02 6.19 -11.23
C LYS D 119 3.54 6.14 -11.04
N GLY D 120 4.04 6.75 -9.97
CA GLY D 120 5.47 6.76 -9.65
C GLY D 120 5.78 7.69 -8.49
N THR D 121 7.06 7.91 -8.16
CA THR D 121 7.44 8.75 -7.03
C THR D 121 7.84 10.15 -7.53
N VAL D 122 8.20 11.04 -6.61
CA VAL D 122 8.58 12.39 -6.99
C VAL D 122 9.77 12.40 -7.92
N SER D 123 10.76 11.56 -7.62
CA SER D 123 11.96 11.46 -8.45
C SER D 123 11.65 10.96 -9.85
N ASP D 124 10.73 10.01 -9.97
CA ASP D 124 10.39 9.41 -11.25
C ASP D 124 9.82 10.36 -12.31
N PHE D 125 8.90 11.24 -11.95
CA PHE D 125 8.37 12.17 -12.94
C PHE D 125 8.94 13.58 -12.84
N ARG D 126 9.92 13.77 -11.97
CA ARG D 126 10.60 15.06 -11.89
C ARG D 126 11.34 15.27 -13.21
N ASP D 127 12.00 14.21 -13.69
CA ASP D 127 12.70 14.22 -14.96
C ASP D 127 11.69 14.40 -16.09
N ARG D 128 10.54 13.74 -15.95
CA ARG D 128 9.46 13.82 -16.93
C ARG D 128 8.96 15.26 -17.03
N THR D 129 8.83 15.93 -15.89
CA THR D 129 8.39 17.32 -15.90
C THR D 129 9.41 18.11 -16.69
N ILE D 130 10.69 17.88 -16.40
CA ILE D 130 11.80 18.56 -17.13
C ILE D 130 11.69 18.26 -18.63
N GLU D 131 11.45 16.99 -18.96
CA GLU D 131 11.33 16.53 -20.33
C GLU D 131 10.16 17.19 -21.02
N VAL D 132 9.01 17.24 -20.35
CA VAL D 132 7.83 17.92 -20.92
C VAL D 132 8.09 19.42 -21.02
N LEU D 133 8.82 19.98 -20.06
CA LEU D 133 9.18 21.40 -20.05
C LEU D 133 10.03 21.73 -21.28
N LYS D 134 10.94 20.83 -21.64
CA LYS D 134 11.76 20.99 -22.84
C LYS D 134 10.90 20.70 -24.08
N GLY D 135 11.26 21.20 -25.25
CA GLY D 135 10.44 21.03 -26.45
C GLY D 135 9.34 22.07 -26.56
N CYS D 136 8.43 22.14 -25.58
CA CYS D 136 7.42 23.20 -25.50
C CYS D 136 8.21 24.46 -25.11
N GLY D 137 7.78 25.63 -25.53
CA GLY D 137 8.59 26.80 -25.29
C GLY D 137 8.81 27.12 -23.83
N VAL D 138 7.72 27.15 -23.06
CA VAL D 138 7.79 27.40 -21.62
C VAL D 138 8.65 28.62 -21.26
N GLU D 139 8.44 29.73 -21.95
CA GLU D 139 9.22 30.93 -21.72
C GLU D 139 8.98 31.48 -20.33
N MET D 140 7.75 31.40 -19.86
CA MET D 140 7.42 31.90 -18.53
C MET D 140 6.43 31.00 -17.75
N LEU D 141 6.69 30.80 -16.46
CA LEU D 141 5.79 30.04 -15.57
C LEU D 141 5.17 31.00 -14.55
N ILE D 142 3.83 31.13 -14.55
CA ILE D 142 3.15 32.03 -13.57
C ILE D 142 2.51 31.17 -12.46
N ILE D 143 3.02 31.25 -11.23
CA ILE D 143 2.47 30.49 -10.12
C ILE D 143 1.64 31.41 -9.24
N ASP D 144 0.33 31.47 -9.48
CA ASP D 144 -0.55 32.31 -8.70
C ASP D 144 -0.69 31.77 -7.28
N GLU D 145 -0.97 32.66 -6.32
CA GLU D 145 -1.11 32.28 -4.92
C GLU D 145 0.09 31.47 -4.46
N ALA D 146 1.27 32.10 -4.58
CA ALA D 146 2.56 31.52 -4.20
C ALA D 146 2.66 31.17 -2.71
N ASP D 147 1.96 31.91 -1.86
CA ASP D 147 1.97 31.67 -0.42
C ASP D 147 1.46 30.27 -0.06
N ARG D 148 0.48 29.75 -0.80
CA ARG D 148 -0.04 28.41 -0.55
C ARG D 148 0.90 27.40 -1.20
N LEU D 149 1.99 27.10 -0.51
CA LEU D 149 3.01 26.17 -0.97
C LEU D 149 3.82 25.76 0.25
N LYS D 150 4.27 24.51 0.32
CA LYS D 150 5.07 24.07 1.49
C LYS D 150 6.43 24.74 1.22
N PRO D 151 7.12 25.28 2.24
CA PRO D 151 8.45 25.89 2.06
C PRO D 151 9.44 24.98 1.31
N GLU D 152 9.30 23.67 1.47
CA GLU D 152 10.28 22.70 0.88
C GLU D 152 10.19 22.74 -0.65
N THR D 153 9.06 23.20 -1.19
CA THR D 153 8.80 23.11 -2.65
C THR D 153 9.51 24.25 -3.40
N PHE D 154 9.93 25.28 -2.66
CA PHE D 154 10.58 26.48 -3.27
C PHE D 154 11.94 26.05 -3.83
N ALA D 155 12.53 24.98 -3.29
CA ALA D 155 13.74 24.36 -3.87
C ALA D 155 13.54 23.84 -5.30
N ASP D 156 12.36 23.30 -5.60
CA ASP D 156 12.09 22.68 -6.94
C ASP D 156 11.80 23.79 -7.93
N VAL D 157 11.17 24.86 -7.43
CA VAL D 157 10.90 26.11 -8.20
C VAL D 157 12.24 26.77 -8.55
N ARG D 158 13.18 26.89 -7.60
CA ARG D 158 14.48 27.55 -7.91
C ARG D 158 15.24 26.73 -8.96
N ASP D 159 15.19 25.40 -8.81
CA ASP D 159 15.88 24.43 -9.70
C ASP D 159 15.41 24.66 -11.13
N ILE D 160 14.08 24.78 -11.31
CA ILE D 160 13.48 25.00 -12.66
C ILE D 160 14.01 26.34 -13.19
N ALA D 161 13.91 27.38 -12.36
CA ALA D 161 14.27 28.76 -12.74
C ALA D 161 15.77 28.80 -13.06
N GLU D 162 16.57 28.00 -12.35
CA GLU D 162 18.05 28.03 -12.48
C GLU D 162 18.52 27.20 -13.68
N ASP D 163 18.00 25.96 -13.81
CA ASP D 163 18.46 24.95 -14.80
C ASP D 163 17.96 25.30 -16.20
N LEU D 164 16.73 25.79 -16.30
CA LEU D 164 16.06 26.05 -17.61
C LEU D 164 15.92 27.56 -17.81
N GLY D 165 15.95 28.00 -19.07
CA GLY D 165 15.80 29.41 -19.44
C GLY D 165 14.35 29.86 -19.27
N ILE D 166 13.82 29.75 -18.04
CA ILE D 166 12.39 30.01 -17.73
C ILE D 166 12.26 31.07 -16.64
N ALA D 167 11.41 32.07 -16.88
CA ALA D 167 11.03 33.07 -15.85
C ALA D 167 9.83 32.57 -15.02
N VAL D 168 9.91 32.75 -13.68
CA VAL D 168 8.88 32.32 -12.75
C VAL D 168 8.28 33.56 -12.08
N VAL D 169 7.11 33.99 -12.54
CA VAL D 169 6.45 35.18 -12.01
C VAL D 169 6.02 35.12 -10.53
N LEU D 170 5.52 33.97 -10.07
CA LEU D 170 5.12 33.78 -8.66
C LEU D 170 4.18 34.83 -8.04
N VAL D 171 3.04 35.09 -8.68
CA VAL D 171 2.09 36.09 -8.19
C VAL D 171 1.50 35.77 -6.79
N GLY D 172 1.34 36.80 -5.93
CA GLY D 172 0.80 36.61 -4.60
C GLY D 172 0.22 37.87 -3.95
N THR D 173 -0.36 37.69 -2.77
CA THR D 173 -0.98 38.74 -1.98
C THR D 173 0.08 39.37 -1.05
N ASP D 174 -0.31 40.32 -0.20
CA ASP D 174 0.63 40.97 0.71
C ASP D 174 1.32 39.99 1.68
N ARG D 175 0.60 38.97 2.12
CA ARG D 175 1.13 37.98 3.05
C ARG D 175 2.36 37.24 2.49
N LEU D 176 2.35 36.95 1.19
CA LEU D 176 3.46 36.26 0.51
C LEU D 176 4.84 36.79 0.90
N ASP D 177 4.97 38.11 0.97
CA ASP D 177 6.26 38.76 1.36
C ASP D 177 6.71 38.23 2.72
N ALA D 178 5.76 37.98 3.63
CA ALA D 178 6.09 37.40 4.96
C ALA D 178 6.65 35.99 4.79
N VAL D 179 6.16 35.25 3.79
CA VAL D 179 6.65 33.86 3.51
C VAL D 179 8.01 33.92 2.82
N ILE D 180 8.15 34.79 1.81
CA ILE D 180 9.40 34.88 0.99
C ILE D 180 10.60 35.21 1.89
N LYS D 181 10.43 36.17 2.81
CA LYS D 181 11.54 36.67 3.66
C LYS D 181 11.99 35.58 4.65
N ARG D 182 11.36 34.42 4.67
CA ARG D 182 11.81 33.37 5.63
C ARG D 182 12.96 32.54 5.04
N ASP D 183 13.29 32.74 3.75
CA ASP D 183 14.33 31.94 3.07
C ASP D 183 15.25 32.86 2.26
N GLU D 184 16.53 32.94 2.64
CA GLU D 184 17.47 33.93 2.04
C GLU D 184 17.51 33.69 0.53
N GLN D 185 17.69 32.42 0.13
CA GLN D 185 17.97 32.04 -1.28
C GLN D 185 16.76 32.38 -2.16
N VAL D 186 15.54 32.22 -1.65
CA VAL D 186 14.31 32.63 -2.38
C VAL D 186 14.19 34.17 -2.43
N LEU D 187 14.35 34.83 -1.29
CA LEU D 187 14.29 36.33 -1.20
C LEU D 187 15.29 37.03 -2.12
N GLU D 188 16.51 36.49 -2.29
CA GLU D 188 17.55 37.18 -3.09
C GLU D 188 17.44 36.79 -4.58
N ARG D 189 16.51 35.91 -4.93
CA ARG D 189 16.28 35.53 -6.32
C ARG D 189 15.02 36.15 -6.95
N PHE D 190 14.10 36.63 -6.12
CA PHE D 190 12.84 37.21 -6.60
C PHE D 190 12.66 38.67 -6.18
N ARG D 191 13.75 39.42 -6.10
CA ARG D 191 13.69 40.81 -5.64
C ARG D 191 12.86 41.80 -6.47
N ALA D 192 12.94 41.74 -7.80
CA ALA D 192 12.18 42.67 -8.64
C ALA D 192 10.68 42.48 -8.43
N HIS D 193 9.91 43.56 -8.31
CA HIS D 193 8.45 43.40 -8.09
C HIS D 193 7.59 44.44 -8.81
N LEU D 194 6.33 44.12 -9.11
CA LEU D 194 5.35 45.13 -9.59
C LEU D 194 4.29 45.25 -8.50
N ARG D 195 3.88 46.47 -8.16
CA ARG D 195 2.89 46.65 -7.11
C ARG D 195 1.49 46.91 -7.68
N PHE D 196 0.70 45.85 -7.84
CA PHE D 196 -0.65 46.01 -8.34
C PHE D 196 -1.42 46.83 -7.32
N GLY D 197 -2.22 47.79 -7.77
CA GLY D 197 -2.95 48.64 -6.84
C GLY D 197 -4.43 48.73 -7.11
N LYS D 198 -5.08 49.63 -6.37
CA LYS D 198 -6.55 49.86 -6.49
C LYS D 198 -6.81 51.16 -7.27
N LEU D 199 -8.09 51.44 -7.57
CA LEU D 199 -8.49 52.64 -8.33
C LEU D 199 -8.86 53.80 -7.40
N SER D 200 -8.58 55.03 -7.85
CA SER D 200 -8.99 56.27 -7.16
C SER D 200 -9.08 57.41 -8.17
N GLY D 201 -9.78 58.50 -7.82
CA GLY D 201 -9.83 59.70 -8.69
C GLY D 201 -10.53 59.43 -10.01
N GLU D 202 -10.12 60.14 -11.07
CA GLU D 202 -10.70 60.07 -12.44
C GLU D 202 -10.71 58.63 -12.98
N ASP D 203 -9.66 57.86 -12.67
CA ASP D 203 -9.55 56.47 -13.18
C ASP D 203 -10.79 55.68 -12.79
N PHE D 204 -11.31 55.93 -11.58
CA PHE D 204 -12.52 55.25 -11.06
C PHE D 204 -13.75 55.71 -11.85
N LYS D 205 -13.93 57.03 -11.99
CA LYS D 205 -15.08 57.60 -12.75
C LYS D 205 -15.08 57.05 -14.18
N ASN D 206 -13.93 57.04 -14.84
CA ASN D 206 -13.82 56.54 -16.24
C ASN D 206 -14.14 55.04 -16.27
N THR D 207 -13.70 54.29 -15.26
CA THR D 207 -13.98 52.84 -15.15
C THR D 207 -15.50 52.61 -15.02
N VAL D 208 -16.19 53.43 -14.23
CA VAL D 208 -17.67 53.29 -14.08
C VAL D 208 -18.33 53.55 -15.44
N GLU D 209 -17.88 54.57 -16.16
CA GLU D 209 -18.45 54.89 -17.49
C GLU D 209 -18.22 53.70 -18.43
N MET D 210 -16.99 53.17 -18.43
CA MET D 210 -16.64 51.98 -19.24
C MET D 210 -17.54 50.81 -18.82
N TRP D 211 -17.69 50.61 -17.51
CA TRP D 211 -18.52 49.49 -16.97
C TRP D 211 -19.96 49.51 -17.49
N GLU D 212 -20.63 50.66 -17.38
CA GLU D 212 -22.01 50.75 -17.83
C GLU D 212 -22.17 50.32 -19.29
N GLN D 213 -21.44 50.96 -20.19
CA GLN D 213 -21.54 50.67 -21.62
C GLN D 213 -21.15 49.26 -22.08
N MET D 214 -20.04 48.72 -21.58
CA MET D 214 -19.61 47.40 -22.03
C MET D 214 -20.20 46.21 -21.26
N VAL D 215 -20.08 46.26 -19.94
CA VAL D 215 -20.58 45.18 -19.08
C VAL D 215 -22.10 45.04 -19.05
N LEU D 216 -22.80 46.18 -19.06
CA LEU D 216 -24.26 46.18 -18.97
C LEU D 216 -24.97 46.44 -20.31
N LYS D 217 -25.99 45.63 -20.63
CA LYS D 217 -26.74 45.79 -21.87
C LYS D 217 -28.19 46.17 -21.58
N LEU D 218 -28.42 46.83 -20.46
CA LEU D 218 -29.76 47.19 -20.03
C LEU D 218 -30.50 48.06 -21.07
N PRO D 219 -31.80 47.78 -21.30
CA PRO D 219 -32.57 48.56 -22.28
C PRO D 219 -32.46 50.09 -22.12
N VAL D 220 -32.47 50.59 -20.90
CA VAL D 220 -32.40 52.07 -20.67
C VAL D 220 -31.16 52.35 -19.82
N SER D 221 -30.39 53.37 -20.23
CA SER D 221 -29.16 53.86 -19.56
C SER D 221 -29.42 54.31 -18.11
N SER D 222 -28.46 54.00 -17.23
CA SER D 222 -28.54 54.34 -15.78
C SER D 222 -27.77 55.63 -15.47
N ASN D 223 -26.84 56.04 -16.34
CA ASN D 223 -26.07 57.29 -16.12
C ASN D 223 -25.31 57.21 -14.78
N LEU D 224 -24.59 56.10 -14.57
CA LEU D 224 -23.90 55.82 -13.28
C LEU D 224 -22.74 56.80 -13.03
N LYS D 225 -22.34 57.55 -14.05
CA LYS D 225 -21.21 58.51 -13.93
C LYS D 225 -21.68 59.72 -13.11
N SER D 226 -22.99 59.97 -13.06
CA SER D 226 -23.55 61.12 -12.33
C SER D 226 -23.07 61.16 -10.88
N LYS D 227 -22.78 62.36 -10.37
CA LYS D 227 -22.24 62.53 -9.02
C LYS D 227 -23.11 62.00 -7.88
N GLU D 228 -24.42 62.20 -7.98
CA GLU D 228 -25.35 61.76 -6.95
C GLU D 228 -25.24 60.25 -6.65
N MET D 229 -24.96 59.46 -7.69
CA MET D 229 -24.86 57.98 -7.55
C MET D 229 -23.39 57.53 -7.50
N LEU D 230 -22.49 58.33 -8.11
CA LEU D 230 -21.03 58.04 -8.14
C LEU D 230 -20.45 58.11 -6.72
N ARG D 231 -20.96 59.02 -5.88
CA ARG D 231 -20.50 59.13 -4.47
C ARG D 231 -20.89 57.86 -3.73
N ILE D 232 -22.02 57.26 -4.13
CA ILE D 232 -22.54 56.01 -3.50
C ILE D 232 -21.66 54.83 -3.93
N LEU D 233 -21.39 54.74 -5.24
CA LEU D 233 -20.52 53.67 -5.80
C LEU D 233 -19.13 53.79 -5.19
N THR D 234 -18.64 55.03 -5.01
CA THR D 234 -17.32 55.29 -4.38
C THR D 234 -17.28 54.80 -2.94
N SER D 235 -18.31 55.11 -2.14
CA SER D 235 -18.33 54.72 -0.70
C SER D 235 -18.46 53.20 -0.60
N ALA D 236 -19.27 52.62 -1.49
CA ALA D 236 -19.56 51.16 -1.48
C ALA D 236 -18.34 50.39 -2.01
N THR D 237 -17.60 51.00 -2.95
CA THR D 237 -16.50 50.27 -3.67
C THR D 237 -15.13 50.45 -3.01
N GLU D 238 -14.81 51.66 -2.52
CA GLU D 238 -13.50 51.96 -1.88
C GLU D 238 -12.33 51.65 -2.84
N GLY D 239 -12.59 51.73 -4.15
CA GLY D 239 -11.55 51.57 -5.20
C GLY D 239 -11.26 50.13 -5.61
N TYR D 240 -11.96 49.15 -5.04
CA TYR D 240 -11.70 47.72 -5.37
C TYR D 240 -12.53 47.32 -6.58
N ILE D 241 -11.87 46.87 -7.67
CA ILE D 241 -12.61 46.58 -8.93
C ILE D 241 -13.54 45.41 -8.61
N GLY D 242 -13.14 44.50 -7.70
CA GLY D 242 -14.02 43.39 -7.30
C GLY D 242 -15.32 43.87 -6.69
N ARG D 243 -15.31 44.99 -5.96
CA ARG D 243 -16.59 45.38 -5.31
C ARG D 243 -17.46 46.08 -6.36
N LEU D 244 -16.85 46.92 -7.21
CA LEU D 244 -17.61 47.65 -8.26
C LEU D 244 -18.34 46.61 -9.08
N ASP D 245 -17.68 45.50 -9.39
CA ASP D 245 -18.31 44.42 -10.20
C ASP D 245 -19.50 43.80 -9.46
N GLU D 246 -19.36 43.55 -8.15
CA GLU D 246 -20.45 42.91 -7.36
C GLU D 246 -21.66 43.86 -7.23
N ILE D 247 -21.37 45.13 -6.90
CA ILE D 247 -22.41 46.13 -6.53
C ILE D 247 -23.30 46.32 -7.75
N LEU D 248 -22.67 46.58 -8.92
CA LEU D 248 -23.40 46.85 -10.18
C LEU D 248 -24.03 45.60 -10.81
N ARG D 249 -23.35 44.46 -10.73
CA ARG D 249 -23.87 43.16 -11.28
C ARG D 249 -25.10 42.66 -10.52
N GLU D 250 -25.09 42.74 -9.18
CA GLU D 250 -26.27 42.36 -8.37
C GLU D 250 -27.40 43.39 -8.54
N ALA D 251 -27.06 44.67 -8.54
CA ALA D 251 -28.06 45.76 -8.72
C ALA D 251 -28.79 45.61 -10.07
N ALA D 252 -28.06 45.24 -11.13
CA ALA D 252 -28.69 45.01 -12.46
C ALA D 252 -29.69 43.86 -12.41
N ILE D 253 -29.33 42.74 -11.77
CA ILE D 253 -30.25 41.56 -11.69
C ILE D 253 -31.45 41.92 -10.82
N ARG D 254 -31.20 42.54 -9.66
CA ARG D 254 -32.28 42.93 -8.71
C ARG D 254 -33.23 43.94 -9.36
N SER D 255 -32.70 44.85 -10.19
CA SER D 255 -33.52 45.87 -10.89
C SER D 255 -34.41 45.23 -11.95
N LEU D 256 -33.84 44.36 -12.80
CA LEU D 256 -34.58 43.69 -13.90
C LEU D 256 -35.67 42.81 -13.28
N SER D 257 -35.39 42.20 -12.13
CA SER D 257 -36.31 41.24 -11.48
C SER D 257 -37.56 41.98 -11.00
N ARG D 258 -37.47 43.32 -10.91
CA ARG D 258 -38.59 44.18 -10.46
C ARG D 258 -39.33 44.76 -11.67
N GLY D 259 -38.88 44.42 -12.89
CA GLY D 259 -39.48 44.92 -14.14
C GLY D 259 -38.93 46.28 -14.53
N LEU D 260 -37.78 46.67 -13.97
CA LEU D 260 -37.16 47.98 -14.32
C LEU D 260 -36.31 47.81 -15.58
N LYS D 261 -36.10 48.90 -16.33
CA LYS D 261 -35.24 48.86 -17.54
C LYS D 261 -33.87 49.47 -17.23
N LYS D 262 -33.68 49.95 -15.99
CA LYS D 262 -32.42 50.60 -15.58
C LYS D 262 -32.23 50.42 -14.07
N ILE D 263 -31.04 50.76 -13.55
CA ILE D 263 -30.80 50.68 -12.08
C ILE D 263 -31.19 52.02 -11.43
N ASP D 264 -32.13 51.97 -10.48
CA ASP D 264 -32.58 53.18 -9.74
C ASP D 264 -31.59 53.47 -8.61
N LYS D 265 -31.46 54.76 -8.24
CA LYS D 265 -30.60 55.15 -7.08
C LYS D 265 -30.99 54.31 -5.87
N ALA D 266 -32.31 54.07 -5.70
CA ALA D 266 -32.84 53.33 -4.53
C ALA D 266 -32.23 51.92 -4.49
N VAL D 267 -31.95 51.34 -5.66
CA VAL D 267 -31.42 49.95 -5.73
C VAL D 267 -29.95 49.96 -5.31
N LEU D 268 -29.20 50.95 -5.81
CA LEU D 268 -27.76 51.07 -5.48
C LEU D 268 -27.61 51.26 -3.97
N GLN D 269 -28.51 52.05 -3.37
CA GLN D 269 -28.48 52.32 -1.91
C GLN D 269 -28.84 51.02 -1.16
N GLU D 270 -29.89 50.34 -1.62
CA GLU D 270 -30.38 49.09 -0.97
C GLU D 270 -29.25 48.05 -0.98
N VAL D 271 -28.55 47.90 -2.10
CA VAL D 271 -27.42 46.92 -2.20
C VAL D 271 -26.25 47.39 -1.33
N ALA D 272 -25.91 48.68 -1.38
CA ALA D 272 -24.74 49.19 -0.63
C ALA D 272 -24.93 48.94 0.86
N LYS D 273 -26.17 49.02 1.34
CA LYS D 273 -26.48 48.87 2.80
C LYS D 273 -26.09 47.46 3.29
N GLU D 274 -25.96 46.50 2.37
CA GLU D 274 -25.68 45.10 2.74
C GLU D 274 -24.18 44.91 3.01
N TYR D 275 -23.36 45.90 2.65
CA TYR D 275 -21.90 45.81 2.79
C TYR D 275 -21.43 46.56 4.04
N GLU E 19 18.17 39.33 -38.00
CA GLU E 19 17.94 40.66 -37.38
C GLU E 19 19.04 40.92 -36.33
N TRP E 20 19.79 42.01 -36.50
CA TRP E 20 20.92 42.32 -35.58
C TRP E 20 20.41 42.44 -34.14
N LEU E 21 19.27 43.12 -33.95
CA LEU E 21 18.73 43.38 -32.59
C LEU E 21 18.47 42.06 -31.88
N GLN E 22 17.83 41.10 -32.58
CA GLN E 22 17.47 39.80 -31.96
C GLN E 22 18.74 38.98 -31.68
N ALA E 23 19.75 39.09 -32.55
CA ALA E 23 21.02 38.36 -32.34
C ALA E 23 21.67 38.80 -31.03
N GLU E 24 21.65 40.12 -30.77
CA GLU E 24 22.26 40.71 -29.56
C GLU E 24 21.43 40.35 -28.32
N ILE E 25 20.10 40.37 -28.44
CA ILE E 25 19.21 39.98 -27.30
C ILE E 25 19.41 38.50 -26.98
N ALA E 26 19.47 37.63 -28.00
CA ALA E 26 19.68 36.18 -27.76
C ALA E 26 21.02 35.97 -27.06
N ARG E 27 22.03 36.80 -27.37
CA ARG E 27 23.34 36.75 -26.68
C ARG E 27 23.22 37.29 -25.24
N LEU E 28 22.62 38.47 -25.08
CA LEU E 28 22.62 39.17 -23.76
C LEU E 28 21.88 38.35 -22.71
N LYS E 29 20.82 37.64 -23.13
CA LYS E 29 19.95 36.89 -22.20
C LYS E 29 20.71 35.66 -21.69
N GLY E 30 21.85 35.35 -22.33
CA GLY E 30 22.67 34.17 -21.98
C GLY E 30 23.58 34.45 -20.80
N LYS E 31 24.43 33.48 -20.44
CA LYS E 31 25.33 33.62 -19.27
C LYS E 31 26.78 33.36 -19.69
N SER E 32 27.73 33.87 -18.92
CA SER E 32 29.18 33.59 -19.15
C SER E 32 29.94 33.72 -17.84
N ILE E 33 31.19 33.25 -17.82
CA ILE E 33 32.05 33.29 -16.59
C ILE E 33 33.06 34.43 -16.75
N VAL E 34 33.07 35.37 -15.79
CA VAL E 34 34.05 36.49 -15.81
C VAL E 34 35.13 36.22 -14.76
N PRO E 35 36.43 36.26 -15.11
CA PRO E 35 37.50 36.06 -14.12
C PRO E 35 37.39 37.12 -13.03
N LEU E 36 37.50 36.71 -11.75
CA LEU E 36 37.46 37.65 -10.61
C LEU E 36 38.47 37.21 -9.55
N GLN E 37 38.88 38.14 -8.69
CA GLN E 37 39.88 37.85 -7.61
C GLN E 37 39.33 36.75 -6.70
N GLN E 38 38.02 36.77 -6.42
CA GLN E 38 37.38 35.80 -5.50
C GLN E 38 37.41 34.39 -6.10
N VAL E 39 37.31 34.29 -7.43
CA VAL E 39 37.26 32.97 -8.11
C VAL E 39 38.66 32.34 -8.08
N LYS E 40 39.68 33.12 -8.43
CA LYS E 40 41.09 32.64 -8.40
C LYS E 40 41.45 32.20 -6.97
N THR E 41 41.05 33.00 -5.97
CA THR E 41 41.34 32.70 -4.55
C THR E 41 40.80 31.32 -4.17
N LEU E 42 39.56 31.02 -4.55
CA LEU E 42 38.92 29.71 -4.24
C LEU E 42 39.69 28.59 -4.94
N HIS E 43 40.05 28.79 -6.22
CA HIS E 43 40.69 27.73 -7.04
C HIS E 43 42.05 27.34 -6.42
N ASP E 44 42.81 28.32 -5.97
CA ASP E 44 44.15 28.07 -5.37
C ASP E 44 43.97 27.33 -4.02
N TRP E 45 42.95 27.73 -3.26
CA TRP E 45 42.61 27.13 -1.94
C TRP E 45 42.17 25.68 -2.11
N LEU E 46 41.28 25.42 -3.06
CA LEU E 46 40.75 24.05 -3.30
C LEU E 46 41.92 23.15 -3.74
N ASP E 47 42.82 23.71 -4.56
CA ASP E 47 44.01 22.98 -5.08
C ASP E 47 44.87 22.48 -3.91
N GLY E 48 45.05 23.30 -2.88
CA GLY E 48 45.74 22.86 -1.65
C GLY E 48 45.03 21.72 -0.97
N LYS E 49 43.71 21.84 -0.77
CA LYS E 49 42.94 20.77 -0.08
C LYS E 49 42.97 19.48 -0.92
N ARG E 50 42.98 19.61 -2.24
CA ARG E 50 43.02 18.44 -3.16
C ARG E 50 44.30 17.65 -2.94
N LYS E 51 45.45 18.34 -2.88
CA LYS E 51 46.77 17.66 -2.78
C LYS E 51 46.87 16.97 -1.41
N ALA E 52 46.36 17.63 -0.37
CA ALA E 52 46.44 17.19 1.04
C ALA E 52 45.34 16.18 1.36
N ARG E 53 44.38 16.02 0.43
CA ARG E 53 43.15 15.19 0.61
C ARG E 53 42.42 15.64 1.89
N LYS E 54 42.28 16.93 2.12
CA LYS E 54 41.66 17.40 3.36
C LYS E 54 40.24 17.95 3.20
N SER E 55 39.32 17.58 4.10
CA SER E 55 37.96 18.08 4.05
C SER E 55 37.98 19.56 4.47
N CYS E 56 37.04 20.34 3.95
CA CYS E 56 36.98 21.76 4.22
C CYS E 56 35.53 22.23 4.03
N ARG E 57 35.25 23.52 4.21
CA ARG E 57 33.91 24.05 4.01
C ARG E 57 33.95 25.33 3.16
N VAL E 58 32.92 25.55 2.34
CA VAL E 58 32.83 26.75 1.52
C VAL E 58 31.48 27.40 1.91
N VAL E 59 31.51 28.52 2.62
CA VAL E 59 30.25 29.15 3.11
C VAL E 59 30.30 30.64 2.74
N GLY E 60 29.16 31.17 2.31
CA GLY E 60 29.03 32.60 1.99
C GLY E 60 27.58 32.97 1.82
N GLU E 61 27.32 34.22 1.42
CA GLU E 61 25.92 34.73 1.26
C GLU E 61 25.40 34.35 -0.13
N SER E 62 24.07 34.38 -0.30
CA SER E 62 23.44 34.16 -1.63
C SER E 62 23.83 35.24 -2.65
N ARG E 63 23.87 34.84 -3.93
CA ARG E 63 24.17 35.71 -5.11
C ARG E 63 25.59 36.29 -5.07
N THR E 64 26.52 35.62 -4.37
CA THR E 64 27.92 36.12 -4.29
C THR E 64 28.77 35.43 -5.36
N GLY E 65 28.21 34.39 -5.99
CA GLY E 65 28.82 33.74 -7.17
C GLY E 65 29.58 32.50 -6.74
N LYS E 66 29.18 31.92 -5.60
CA LYS E 66 29.74 30.64 -5.08
C LYS E 66 29.56 29.50 -6.09
N THR E 67 28.35 29.25 -6.60
CA THR E 67 28.21 28.06 -7.49
C THR E 67 29.06 28.19 -8.77
N VAL E 68 29.08 29.39 -9.36
CA VAL E 68 29.78 29.64 -10.65
C VAL E 68 31.28 29.37 -10.50
N ALA E 69 31.88 29.81 -9.39
CA ALA E 69 33.32 29.56 -9.14
C ALA E 69 33.59 28.05 -9.11
N CYS E 70 32.66 27.27 -8.55
CA CYS E 70 32.83 25.79 -8.48
C CYS E 70 32.78 25.17 -9.89
N ASP E 71 31.86 25.65 -10.74
CA ASP E 71 31.79 25.17 -12.15
C ASP E 71 33.12 25.46 -12.86
N ALA E 72 33.66 26.68 -12.68
CA ALA E 72 34.91 27.10 -13.35
C ALA E 72 36.06 26.16 -12.96
N TYR E 73 36.10 25.76 -11.68
CA TYR E 73 37.12 24.83 -11.15
C TYR E 73 37.08 23.47 -11.88
N ARG E 74 35.88 22.91 -12.04
CA ARG E 74 35.70 21.63 -12.77
C ARG E 74 36.29 21.76 -14.18
N TYR E 75 36.08 22.87 -14.86
CA TYR E 75 36.58 23.03 -16.22
C TYR E 75 38.08 23.25 -16.26
N ARG E 76 38.65 23.74 -15.16
CA ARG E 76 40.08 23.96 -15.06
C ARG E 76 40.83 22.63 -15.16
N HIS E 77 40.28 21.59 -14.54
CA HIS E 77 40.88 20.26 -14.55
C HIS E 77 39.88 19.27 -15.14
N LYS E 78 39.87 19.18 -16.47
CA LYS E 78 38.98 18.30 -17.20
C LYS E 78 39.42 16.83 -17.11
N PRO E 79 38.48 15.89 -17.36
CA PRO E 79 38.86 14.47 -17.34
C PRO E 79 39.95 14.18 -18.36
N GLN E 80 40.94 13.35 -18.02
CA GLN E 80 42.01 13.06 -18.96
C GLN E 80 42.08 11.58 -19.37
N GLN E 81 41.49 11.22 -20.51
CA GLN E 81 41.54 9.84 -20.95
C GLN E 81 42.39 9.69 -22.23
N GLU E 82 43.50 8.93 -22.16
CA GLU E 82 44.34 8.71 -23.32
C GLU E 82 44.48 7.22 -23.66
N ALA E 83 43.59 6.39 -23.11
CA ALA E 83 43.68 4.95 -23.30
C ALA E 83 42.31 4.27 -23.18
N GLY E 84 42.28 2.95 -23.44
CA GLY E 84 41.07 2.13 -23.34
C GLY E 84 40.37 1.94 -21.99
N ARG E 85 40.97 2.34 -20.87
CA ARG E 85 40.33 2.25 -19.53
C ARG E 85 39.31 3.38 -19.36
N PRO E 86 38.41 3.32 -18.35
CA PRO E 86 37.44 4.38 -18.10
C PRO E 86 38.13 5.75 -17.94
N PRO E 87 37.44 6.84 -18.27
CA PRO E 87 38.15 8.11 -18.18
C PRO E 87 38.50 8.50 -16.76
N THR E 88 39.62 9.20 -16.58
CA THR E 88 40.03 9.60 -15.25
C THR E 88 39.43 10.98 -14.98
N VAL E 89 38.40 11.04 -14.15
CA VAL E 89 37.78 12.30 -13.80
C VAL E 89 38.35 12.64 -12.45
N PRO E 90 39.21 13.68 -12.40
CA PRO E 90 39.78 13.92 -11.06
C PRO E 90 38.82 14.58 -10.06
N VAL E 91 37.88 15.38 -10.56
CA VAL E 91 36.95 16.09 -9.69
C VAL E 91 35.47 15.78 -10.01
N VAL E 92 34.67 15.50 -8.99
CA VAL E 92 33.21 15.22 -9.20
C VAL E 92 32.40 16.38 -8.59
N TYR E 93 31.49 16.96 -9.37
CA TYR E 93 30.62 18.03 -8.85
C TYR E 93 29.16 17.59 -8.99
N ILE E 94 28.43 17.58 -7.87
CA ILE E 94 26.98 17.19 -7.87
C ILE E 94 26.21 18.25 -7.06
N ARG E 95 24.91 18.40 -7.36
CA ARG E 95 24.00 19.24 -6.54
C ARG E 95 22.76 18.42 -6.16
N PRO E 96 22.67 17.90 -4.92
CA PRO E 96 21.55 17.06 -4.49
C PRO E 96 20.17 17.72 -4.61
N HIS E 97 19.14 16.91 -4.90
CA HIS E 97 17.73 17.37 -4.96
C HIS E 97 17.22 17.61 -3.54
N GLN E 98 15.98 18.08 -3.41
CA GLN E 98 15.44 18.40 -2.07
C GLN E 98 15.21 17.15 -1.23
N LYS E 99 15.54 17.22 0.06
CA LYS E 99 15.39 16.08 0.99
C LYS E 99 16.00 14.85 0.33
N CYS E 100 17.23 15.01 -0.18
CA CYS E 100 18.02 13.92 -0.80
C CYS E 100 18.32 12.81 0.22
N GLY E 101 17.99 11.58 -0.15
CA GLY E 101 18.15 10.37 0.67
C GLY E 101 19.38 9.62 0.22
N PRO E 102 19.77 8.50 0.87
CA PRO E 102 20.95 7.76 0.44
C PRO E 102 20.94 7.03 -0.91
N LYS E 103 19.79 6.74 -1.52
CA LYS E 103 19.75 6.11 -2.88
C LYS E 103 20.03 7.15 -3.98
N ASP E 104 19.62 8.40 -3.71
CA ASP E 104 19.67 9.55 -4.65
C ASP E 104 21.09 10.10 -4.74
N LEU E 105 21.80 10.18 -3.62
CA LEU E 105 23.21 10.67 -3.56
C LEU E 105 24.08 9.74 -4.41
N PHE E 106 23.91 8.43 -4.25
CA PHE E 106 24.72 7.41 -4.96
C PHE E 106 24.39 7.43 -6.46
N LYS E 107 23.09 7.53 -6.79
CA LYS E 107 22.63 7.55 -8.21
C LYS E 107 23.32 8.69 -8.96
N LYS E 108 23.28 9.89 -8.38
CA LYS E 108 23.78 11.13 -9.04
C LYS E 108 25.31 11.08 -9.18
N ILE E 109 26.02 10.51 -8.21
CA ILE E 109 27.51 10.38 -8.32
C ILE E 109 27.86 9.46 -9.49
N THR E 110 27.15 8.32 -9.55
CA THR E 110 27.35 7.26 -10.57
C THR E 110 27.04 7.81 -11.97
N GLU E 111 25.94 8.55 -12.14
CA GLU E 111 25.56 9.09 -13.47
C GLU E 111 26.61 10.11 -13.94
N TYR E 112 27.18 10.87 -13.00
CA TYR E 112 28.20 11.87 -13.33
C TYR E 112 29.50 11.30 -13.89
N LEU E 113 29.74 10.01 -13.67
CA LEU E 113 30.90 9.31 -14.23
C LEU E 113 30.54 8.42 -15.43
N LYS E 114 29.48 8.76 -16.17
CA LYS E 114 29.02 8.03 -17.35
C LYS E 114 28.72 6.55 -17.13
N TYR E 115 28.07 6.23 -16.01
CA TYR E 115 27.70 4.86 -15.71
C TYR E 115 26.18 4.79 -15.55
N ARG E 116 25.54 3.75 -16.08
CA ARG E 116 24.06 3.62 -15.98
C ARG E 116 23.78 2.90 -14.64
N VAL E 117 22.77 3.35 -13.89
CA VAL E 117 22.41 2.63 -12.63
C VAL E 117 21.33 1.59 -12.90
N THR E 118 21.57 0.34 -12.49
CA THR E 118 20.63 -0.79 -12.72
C THR E 118 19.61 -0.80 -11.58
N LYS E 119 18.50 -1.54 -11.73
CA LYS E 119 17.51 -1.61 -10.63
C LYS E 119 18.13 -2.40 -9.47
N GLY E 120 17.91 -1.94 -8.24
CA GLY E 120 18.42 -2.62 -7.04
C GLY E 120 18.19 -1.77 -5.79
N THR E 121 18.74 -2.21 -4.66
CA THR E 121 18.61 -1.49 -3.35
C THR E 121 19.85 -0.64 -3.05
N VAL E 122 19.78 0.18 -2.00
CA VAL E 122 20.89 1.03 -1.55
C VAL E 122 22.24 0.33 -1.53
N SER E 123 22.33 -0.79 -0.83
CA SER E 123 23.55 -1.58 -0.70
C SER E 123 24.14 -2.17 -1.98
N ASP E 124 23.28 -2.60 -2.90
CA ASP E 124 23.71 -3.23 -4.14
C ASP E 124 24.52 -2.28 -5.01
N PHE E 125 24.06 -1.03 -5.15
CA PHE E 125 24.84 -0.10 -5.95
C PHE E 125 25.72 0.83 -5.12
N ARG E 126 25.70 0.66 -3.80
CA ARG E 126 26.61 1.41 -2.92
C ARG E 126 28.02 0.94 -3.26
N ASP E 127 28.18 -0.38 -3.40
CA ASP E 127 29.44 -0.99 -3.78
C ASP E 127 29.78 -0.53 -5.20
N ARG E 128 28.76 -0.51 -6.06
CA ARG E 128 28.95 -0.04 -7.42
C ARG E 128 29.45 1.38 -7.35
N THR E 129 28.87 2.21 -6.48
CA THR E 129 29.41 3.60 -6.35
C THR E 129 30.89 3.53 -5.96
N ILE E 130 31.23 2.68 -4.98
CA ILE E 130 32.65 2.53 -4.52
C ILE E 130 33.52 2.05 -5.69
N GLU E 131 33.00 1.07 -6.43
CA GLU E 131 33.65 0.47 -7.58
C GLU E 131 33.94 1.52 -8.63
N VAL E 132 32.93 2.30 -8.98
CA VAL E 132 33.09 3.39 -9.96
C VAL E 132 34.01 4.48 -9.40
N LEU E 133 33.95 4.72 -8.09
CA LEU E 133 34.81 5.71 -7.44
C LEU E 133 36.28 5.31 -7.61
N LYS E 134 36.58 4.02 -7.48
CA LYS E 134 37.93 3.50 -7.71
C LYS E 134 38.21 3.47 -9.22
N GLY E 135 39.47 3.47 -9.65
CA GLY E 135 39.79 3.53 -11.07
C GLY E 135 39.79 4.96 -11.61
N CYS E 136 38.65 5.66 -11.55
CA CYS E 136 38.58 7.08 -11.88
C CYS E 136 39.31 7.80 -10.75
N GLY E 137 39.93 8.94 -11.03
CA GLY E 137 40.75 9.56 -10.01
C GLY E 137 39.99 9.98 -8.78
N VAL E 138 38.89 10.70 -8.98
CA VAL E 138 38.02 11.15 -7.89
C VAL E 138 38.79 11.80 -6.73
N GLU E 139 39.72 12.70 -7.06
CA GLU E 139 40.53 13.35 -6.04
C GLU E 139 39.67 14.17 -5.11
N MET E 140 38.68 14.85 -5.66
CA MET E 140 37.81 15.67 -4.85
C MET E 140 36.32 15.58 -5.24
N LEU E 141 35.43 15.53 -4.25
CA LEU E 141 33.96 15.52 -4.49
C LEU E 141 33.39 16.83 -3.96
N ILE E 142 32.77 17.63 -4.84
CA ILE E 142 32.14 18.93 -4.41
C ILE E 142 30.62 18.76 -4.33
N ILE E 143 30.04 18.81 -3.14
CA ILE E 143 28.60 18.68 -2.99
C ILE E 143 27.97 20.05 -2.77
N ASP E 144 27.54 20.71 -3.85
CA ASP E 144 26.93 22.02 -3.76
C ASP E 144 25.59 21.95 -3.03
N GLU E 145 25.23 23.01 -2.31
CA GLU E 145 23.97 23.05 -1.56
C GLU E 145 23.82 21.83 -0.65
N ALA E 146 24.81 21.65 0.22
CA ALA E 146 24.87 20.54 1.17
C ALA E 146 23.72 20.52 2.19
N ASP E 147 23.14 21.67 2.50
CA ASP E 147 22.03 21.77 3.45
C ASP E 147 20.83 20.94 3.02
N ARG E 148 20.54 20.86 1.73
CA ARG E 148 19.42 20.06 1.25
C ARG E 148 19.89 18.62 1.15
N LEU E 149 19.85 17.92 2.29
CA LEU E 149 20.25 16.54 2.41
C LEU E 149 19.60 15.99 3.67
N LYS E 150 19.20 14.73 3.68
CA LYS E 150 18.57 14.16 4.90
C LYS E 150 19.78 13.97 5.83
N PRO E 151 19.66 14.26 7.14
CA PRO E 151 20.76 14.05 8.10
C PRO E 151 21.36 12.63 8.03
N GLU E 152 20.56 11.63 7.68
CA GLU E 152 21.00 10.21 7.69
C GLU E 152 22.07 10.00 6.61
N THR E 153 22.10 10.87 5.59
CA THR E 153 22.97 10.65 4.41
C THR E 153 24.41 11.08 4.70
N PHE E 154 24.59 11.88 5.77
CA PHE E 154 25.93 12.41 6.13
C PHE E 154 26.83 11.25 6.57
N ALA E 155 26.23 10.15 7.04
CA ALA E 155 26.95 8.89 7.32
C ALA E 155 27.62 8.29 6.07
N ASP E 156 26.97 8.40 4.91
CA ASP E 156 27.49 7.77 3.67
C ASP E 156 28.59 8.66 3.09
N VAL E 157 28.43 9.97 3.29
CA VAL E 157 29.44 11.01 2.93
C VAL E 157 30.69 10.80 3.79
N ARG E 158 30.54 10.59 5.10
CA ARG E 158 31.75 10.41 5.97
C ARG E 158 32.49 9.13 5.57
N ASP E 159 31.71 8.08 5.27
CA ASP E 159 32.24 6.74 4.88
C ASP E 159 33.13 6.90 3.65
N ILE E 160 32.65 7.65 2.65
CA ILE E 160 33.40 7.90 1.39
C ILE E 160 34.70 8.64 1.76
N ALA E 161 34.54 9.71 2.54
CA ALA E 161 35.67 10.61 2.90
C ALA E 161 36.68 9.80 3.72
N GLU E 162 36.20 8.86 4.53
CA GLU E 162 37.06 8.08 5.48
C GLU E 162 37.75 6.92 4.76
N ASP E 163 36.99 6.13 3.99
CA ASP E 163 37.45 4.86 3.37
C ASP E 163 38.37 5.14 2.16
N LEU E 164 38.04 6.17 1.38
CA LEU E 164 38.75 6.49 0.12
C LEU E 164 39.55 7.79 0.29
N GLY E 165 40.69 7.89 -0.42
CA GLY E 165 41.55 9.09 -0.39
C GLY E 165 40.91 10.24 -1.15
N ILE E 166 39.70 10.64 -0.71
CA ILE E 166 38.88 11.67 -1.42
C ILE E 166 38.54 12.83 -0.48
N ALA E 167 38.74 14.06 -0.96
CA ALA E 167 38.29 15.29 -0.25
C ALA E 167 36.87 15.65 -0.65
N VAL E 168 36.04 16.11 0.31
CA VAL E 168 34.65 16.50 0.04
C VAL E 168 34.44 17.97 0.45
N VAL E 169 34.25 18.87 -0.51
CA VAL E 169 34.08 20.31 -0.25
C VAL E 169 32.87 20.83 0.55
N LEU E 170 31.68 20.28 0.35
CA LEU E 170 30.45 20.71 1.06
C LEU E 170 30.12 22.22 0.95
N VAL E 171 30.14 22.76 -0.27
CA VAL E 171 29.84 24.18 -0.48
C VAL E 171 28.42 24.58 -0.07
N GLY E 172 28.25 25.70 0.64
CA GLY E 172 26.93 26.14 1.05
C GLY E 172 26.78 27.53 1.63
N THR E 173 25.52 27.89 1.89
CA THR E 173 25.12 29.17 2.46
C THR E 173 25.24 29.16 4.01
N ASP E 174 24.92 30.28 4.65
CA ASP E 174 25.01 30.42 6.12
C ASP E 174 24.17 29.40 6.89
N ARG E 175 23.01 29.04 6.35
CA ARG E 175 22.11 28.04 6.96
C ARG E 175 22.73 26.64 7.14
N LEU E 176 23.68 26.27 6.28
CA LEU E 176 24.40 24.96 6.35
C LEU E 176 25.04 24.77 7.73
N ASP E 177 25.63 25.83 8.29
CA ASP E 177 26.31 25.78 9.62
C ASP E 177 25.31 25.36 10.71
N ALA E 178 24.07 25.82 10.60
CA ALA E 178 23.00 25.42 11.56
C ALA E 178 22.74 23.92 11.45
N VAL E 179 22.84 23.36 10.24
CA VAL E 179 22.62 21.91 10.00
C VAL E 179 23.84 21.12 10.49
N ILE E 180 25.05 21.57 10.14
CA ILE E 180 26.31 20.86 10.47
C ILE E 180 26.45 20.68 11.99
N LYS E 181 26.16 21.74 12.76
CA LYS E 181 26.36 21.74 14.23
C LYS E 181 25.37 20.79 14.91
N ARG E 182 24.47 20.16 14.18
CA ARG E 182 23.51 19.23 14.85
C ARG E 182 24.12 17.83 15.01
N ASP E 183 25.31 17.58 14.43
CA ASP E 183 25.94 16.24 14.47
C ASP E 183 27.43 16.38 14.79
N GLU E 184 27.85 15.86 15.96
CA GLU E 184 29.24 16.09 16.46
C GLU E 184 30.22 15.57 15.41
N GLN E 185 29.98 14.35 14.92
CA GLN E 185 30.95 13.62 14.06
C GLN E 185 31.13 14.35 12.73
N VAL E 186 30.06 14.95 12.20
CA VAL E 186 30.16 15.79 10.97
C VAL E 186 30.87 17.12 11.26
N LEU E 187 30.49 17.81 12.34
CA LEU E 187 31.10 19.08 12.69
C LEU E 187 32.62 19.02 12.79
N GLU E 188 33.13 18.05 13.53
CA GLU E 188 34.58 17.89 13.72
C GLU E 188 35.35 17.60 12.43
N ARG E 189 34.77 16.74 11.59
CA ARG E 189 35.39 16.36 10.33
C ARG E 189 35.56 17.50 9.33
N PHE E 190 34.59 18.40 9.30
CA PHE E 190 34.55 19.51 8.35
C PHE E 190 34.88 20.91 8.91
N ARG E 191 35.72 20.99 9.94
CA ARG E 191 36.04 22.29 10.56
C ARG E 191 36.68 23.38 9.70
N ALA E 192 37.66 23.05 8.85
CA ALA E 192 38.32 24.07 8.02
C ALA E 192 37.33 24.73 7.08
N HIS E 193 37.38 26.06 6.92
CA HIS E 193 36.38 26.71 6.02
C HIS E 193 36.97 27.89 5.23
N LEU E 194 36.39 28.22 4.07
CA LEU E 194 36.71 29.47 3.34
C LEU E 194 35.45 30.34 3.38
N ARG E 195 35.58 31.63 3.66
CA ARG E 195 34.42 32.50 3.74
C ARG E 195 34.23 33.32 2.47
N PHE E 196 33.44 32.81 1.53
CA PHE E 196 33.18 33.55 0.30
C PHE E 196 32.45 34.83 0.69
N GLY E 197 32.82 35.96 0.09
CA GLY E 197 32.19 37.22 0.45
C GLY E 197 31.68 38.02 -0.72
N LYS E 198 31.24 39.24 -0.42
CA LYS E 198 30.69 40.16 -1.46
C LYS E 198 31.74 41.23 -1.80
N LEU E 199 31.43 42.07 -2.81
CA LEU E 199 32.35 43.13 -3.28
C LEU E 199 32.06 44.47 -2.58
N SER E 200 33.11 45.28 -2.36
CA SER E 200 33.00 46.66 -1.84
C SER E 200 34.22 47.46 -2.27
N GLY E 201 34.14 48.79 -2.23
CA GLY E 201 35.31 49.65 -2.53
C GLY E 201 35.76 49.54 -3.96
N GLU E 202 37.07 49.72 -4.20
CA GLU E 202 37.72 49.70 -5.54
C GLU E 202 37.41 48.41 -6.30
N ASP E 203 37.35 47.28 -5.58
CA ASP E 203 37.12 45.95 -6.23
C ASP E 203 35.82 46.02 -7.04
N PHE E 204 34.80 46.73 -6.51
CA PHE E 204 33.49 46.88 -7.18
C PHE E 204 33.64 47.76 -8.43
N LYS E 205 34.29 48.92 -8.28
CA LYS E 205 34.51 49.85 -9.43
C LYS E 205 35.27 49.12 -10.55
N ASN E 206 36.33 48.38 -10.21
CA ASN E 206 37.15 47.64 -11.21
C ASN E 206 36.28 46.55 -11.86
N THR E 207 35.42 45.90 -11.06
CA THR E 207 34.51 44.85 -11.59
C THR E 207 33.53 45.46 -12.60
N VAL E 208 33.01 46.65 -12.32
CA VAL E 208 32.08 47.33 -13.28
C VAL E 208 32.83 47.63 -14.58
N GLU E 209 34.07 48.11 -14.47
CA GLU E 209 34.89 48.43 -15.68
C GLU E 209 35.10 47.13 -16.48
N MET E 210 35.49 46.06 -15.79
CA MET E 210 35.73 44.78 -16.43
C MET E 210 34.47 44.26 -17.09
N TRP E 211 33.34 44.47 -16.44
CA TRP E 211 32.06 43.99 -16.97
C TRP E 211 31.71 44.62 -18.30
N GLU E 212 31.90 45.93 -18.43
CA GLU E 212 31.57 46.60 -19.69
C GLU E 212 32.46 46.08 -20.82
N GLN E 213 33.75 45.95 -20.53
CA GLN E 213 34.74 45.50 -21.52
C GLN E 213 34.60 44.06 -22.02
N MET E 214 34.30 43.12 -21.13
CA MET E 214 34.20 41.71 -21.52
C MET E 214 32.77 41.22 -21.72
N VAL E 215 31.93 41.46 -20.71
CA VAL E 215 30.52 41.05 -20.78
C VAL E 215 29.64 41.80 -21.79
N LEU E 216 29.86 43.10 -21.93
CA LEU E 216 29.05 43.92 -22.82
C LEU E 216 29.73 44.26 -24.16
N LYS E 217 28.96 44.25 -25.24
CA LYS E 217 29.48 44.54 -26.58
C LYS E 217 28.64 45.59 -27.30
N LEU E 218 28.08 46.54 -26.56
CA LEU E 218 27.23 47.56 -27.15
C LEU E 218 28.01 48.39 -28.17
N PRO E 219 27.36 48.74 -29.30
CA PRO E 219 28.03 49.56 -30.32
C PRO E 219 28.71 50.81 -29.77
N VAL E 220 28.09 51.44 -28.78
CA VAL E 220 28.67 52.67 -28.18
C VAL E 220 28.83 52.44 -26.67
N SER E 221 30.00 52.81 -26.14
CA SER E 221 30.39 52.71 -24.71
C SER E 221 29.44 53.49 -23.79
N SER E 222 29.15 52.91 -22.62
CA SER E 222 28.24 53.51 -21.60
C SER E 222 29.03 54.25 -20.51
N ASN E 223 30.32 53.94 -20.36
CA ASN E 223 31.16 54.62 -19.33
C ASN E 223 30.55 54.42 -17.94
N LEU E 224 30.24 53.17 -17.58
CA LEU E 224 29.53 52.82 -16.33
C LEU E 224 30.42 53.07 -15.10
N LYS E 225 31.71 53.32 -15.31
CA LYS E 225 32.67 53.55 -14.19
C LYS E 225 32.42 54.96 -13.63
N SER E 226 31.84 55.86 -14.44
CA SER E 226 31.58 57.24 -14.05
C SER E 226 30.82 57.34 -12.72
N LYS E 227 31.14 58.34 -11.90
CA LYS E 227 30.53 58.51 -10.58
C LYS E 227 29.02 58.71 -10.57
N GLU E 228 28.49 59.40 -11.56
CA GLU E 228 27.06 59.67 -11.60
C GLU E 228 26.25 58.38 -11.67
N MET E 229 26.71 57.41 -12.45
CA MET E 229 26.00 56.13 -12.57
C MET E 229 26.51 55.05 -11.62
N LEU E 230 27.76 55.17 -11.20
CA LEU E 230 28.40 54.17 -10.29
C LEU E 230 27.71 54.20 -8.92
N ARG E 231 27.29 55.38 -8.45
CA ARG E 231 26.58 55.50 -7.15
C ARG E 231 25.23 54.78 -7.27
N ILE E 232 24.66 54.80 -8.48
CA ILE E 232 23.35 54.15 -8.76
C ILE E 232 23.53 52.63 -8.76
N LEU E 233 24.57 52.16 -9.47
CA LEU E 233 24.90 50.71 -9.55
C LEU E 233 25.23 50.20 -8.14
N THR E 234 25.94 51.02 -7.36
CA THR E 234 26.30 50.67 -5.95
C THR E 234 25.05 50.51 -5.09
N SER E 235 24.10 51.46 -5.17
CA SER E 235 22.88 51.43 -4.33
C SER E 235 22.01 50.24 -4.76
N ALA E 236 21.95 50.00 -6.07
CA ALA E 236 21.10 48.94 -6.66
C ALA E 236 21.74 47.57 -6.39
N THR E 237 23.07 47.50 -6.35
CA THR E 237 23.80 46.20 -6.27
C THR E 237 24.12 45.76 -4.84
N GLU E 238 24.50 46.70 -3.97
CA GLU E 238 24.86 46.39 -2.55
C GLU E 238 25.99 45.36 -2.49
N GLY E 239 26.84 45.29 -3.52
CA GLY E 239 28.04 44.43 -3.56
C GLY E 239 27.80 43.01 -4.03
N TYR E 240 26.56 42.65 -4.38
CA TYR E 240 26.24 41.27 -4.81
C TYR E 240 26.49 41.12 -6.32
N ILE E 241 27.39 40.20 -6.72
CA ILE E 241 27.76 40.09 -8.15
C ILE E 241 26.50 39.67 -8.90
N GLY E 242 25.63 38.87 -8.26
CA GLY E 242 24.35 38.47 -8.90
C GLY E 242 23.48 39.67 -9.23
N ARG E 243 23.51 40.73 -8.44
CA ARG E 243 22.59 41.85 -8.77
C ARG E 243 23.22 42.68 -9.88
N LEU E 244 24.54 42.91 -9.81
CA LEU E 244 25.24 43.71 -10.85
C LEU E 244 24.96 43.06 -12.19
N ASP E 245 25.04 41.73 -12.25
CA ASP E 245 24.72 40.98 -13.49
C ASP E 245 23.30 41.33 -13.97
N GLU E 246 22.32 41.22 -13.09
CA GLU E 246 20.88 41.40 -13.47
C GLU E 246 20.63 42.84 -13.96
N ILE E 247 21.15 43.80 -13.19
CA ILE E 247 20.83 45.26 -13.39
C ILE E 247 21.35 45.63 -14.78
N LEU E 248 22.62 45.31 -15.05
CA LEU E 248 23.28 45.68 -16.33
C LEU E 248 22.81 44.82 -17.53
N ARG E 249 22.55 43.54 -17.32
CA ARG E 249 22.06 42.63 -18.40
C ARG E 249 20.64 42.99 -18.87
N GLU E 250 19.73 43.30 -17.94
CA GLU E 250 18.37 43.75 -18.30
C GLU E 250 18.40 45.16 -18.92
N ALA E 251 19.20 46.06 -18.33
CA ALA E 251 19.33 47.44 -18.85
C ALA E 251 19.86 47.45 -20.29
N ALA E 252 20.80 46.56 -20.61
CA ALA E 252 21.33 46.43 -21.99
C ALA E 252 20.22 46.00 -22.97
N ILE E 253 19.42 44.99 -22.60
CA ILE E 253 18.32 44.50 -23.49
C ILE E 253 17.26 45.60 -23.64
N ARG E 254 16.86 46.21 -22.52
CA ARG E 254 15.82 47.27 -22.50
C ARG E 254 16.28 48.48 -23.33
N SER E 255 17.57 48.80 -23.27
CA SER E 255 18.15 49.94 -24.03
C SER E 255 18.14 49.67 -25.54
N LEU E 256 18.63 48.49 -25.95
CA LEU E 256 18.71 48.11 -27.38
C LEU E 256 17.29 48.05 -27.96
N SER E 257 16.33 47.62 -27.14
CA SER E 257 14.92 47.42 -27.60
C SER E 257 14.29 48.77 -27.94
N ARG E 258 14.91 49.86 -27.45
CA ARG E 258 14.44 51.24 -27.68
C ARG E 258 15.20 51.87 -28.86
N GLY E 259 16.13 51.13 -29.45
CA GLY E 259 16.97 51.62 -30.57
C GLY E 259 18.19 52.40 -30.09
N LEU E 260 18.56 52.23 -28.81
CA LEU E 260 19.75 52.94 -28.27
C LEU E 260 21.00 52.12 -28.58
N LYS E 261 22.17 52.77 -28.64
CA LYS E 261 23.45 52.07 -28.88
C LYS E 261 24.22 51.93 -27.57
N LYS E 262 23.66 52.46 -26.48
CA LYS E 262 24.33 52.43 -25.15
C LYS E 262 23.26 52.46 -24.05
N ILE E 263 23.65 52.24 -22.79
CA ILE E 263 22.69 52.32 -21.65
C ILE E 263 22.68 53.76 -21.12
N ASP E 264 21.49 54.40 -21.15
CA ASP E 264 21.31 55.78 -20.63
C ASP E 264 21.15 55.73 -19.10
N LYS E 265 21.56 56.80 -18.41
CA LYS E 265 21.37 56.91 -16.94
C LYS E 265 19.90 56.65 -16.62
N ALA E 266 19.00 57.15 -17.47
CA ALA E 266 17.54 57.03 -17.25
C ALA E 266 17.14 55.55 -17.19
N VAL E 267 17.84 54.69 -17.94
CA VAL E 267 17.49 53.25 -18.01
C VAL E 267 17.95 52.57 -16.71
N LEU E 268 19.16 52.92 -16.26
CA LEU E 268 19.73 52.34 -15.01
C LEU E 268 18.81 52.72 -13.85
N GLN E 269 18.31 53.95 -13.84
CA GLN E 269 17.40 54.43 -12.77
C GLN E 269 16.07 53.68 -12.86
N GLU E 270 15.53 53.56 -14.08
CA GLU E 270 14.22 52.90 -14.31
C GLU E 270 14.30 51.45 -13.82
N VAL E 271 15.39 50.75 -14.14
CA VAL E 271 15.57 49.33 -13.70
C VAL E 271 15.76 49.28 -12.18
N ALA E 272 16.60 50.17 -11.64
CA ALA E 272 16.91 50.14 -10.19
C ALA E 272 15.62 50.30 -9.37
N LYS E 273 14.68 51.11 -9.88
CA LYS E 273 13.42 51.42 -9.16
C LYS E 273 12.58 50.15 -8.94
N GLU E 274 12.85 49.09 -9.73
CA GLU E 274 12.05 47.84 -9.67
C GLU E 274 12.54 46.96 -8.51
N TYR E 275 13.69 47.31 -7.92
CA TYR E 275 14.30 46.48 -6.84
C TYR E 275 14.00 47.12 -5.48
N GLU F 19 60.78 12.58 -8.56
CA GLU F 19 60.84 13.94 -7.93
C GLU F 19 60.78 13.79 -6.41
N TRP F 20 61.81 14.26 -5.70
CA TRP F 20 61.89 14.13 -4.23
C TRP F 20 60.66 14.76 -3.58
N LEU F 21 60.27 15.95 -4.04
CA LEU F 21 59.14 16.71 -3.42
C LEU F 21 57.86 15.87 -3.49
N GLN F 22 57.58 15.28 -4.65
CA GLN F 22 56.33 14.49 -4.85
C GLN F 22 56.39 13.22 -4.01
N ALA F 23 57.57 12.61 -3.87
CA ALA F 23 57.71 11.38 -3.06
C ALA F 23 57.34 11.66 -1.61
N GLU F 24 57.77 12.82 -1.09
CA GLU F 24 57.49 13.22 0.31
C GLU F 24 56.01 13.59 0.48
N ILE F 25 55.43 14.28 -0.51
CA ILE F 25 53.97 14.63 -0.46
C ILE F 25 53.13 13.34 -0.52
N ALA F 26 53.48 12.41 -1.40
CA ALA F 26 52.73 11.13 -1.49
C ALA F 26 52.80 10.39 -0.15
N ARG F 27 53.93 10.51 0.56
CA ARG F 27 54.09 9.91 1.91
C ARG F 27 53.26 10.70 2.94
N LEU F 28 53.40 12.02 2.97
CA LEU F 28 52.81 12.86 4.04
C LEU F 28 51.28 12.75 4.00
N LYS F 29 50.70 12.65 2.81
CA LYS F 29 49.22 12.64 2.63
C LYS F 29 48.67 11.31 3.17
N GLY F 30 49.55 10.35 3.44
CA GLY F 30 49.14 9.00 3.91
C GLY F 30 48.90 8.99 5.41
N LYS F 31 48.61 7.80 5.97
CA LYS F 31 48.30 7.68 7.41
C LYS F 31 49.22 6.62 8.04
N SER F 32 49.40 6.70 9.37
CA SER F 32 50.17 5.68 10.11
C SER F 32 49.67 5.63 11.57
N ILE F 33 50.06 4.60 12.30
CA ILE F 33 49.65 4.43 13.73
C ILE F 33 50.82 4.82 14.63
N VAL F 34 50.60 5.78 15.54
CA VAL F 34 51.65 6.20 16.51
C VAL F 34 51.31 5.62 17.89
N PRO F 35 52.25 4.91 18.56
CA PRO F 35 51.99 4.38 19.90
C PRO F 35 51.66 5.53 20.86
N LEU F 36 50.61 5.36 21.67
CA LEU F 36 50.23 6.38 22.68
C LEU F 36 49.77 5.69 23.96
N GLN F 37 49.81 6.42 25.08
CA GLN F 37 49.41 5.87 26.41
C GLN F 37 47.95 5.41 26.35
N GLN F 38 47.10 6.16 25.64
CA GLN F 38 45.65 5.85 25.55
C GLN F 38 45.42 4.54 24.79
N VAL F 39 46.26 4.27 23.79
CA VAL F 39 46.10 3.06 22.93
C VAL F 39 46.48 1.82 23.75
N LYS F 40 47.63 1.87 24.44
CA LYS F 40 48.10 0.75 25.28
C LYS F 40 47.04 0.46 26.37
N THR F 41 46.51 1.53 26.98
CA THR F 41 45.50 1.40 28.07
C THR F 41 44.30 0.60 27.57
N LEU F 42 43.79 0.93 26.37
CA LEU F 42 42.62 0.23 25.79
C LEU F 42 42.97 -1.25 25.53
N HIS F 43 44.16 -1.50 24.99
CA HIS F 43 44.56 -2.88 24.58
C HIS F 43 44.62 -3.79 25.81
N ASP F 44 45.16 -3.28 26.92
CA ASP F 44 45.29 -4.07 28.17
C ASP F 44 43.90 -4.34 28.76
N TRP F 45 43.01 -3.34 28.67
CA TRP F 45 41.61 -3.40 29.17
C TRP F 45 40.81 -4.42 28.35
N LEU F 46 40.92 -4.36 27.02
CA LEU F 46 40.16 -5.27 26.13
C LEU F 46 40.64 -6.70 26.39
N ASP F 47 41.95 -6.86 26.61
CA ASP F 47 42.58 -8.18 26.88
C ASP F 47 41.94 -8.83 28.12
N GLY F 48 41.69 -8.05 29.16
CA GLY F 48 40.95 -8.54 30.34
C GLY F 48 39.54 -8.99 30.01
N LYS F 49 38.80 -8.17 29.27
CA LYS F 49 37.39 -8.52 28.89
C LYS F 49 37.39 -9.77 28.01
N ARG F 50 38.42 -9.92 27.16
CA ARG F 50 38.52 -11.09 26.23
C ARG F 50 38.63 -12.38 27.05
N LYS F 51 39.52 -12.39 28.07
CA LYS F 51 39.79 -13.62 28.88
C LYS F 51 38.52 -13.98 29.66
N ALA F 52 37.84 -12.97 30.20
CA ALA F 52 36.66 -13.11 31.09
C ALA F 52 35.39 -13.33 30.26
N ARG F 53 35.45 -13.16 28.94
CA ARG F 53 34.28 -13.28 28.06
C ARG F 53 33.16 -12.40 28.59
N LYS F 54 33.44 -11.12 28.78
CA LYS F 54 32.48 -10.17 29.31
C LYS F 54 32.16 -9.05 28.31
N SER F 55 30.88 -8.80 28.03
CA SER F 55 30.51 -7.74 27.11
C SER F 55 30.81 -6.39 27.76
N CYS F 56 31.21 -5.40 26.96
CA CYS F 56 31.57 -4.09 27.51
C CYS F 56 31.44 -2.97 26.47
N ARG F 57 31.53 -1.72 26.95
CA ARG F 57 31.39 -0.54 26.10
C ARG F 57 32.63 0.35 26.16
N VAL F 58 32.83 1.16 25.12
CA VAL F 58 33.95 2.10 25.08
C VAL F 58 33.34 3.42 24.69
N VAL F 59 33.47 4.48 25.50
CA VAL F 59 32.85 5.75 25.11
C VAL F 59 33.84 6.93 25.06
N GLY F 60 33.80 7.74 23.99
CA GLY F 60 34.69 8.88 23.86
C GLY F 60 34.15 9.89 22.87
N GLU F 61 34.80 11.06 22.84
CA GLU F 61 34.39 12.20 21.97
C GLU F 61 35.00 12.04 20.57
N SER F 62 34.66 12.98 19.67
CA SER F 62 35.15 12.99 18.27
C SER F 62 36.63 13.40 18.22
N ARG F 63 37.35 12.90 17.20
CA ARG F 63 38.80 13.21 16.98
C ARG F 63 39.64 12.82 18.21
N THR F 64 39.32 11.68 18.84
CA THR F 64 40.08 11.21 20.02
C THR F 64 41.03 10.10 19.58
N GLY F 65 40.66 9.35 18.54
CA GLY F 65 41.49 8.26 17.99
C GLY F 65 40.98 6.91 18.45
N LYS F 66 39.68 6.86 18.79
CA LYS F 66 38.98 5.60 19.18
C LYS F 66 39.06 4.55 18.06
N THR F 67 38.69 4.87 16.82
CA THR F 67 38.69 3.78 15.79
C THR F 67 40.10 3.21 15.55
N VAL F 68 41.10 4.09 15.50
CA VAL F 68 42.51 3.69 15.18
C VAL F 68 43.03 2.71 16.23
N ALA F 69 42.75 2.97 17.51
CA ALA F 69 43.19 2.07 18.60
C ALA F 69 42.58 0.67 18.40
N CYS F 70 41.33 0.61 17.93
CA CYS F 70 40.66 -0.69 17.68
C CYS F 70 41.35 -1.45 16.53
N ASP F 71 41.71 -0.74 15.46
CA ASP F 71 42.46 -1.36 14.34
C ASP F 71 43.78 -1.95 14.84
N ALA F 72 44.51 -1.18 15.66
CA ALA F 72 45.83 -1.60 16.19
C ALA F 72 45.68 -2.91 16.98
N TYR F 73 44.60 -3.02 17.77
CA TYR F 73 44.29 -4.22 18.57
C TYR F 73 44.14 -5.47 17.68
N ARG F 74 43.37 -5.35 16.59
CA ARG F 74 43.19 -6.46 15.63
C ARG F 74 44.55 -6.93 15.11
N TYR F 75 45.48 -6.01 14.84
CA TYR F 75 46.78 -6.41 14.23
C TYR F 75 47.70 -6.98 15.31
N ARG F 76 47.47 -6.59 16.57
CA ARG F 76 48.19 -7.19 17.73
C ARG F 76 47.87 -8.68 17.82
N HIS F 77 46.61 -9.02 17.52
CA HIS F 77 46.15 -10.40 17.66
C HIS F 77 45.69 -10.96 16.32
N LYS F 78 46.66 -11.33 15.48
CA LYS F 78 46.36 -11.78 14.14
C LYS F 78 45.80 -13.20 14.14
N PRO F 79 45.02 -13.53 13.11
CA PRO F 79 44.53 -14.88 12.92
C PRO F 79 45.68 -15.89 12.89
N GLN F 80 45.47 -17.11 13.38
CA GLN F 80 46.55 -18.09 13.40
C GLN F 80 46.21 -19.36 12.60
N GLN F 81 46.63 -19.41 11.33
CA GLN F 81 46.36 -20.59 10.51
C GLN F 81 47.59 -21.49 10.44
N GLU F 82 47.60 -22.60 11.19
CA GLU F 82 48.72 -23.53 11.18
C GLU F 82 48.32 -24.93 10.68
N ALA F 83 47.13 -25.04 10.11
CA ALA F 83 46.62 -26.34 9.68
C ALA F 83 45.61 -26.23 8.53
N GLY F 84 45.18 -27.39 8.00
CA GLY F 84 44.19 -27.48 6.94
C GLY F 84 42.76 -27.03 7.23
N ARG F 85 42.41 -26.82 8.51
CA ARG F 85 41.08 -26.31 8.95
C ARG F 85 40.97 -24.80 8.66
N PRO F 86 39.77 -24.20 8.72
CA PRO F 86 39.61 -22.75 8.51
C PRO F 86 40.51 -21.94 9.46
N PRO F 87 40.91 -20.71 9.09
CA PRO F 87 41.80 -19.90 9.93
C PRO F 87 41.20 -19.68 11.32
N THR F 88 42.04 -19.76 12.36
CA THR F 88 41.58 -19.54 13.75
C THR F 88 41.51 -18.04 14.03
N VAL F 89 40.48 -17.34 13.60
CA VAL F 89 40.37 -15.90 13.82
C VAL F 89 39.86 -15.50 15.21
N PRO F 90 40.76 -15.05 16.13
CA PRO F 90 40.31 -14.70 17.48
C PRO F 90 39.43 -13.45 17.63
N VAL F 91 39.71 -12.38 16.89
CA VAL F 91 38.96 -11.15 17.03
C VAL F 91 38.30 -10.69 15.73
N VAL F 92 37.02 -10.33 15.77
CA VAL F 92 36.29 -9.84 14.56
C VAL F 92 36.00 -8.34 14.74
N TYR F 93 36.38 -7.53 13.74
CA TYR F 93 36.07 -6.07 13.78
C TYR F 93 35.22 -5.72 12.57
N ILE F 94 34.04 -5.13 12.82
CA ILE F 94 33.12 -4.71 11.73
C ILE F 94 32.66 -3.28 12.03
N ARG F 95 32.28 -2.53 10.98
CA ARG F 95 31.63 -1.20 11.13
C ARG F 95 30.33 -1.16 10.31
N PRO F 96 29.15 -1.32 10.95
CA PRO F 96 27.87 -1.36 10.24
C PRO F 96 27.58 -0.11 9.38
N HIS F 97 26.88 -0.31 8.27
CA HIS F 97 26.42 0.80 7.38
C HIS F 97 25.26 1.53 8.05
N GLN F 98 24.76 2.58 7.42
CA GLN F 98 23.67 3.40 8.03
C GLN F 98 22.36 2.62 8.09
N LYS F 99 21.63 2.77 9.21
CA LYS F 99 20.35 2.06 9.43
C LYS F 99 20.54 0.60 9.05
N CYS F 100 21.60 -0.01 9.60
CA CYS F 100 21.93 -1.45 9.43
C CYS F 100 20.83 -2.33 10.02
N GLY F 101 20.33 -3.26 9.20
CA GLY F 101 19.25 -4.19 9.53
C GLY F 101 19.83 -5.54 9.88
N PRO F 102 19.04 -6.55 10.27
CA PRO F 102 19.59 -7.86 10.59
C PRO F 102 20.20 -8.72 9.47
N LYS F 103 19.90 -8.49 8.19
CA LYS F 103 20.55 -9.24 7.07
C LYS F 103 21.97 -8.73 6.81
N ASP F 104 22.17 -7.43 7.06
CA ASP F 104 23.42 -6.67 6.77
C ASP F 104 24.48 -6.97 7.84
N LEU F 105 24.08 -7.06 9.11
CA LEU F 105 24.99 -7.37 10.24
C LEU F 105 25.60 -8.76 10.01
N PHE F 106 24.76 -9.73 9.65
CA PHE F 106 25.20 -11.13 9.44
C PHE F 106 26.11 -11.23 8.22
N LYS F 107 25.73 -10.54 7.13
CA LYS F 107 26.51 -10.56 5.87
C LYS F 107 27.95 -10.10 6.14
N LYS F 108 28.10 -8.97 6.84
CA LYS F 108 29.42 -8.32 7.08
C LYS F 108 30.27 -9.19 8.01
N ILE F 109 29.67 -9.85 9.00
CA ILE F 109 30.44 -10.75 9.92
C ILE F 109 31.01 -11.92 9.11
N THR F 110 30.16 -12.51 8.27
CA THR F 110 30.47 -13.69 7.43
C THR F 110 31.57 -13.34 6.43
N GLU F 111 31.49 -12.18 5.77
CA GLU F 111 32.51 -11.80 4.75
C GLU F 111 33.86 -11.57 5.43
N TYR F 112 33.84 -10.95 6.62
CA TYR F 112 35.07 -10.64 7.40
C TYR F 112 35.88 -11.92 7.60
N LEU F 113 35.18 -13.02 7.94
CA LEU F 113 35.79 -14.36 8.21
C LEU F 113 36.15 -15.06 6.90
N LYS F 114 35.95 -14.38 5.76
CA LYS F 114 36.27 -14.88 4.39
C LYS F 114 35.34 -16.00 3.89
N TYR F 115 34.04 -15.98 4.23
CA TYR F 115 33.08 -16.91 3.60
C TYR F 115 32.20 -16.11 2.63
N ARG F 116 31.80 -16.73 1.52
CA ARG F 116 30.90 -16.04 0.55
C ARG F 116 29.47 -16.25 1.04
N VAL F 117 28.63 -15.20 0.98
CA VAL F 117 27.21 -15.38 1.39
C VAL F 117 26.35 -15.74 0.18
N THR F 118 25.57 -16.83 0.29
CA THR F 118 24.73 -17.32 -0.83
C THR F 118 23.38 -16.59 -0.77
N LYS F 119 22.58 -16.66 -1.83
CA LYS F 119 21.25 -15.98 -1.79
C LYS F 119 20.35 -16.75 -0.81
N GLY F 120 19.55 -16.05 0.00
CA GLY F 120 18.70 -16.74 0.93
C GLY F 120 17.96 -15.83 1.89
N THR F 121 17.06 -16.44 2.65
CA THR F 121 16.25 -15.73 3.64
C THR F 121 17.08 -15.41 4.88
N VAL F 122 16.56 -14.51 5.72
CA VAL F 122 17.26 -14.08 6.92
C VAL F 122 17.53 -15.24 7.88
N SER F 123 16.57 -16.15 8.01
CA SER F 123 16.72 -17.29 8.91
C SER F 123 17.91 -18.17 8.51
N ASP F 124 18.04 -18.42 7.21
CA ASP F 124 19.14 -19.22 6.69
C ASP F 124 20.47 -18.54 6.95
N PHE F 125 20.48 -17.22 6.77
CA PHE F 125 21.67 -16.39 6.95
C PHE F 125 22.19 -16.41 8.38
N ARG F 126 21.29 -16.40 9.35
CA ARG F 126 21.65 -16.39 10.76
C ARG F 126 22.29 -17.70 11.23
N ASP F 127 21.87 -18.80 10.63
CA ASP F 127 22.38 -20.15 11.02
C ASP F 127 23.79 -20.33 10.44
N ARG F 128 24.02 -19.88 9.21
CA ARG F 128 25.37 -19.94 8.58
C ARG F 128 26.35 -19.09 9.38
N THR F 129 25.90 -17.91 9.85
CA THR F 129 26.74 -17.02 10.69
C THR F 129 27.19 -17.76 11.95
N ILE F 130 26.26 -18.46 12.61
CA ILE F 130 26.59 -19.24 13.85
C ILE F 130 27.63 -20.30 13.52
N GLU F 131 27.47 -20.99 12.39
CA GLU F 131 28.38 -22.09 11.97
C GLU F 131 29.81 -21.57 11.82
N VAL F 132 29.98 -20.34 11.29
CA VAL F 132 31.34 -19.81 10.99
C VAL F 132 31.87 -19.01 12.19
N LEU F 133 30.99 -18.61 13.10
CA LEU F 133 31.43 -17.98 14.35
C LEU F 133 32.07 -19.14 15.13
N LYS F 134 31.42 -20.30 15.07
CA LYS F 134 31.91 -21.54 15.68
C LYS F 134 33.06 -22.06 14.82
N GLY F 135 33.94 -22.86 15.40
CA GLY F 135 35.13 -23.37 14.70
C GLY F 135 36.28 -22.38 14.79
N CYS F 136 36.08 -21.17 14.29
CA CYS F 136 37.05 -20.10 14.45
C CYS F 136 36.85 -19.68 15.91
N GLY F 137 37.92 -19.30 16.61
CA GLY F 137 37.76 -18.98 18.01
C GLY F 137 36.81 -17.83 18.27
N VAL F 138 36.96 -16.73 17.54
CA VAL F 138 36.05 -15.58 17.66
C VAL F 138 35.80 -15.15 19.11
N GLU F 139 36.87 -15.03 19.88
CA GLU F 139 36.74 -14.69 21.29
C GLU F 139 36.13 -13.32 21.51
N MET F 140 36.32 -12.42 20.55
CA MET F 140 35.74 -11.05 20.72
C MET F 140 35.19 -10.48 19.41
N LEU F 141 34.04 -9.80 19.50
CA LEU F 141 33.45 -9.08 18.33
C LEU F 141 33.42 -7.59 18.65
N ILE F 142 34.16 -6.76 17.91
CA ILE F 142 34.21 -5.33 18.18
C ILE F 142 33.45 -4.54 17.14
N ILE F 143 32.12 -4.48 17.29
CA ILE F 143 31.30 -3.71 16.37
C ILE F 143 31.67 -2.23 16.51
N ASP F 144 31.80 -1.50 15.41
CA ASP F 144 32.16 -0.09 15.51
C ASP F 144 31.11 0.84 14.93
N GLU F 145 30.94 2.02 15.54
CA GLU F 145 29.93 2.99 15.12
C GLU F 145 28.58 2.29 15.06
N ALA F 146 28.24 1.65 16.18
CA ALA F 146 27.01 0.88 16.31
C ALA F 146 25.78 1.70 16.71
N ASP F 147 25.97 3.01 16.91
CA ASP F 147 24.85 3.92 17.15
C ASP F 147 23.95 3.93 15.90
N ARG F 148 24.56 3.89 14.71
CA ARG F 148 23.85 3.80 13.45
C ARG F 148 23.52 2.33 13.23
N LEU F 149 22.47 1.85 13.88
CA LEU F 149 22.02 0.46 13.80
C LEU F 149 20.52 0.47 14.02
N LYS F 150 19.82 -0.56 13.54
CA LYS F 150 18.38 -0.61 13.76
C LYS F 150 18.15 -1.16 15.18
N PRO F 151 17.25 -0.51 16.00
CA PRO F 151 17.03 -1.07 17.34
C PRO F 151 16.71 -2.57 17.32
N GLU F 152 16.07 -3.05 16.25
CA GLU F 152 15.61 -4.47 16.18
C GLU F 152 16.82 -5.40 16.13
N THR F 153 17.98 -4.89 15.70
CA THR F 153 19.16 -5.75 15.44
C THR F 153 19.89 -6.08 16.75
N PHE F 154 19.61 -5.32 17.81
CA PHE F 154 20.28 -5.49 19.11
C PHE F 154 19.88 -6.84 19.71
N ALA F 155 18.70 -7.35 19.32
CA ALA F 155 18.27 -8.73 19.66
C ALA F 155 19.21 -9.81 19.12
N ASP F 156 19.77 -9.61 17.92
CA ASP F 156 20.61 -10.64 17.26
C ASP F 156 22.02 -10.57 17.87
N VAL F 157 22.41 -9.35 18.25
CA VAL F 157 23.69 -9.09 18.98
C VAL F 157 23.61 -9.74 20.37
N ARG F 158 22.50 -9.60 21.10
CA ARG F 158 22.41 -10.21 22.45
C ARG F 158 22.46 -11.74 22.35
N ASP F 159 21.77 -12.27 21.33
CA ASP F 159 21.67 -13.73 21.06
C ASP F 159 23.09 -14.29 20.88
N ILE F 160 23.92 -13.60 20.08
CA ILE F 160 25.31 -14.03 19.81
C ILE F 160 26.06 -14.01 21.16
N ALA F 161 25.94 -12.89 21.88
CA ALA F 161 26.68 -12.66 23.14
C ALA F 161 26.23 -13.70 24.17
N GLU F 162 24.96 -14.09 24.12
CA GLU F 162 24.34 -15.00 25.13
C GLU F 162 24.65 -16.47 24.81
N ASP F 163 24.44 -16.87 23.55
CA ASP F 163 24.52 -18.28 23.10
C ASP F 163 25.97 -18.75 22.99
N LEU F 164 26.86 -17.87 22.52
CA LEU F 164 28.27 -18.23 22.25
C LEU F 164 29.18 -17.52 23.27
N GLY F 165 30.31 -18.15 23.60
CA GLY F 165 31.30 -17.59 24.54
C GLY F 165 32.07 -16.45 23.90
N ILE F 166 31.34 -15.40 23.49
CA ILE F 166 31.91 -14.26 22.71
C ILE F 166 31.63 -12.93 23.44
N ALA F 167 32.67 -12.11 23.59
CA ALA F 167 32.52 -10.72 24.10
C ALA F 167 32.25 -9.75 22.94
N VAL F 168 31.38 -8.75 23.15
CA VAL F 168 31.06 -7.75 22.13
C VAL F 168 31.38 -6.34 22.67
N VAL F 169 32.43 -5.71 22.15
CA VAL F 169 32.88 -4.43 22.64
C VAL F 169 31.98 -3.24 22.38
N LEU F 170 31.21 -3.17 21.30
CA LEU F 170 30.26 -2.04 21.11
C LEU F 170 30.81 -0.61 21.27
N VAL F 171 32.00 -0.33 20.73
CA VAL F 171 32.61 1.01 20.85
C VAL F 171 31.75 2.07 20.18
N GLY F 172 31.76 3.38 20.64
CA GLY F 172 30.99 4.50 20.12
C GLY F 172 31.16 5.85 20.79
N THR F 173 30.50 6.84 20.20
CA THR F 173 30.49 8.23 20.65
C THR F 173 29.48 8.45 21.80
N ASP F 174 29.37 9.67 22.31
CA ASP F 174 28.45 10.01 23.41
C ASP F 174 26.98 9.73 23.08
N ARG F 175 26.59 9.94 21.82
CA ARG F 175 25.23 9.68 21.33
C ARG F 175 24.75 8.22 21.50
N LEU F 176 25.68 7.26 21.47
CA LEU F 176 25.38 5.81 21.65
C LEU F 176 24.62 5.57 22.96
N ASP F 177 25.02 6.27 24.04
CA ASP F 177 24.41 6.12 25.39
C ASP F 177 22.91 6.49 25.32
N ALA F 178 22.58 7.51 24.52
CA ALA F 178 21.16 7.90 24.33
C ALA F 178 20.38 6.77 23.66
N VAL F 179 21.04 6.03 22.76
CA VAL F 179 20.38 4.87 22.05
C VAL F 179 20.29 3.68 23.01
N ILE F 180 21.38 3.36 23.73
CA ILE F 180 21.43 2.17 24.62
C ILE F 180 20.33 2.25 25.69
N LYS F 181 20.15 3.42 26.29
CA LYS F 181 19.20 3.61 27.42
C LYS F 181 17.75 3.46 26.95
N ARG F 182 17.51 3.25 25.65
CA ARG F 182 16.11 3.10 25.20
C ARG F 182 15.62 1.65 25.34
N ASP F 183 16.52 0.72 25.68
CA ASP F 183 16.17 -0.72 25.78
C ASP F 183 16.76 -1.31 27.07
N GLU F 184 15.90 -1.73 28.00
CA GLU F 184 16.34 -2.18 29.35
C GLU F 184 17.35 -3.32 29.18
N GLN F 185 17.00 -4.30 28.35
CA GLN F 185 17.76 -5.58 28.24
C GLN F 185 19.16 -5.32 27.66
N VAL F 186 19.28 -4.36 26.74
CA VAL F 186 20.61 -3.94 26.20
C VAL F 186 21.39 -3.15 27.26
N LEU F 187 20.76 -2.17 27.90
CA LEU F 187 21.43 -1.36 28.90
C LEU F 187 22.11 -2.18 30.00
N GLU F 188 21.37 -3.12 30.58
CA GLU F 188 21.89 -3.95 31.66
C GLU F 188 23.06 -4.84 31.24
N ARG F 189 22.97 -5.42 30.05
CA ARG F 189 24.00 -6.31 29.52
C ARG F 189 25.36 -5.64 29.28
N PHE F 190 25.33 -4.39 28.83
CA PHE F 190 26.54 -3.64 28.48
C PHE F 190 26.97 -2.54 29.46
N ARG F 191 26.70 -2.69 30.75
CA ARG F 191 27.02 -1.65 31.74
C ARG F 191 28.49 -1.24 31.89
N ALA F 192 29.43 -2.18 31.93
CA ALA F 192 30.85 -1.84 32.10
C ALA F 192 31.33 -0.95 30.95
N HIS F 193 32.11 0.10 31.25
CA HIS F 193 32.56 0.99 30.13
C HIS F 193 33.99 1.52 30.33
N LEU F 194 34.67 1.87 29.23
CA LEU F 194 35.96 2.61 29.32
C LEU F 194 35.70 3.99 28.71
N ARG F 195 36.18 5.06 29.34
CA ARG F 195 35.96 6.40 28.83
C ARG F 195 37.17 6.94 28.08
N PHE F 196 37.18 6.76 26.76
CA PHE F 196 38.29 7.26 25.96
C PHE F 196 38.25 8.79 26.07
N GLY F 197 39.41 9.42 26.23
CA GLY F 197 39.45 10.85 26.38
C GLY F 197 40.40 11.57 25.46
N LYS F 198 40.55 12.87 25.69
CA LYS F 198 41.45 13.74 24.88
C LYS F 198 42.75 14.01 25.65
N LEU F 199 43.70 14.69 25.00
CA LEU F 199 45.02 15.01 25.61
C LEU F 199 45.02 16.40 26.24
N SER F 200 45.78 16.57 27.33
CA SER F 200 46.01 17.88 27.98
C SER F 200 47.33 17.82 28.75
N GLY F 201 47.90 18.99 29.09
CA GLY F 201 49.11 19.04 29.92
C GLY F 201 50.32 18.45 29.23
N GLU F 202 51.24 17.87 30.03
CA GLU F 202 52.52 17.27 29.57
C GLU F 202 52.28 16.21 28.49
N ASP F 203 51.20 15.43 28.62
CA ASP F 203 50.91 14.33 27.65
C ASP F 203 50.86 14.90 26.24
N PHE F 204 50.30 16.11 26.10
CA PHE F 204 50.19 16.80 24.78
C PHE F 204 51.57 17.21 24.28
N LYS F 205 52.36 17.87 25.15
CA LYS F 205 53.74 18.30 24.79
C LYS F 205 54.57 17.10 24.35
N ASN F 206 54.51 16.00 25.11
CA ASN F 206 55.29 14.77 24.79
C ASN F 206 54.79 14.18 23.46
N THR F 207 53.47 14.23 23.22
CA THR F 207 52.88 13.73 21.96
C THR F 207 53.40 14.55 20.77
N VAL F 208 53.50 15.87 20.92
CA VAL F 208 54.04 16.74 19.83
C VAL F 208 55.49 16.35 19.55
N GLU F 209 56.28 16.14 20.60
CA GLU F 209 57.71 15.74 20.44
C GLU F 209 57.76 14.40 19.70
N MET F 210 56.94 13.45 20.13
CA MET F 210 56.84 12.12 19.47
C MET F 210 56.44 12.32 18.01
N TRP F 211 55.43 13.17 17.77
CA TRP F 211 54.91 13.44 16.40
C TRP F 211 55.99 13.92 15.44
N GLU F 212 56.75 14.96 15.82
CA GLU F 212 57.82 15.48 14.93
C GLU F 212 58.87 14.39 14.67
N GLN F 213 59.19 13.59 15.69
CA GLN F 213 60.24 12.54 15.54
C GLN F 213 59.75 11.34 14.70
N MET F 214 58.52 10.86 14.93
CA MET F 214 58.09 9.59 14.27
C MET F 214 57.25 9.82 13.00
N VAL F 215 56.46 10.88 12.92
CA VAL F 215 55.62 11.10 11.75
C VAL F 215 56.27 12.06 10.76
N LEU F 216 56.72 13.20 11.25
CA LEU F 216 57.37 14.19 10.39
C LEU F 216 58.83 13.79 10.16
N LYS F 217 59.29 13.80 8.91
CA LYS F 217 60.65 13.42 8.56
C LYS F 217 61.31 14.50 7.71
N LEU F 218 60.98 15.75 7.98
CA LEU F 218 61.50 16.87 7.20
C LEU F 218 63.02 16.95 7.31
N PRO F 219 63.72 17.30 6.20
CA PRO F 219 65.18 17.43 6.21
C PRO F 219 65.74 18.23 7.38
N VAL F 220 65.04 19.29 7.78
CA VAL F 220 65.51 20.14 8.92
C VAL F 220 64.40 20.13 9.98
N SER F 221 64.80 19.94 11.24
CA SER F 221 63.92 19.93 12.45
C SER F 221 63.16 21.25 12.63
N SER F 222 61.90 21.14 13.06
CA SER F 222 61.00 22.30 13.28
C SER F 222 60.98 22.72 14.76
N ASN F 223 61.36 21.82 15.67
CA ASN F 223 61.40 22.14 17.12
C ASN F 223 59.99 22.55 17.58
N LEU F 224 58.98 21.74 17.27
CA LEU F 224 57.55 22.06 17.53
C LEU F 224 57.25 22.05 19.04
N LYS F 225 58.18 21.53 19.85
CA LYS F 225 57.98 21.45 21.32
C LYS F 225 58.12 22.85 21.92
N SER F 226 58.82 23.76 21.22
CA SER F 226 59.06 25.12 21.71
C SER F 226 57.76 25.83 22.09
N LYS F 227 57.77 26.60 23.18
CA LYS F 227 56.57 27.26 23.69
C LYS F 227 55.90 28.24 22.73
N GLU F 228 56.70 29.01 22.01
CA GLU F 228 56.16 29.99 21.06
C GLU F 228 55.21 29.38 20.03
N MET F 229 55.48 28.15 19.62
CA MET F 229 54.67 27.44 18.59
C MET F 229 53.73 26.42 19.24
N LEU F 230 54.11 25.91 20.42
CA LEU F 230 53.31 24.92 21.19
C LEU F 230 51.99 25.56 21.65
N ARG F 231 52.02 26.85 22.00
CA ARG F 231 50.78 27.58 22.42
C ARG F 231 49.83 27.65 21.22
N ILE F 232 50.42 27.72 20.01
CA ILE F 232 49.63 27.81 18.75
C ILE F 232 49.00 26.44 18.46
N LEU F 233 49.81 25.38 18.56
CA LEU F 233 49.34 23.99 18.33
C LEU F 233 48.26 23.66 19.37
N THR F 234 48.45 24.13 20.61
CA THR F 234 47.47 23.91 21.70
C THR F 234 46.14 24.60 21.39
N SER F 235 46.17 25.87 20.95
CA SER F 235 44.92 26.62 20.66
C SER F 235 44.22 26.01 19.45
N ALA F 236 45.01 25.59 18.47
CA ALA F 236 44.50 25.03 17.19
C ALA F 236 43.97 23.62 17.43
N THR F 237 44.58 22.87 18.36
CA THR F 237 44.28 21.43 18.56
C THR F 237 43.20 21.17 19.62
N GLU F 238 43.23 21.91 20.73
CA GLU F 238 42.25 21.75 21.85
C GLU F 238 42.27 20.30 22.39
N GLY F 239 43.42 19.62 22.25
CA GLY F 239 43.65 18.27 22.81
C GLY F 239 43.17 17.11 21.94
N TYR F 240 42.63 17.40 20.75
CA TYR F 240 42.10 16.33 19.86
C TYR F 240 43.24 15.78 18.98
N ILE F 241 43.54 14.48 19.08
CA ILE F 241 44.71 13.92 18.34
C ILE F 241 44.39 14.09 16.85
N GLY F 242 43.11 14.00 16.47
CA GLY F 242 42.73 14.20 15.06
C GLY F 242 43.09 15.59 14.55
N ARG F 243 43.05 16.61 15.39
CA ARG F 243 43.36 17.95 14.85
C ARG F 243 44.87 18.11 14.76
N LEU F 244 45.60 17.62 15.77
CA LEU F 244 47.08 17.73 15.78
C LEU F 244 47.59 17.09 14.51
N ASP F 245 47.04 15.92 14.16
CA ASP F 245 47.40 15.22 12.90
C ASP F 245 47.18 16.16 11.70
N GLU F 246 45.99 16.74 11.58
CA GLU F 246 45.63 17.57 10.39
C GLU F 246 46.53 18.80 10.28
N ILE F 247 46.73 19.49 11.43
CA ILE F 247 47.39 20.83 11.46
C ILE F 247 48.83 20.61 10.99
N LEU F 248 49.52 19.63 11.58
CA LEU F 248 50.95 19.35 11.27
C LEU F 248 51.16 18.66 9.92
N ARG F 249 50.25 17.75 9.53
CA ARG F 249 50.34 17.05 8.21
C ARG F 249 50.12 17.99 7.02
N GLU F 250 49.14 18.90 7.11
CA GLU F 250 48.92 19.92 6.05
C GLU F 250 50.06 20.96 6.05
N ALA F 251 50.48 21.41 7.23
CA ALA F 251 51.59 22.39 7.36
C ALA F 251 52.89 21.84 6.74
N ALA F 252 53.17 20.55 6.93
CA ALA F 252 54.36 19.92 6.33
C ALA F 252 54.28 19.94 4.79
N ILE F 253 53.13 19.59 4.22
CA ILE F 253 52.98 19.58 2.74
C ILE F 253 53.06 21.02 2.20
N ARG F 254 52.35 21.95 2.86
CA ARG F 254 52.31 23.38 2.44
C ARG F 254 53.72 23.98 2.52
N SER F 255 54.50 23.59 3.55
CA SER F 255 55.88 24.11 3.75
C SER F 255 56.82 23.59 2.65
N LEU F 256 56.80 22.27 2.39
CA LEU F 256 57.68 21.65 1.37
C LEU F 256 57.34 22.23 -0.01
N SER F 257 56.06 22.51 -0.24
CA SER F 257 55.57 23.00 -1.57
C SER F 257 56.14 24.38 -1.85
N ARG F 258 56.64 25.05 -0.80
CA ARG F 258 57.21 26.42 -0.91
C ARG F 258 58.75 26.33 -0.99
N GLY F 259 59.29 25.11 -0.97
CA GLY F 259 60.75 24.87 -1.01
C GLY F 259 61.40 24.97 0.35
N LEU F 260 60.60 24.89 1.42
CA LEU F 260 61.16 24.97 2.81
C LEU F 260 61.62 23.57 3.24
N LYS F 261 62.58 23.50 4.17
CA LYS F 261 63.07 22.20 4.70
C LYS F 261 62.45 21.93 6.07
N LYS F 262 61.64 22.88 6.57
CA LYS F 262 61.01 22.77 7.91
C LYS F 262 59.70 23.55 7.92
N ILE F 263 58.90 23.40 8.98
CA ILE F 263 57.64 24.18 9.11
C ILE F 263 57.94 25.49 9.86
N ASP F 264 57.66 26.63 9.21
CA ASP F 264 57.86 27.98 9.80
C ASP F 264 56.66 28.31 10.71
N LYS F 265 56.89 29.11 11.75
CA LYS F 265 55.79 29.59 12.64
C LYS F 265 54.69 30.19 11.77
N ALA F 266 55.08 30.92 10.72
CA ALA F 266 54.13 31.62 9.83
C ALA F 266 53.16 30.59 9.20
N VAL F 267 53.65 29.38 8.94
CA VAL F 267 52.82 28.34 8.25
C VAL F 267 51.81 27.79 9.26
N LEU F 268 52.27 27.53 10.49
CA LEU F 268 51.39 26.99 11.56
C LEU F 268 50.27 28.00 11.81
N GLN F 269 50.61 29.30 11.82
CA GLN F 269 49.60 30.38 12.04
C GLN F 269 48.63 30.41 10.86
N GLU F 270 49.17 30.37 9.63
CA GLU F 270 48.35 30.45 8.40
C GLU F 270 47.34 29.30 8.39
N VAL F 271 47.79 28.08 8.73
CA VAL F 271 46.88 26.90 8.75
C VAL F 271 45.88 27.04 9.91
N ALA F 272 46.34 27.45 11.09
CA ALA F 272 45.45 27.54 12.27
C ALA F 272 44.29 28.50 11.97
N LYS F 273 44.56 29.56 11.21
CA LYS F 273 43.55 30.62 10.92
C LYS F 273 42.36 30.02 10.14
N GLU F 274 42.55 28.86 9.50
CA GLU F 274 41.50 28.24 8.65
C GLU F 274 40.50 27.48 9.52
N TYR F 275 40.83 27.28 10.81
CA TYR F 275 39.98 26.49 11.72
C TYR F 275 39.16 27.44 12.61
N GLU G 19 48.64 -26.18 33.24
CA GLU G 19 48.87 -24.98 34.07
C GLU G 19 47.67 -24.78 35.02
N TRP G 20 47.92 -24.77 36.33
CA TRP G 20 46.84 -24.65 37.34
C TRP G 20 46.05 -23.37 37.10
N LEU G 21 46.75 -22.26 36.85
CA LEU G 21 46.10 -20.93 36.70
C LEU G 21 45.09 -20.98 35.56
N GLN G 22 45.50 -21.53 34.40
CA GLN G 22 44.63 -21.60 33.20
C GLN G 22 43.44 -22.53 33.45
N ALA G 23 43.66 -23.62 34.19
CA ALA G 23 42.56 -24.57 34.50
C ALA G 23 41.47 -23.86 35.31
N GLU G 24 41.87 -23.02 36.26
CA GLU G 24 40.92 -22.27 37.12
C GLU G 24 40.22 -21.17 36.32
N ILE G 25 40.96 -20.48 35.45
CA ILE G 25 40.35 -19.43 34.57
C ILE G 25 39.34 -20.07 33.61
N ALA G 26 39.71 -21.21 32.99
CA ALA G 26 38.78 -21.90 32.07
C ALA G 26 37.50 -22.30 32.81
N ARG G 27 37.64 -22.66 34.09
CA ARG G 27 36.46 -22.97 34.95
C ARG G 27 35.67 -21.69 35.29
N LEU G 28 36.36 -20.66 35.77
CA LEU G 28 35.69 -19.45 36.32
C LEU G 28 34.88 -18.75 35.22
N LYS G 29 35.39 -18.77 33.98
CA LYS G 29 34.77 -18.05 32.85
C LYS G 29 33.46 -18.76 32.46
N GLY G 30 33.26 -19.97 32.98
CA GLY G 30 32.08 -20.80 32.66
C GLY G 30 30.87 -20.40 33.49
N LYS G 31 29.77 -21.16 33.43
CA LYS G 31 28.57 -20.84 34.21
C LYS G 31 28.01 -22.06 34.96
N SER G 32 27.54 -21.87 36.20
CA SER G 32 26.97 -22.96 37.00
C SER G 32 25.67 -22.50 37.66
N ILE G 33 24.68 -23.38 37.77
CA ILE G 33 23.38 -23.04 38.37
C ILE G 33 23.41 -23.10 39.91
N VAL G 34 22.95 -22.06 40.60
CA VAL G 34 23.01 -22.06 42.09
C VAL G 34 21.57 -22.11 42.63
N PRO G 35 21.23 -23.06 43.53
CA PRO G 35 19.88 -23.12 44.11
C PRO G 35 19.58 -21.81 44.85
N LEU G 36 18.39 -21.25 44.62
CA LEU G 36 17.96 -20.02 45.32
C LEU G 36 16.48 -20.11 45.69
N GLN G 37 16.05 -19.32 46.66
CA GLN G 37 14.62 -19.31 47.12
C GLN G 37 13.70 -18.95 45.95
N GLN G 38 14.13 -18.02 45.09
CA GLN G 38 13.31 -17.53 43.97
C GLN G 38 13.12 -18.65 42.93
N VAL G 39 14.13 -19.51 42.76
CA VAL G 39 14.07 -20.60 41.74
C VAL G 39 13.09 -21.68 42.21
N LYS G 40 13.22 -22.10 43.48
CA LYS G 40 12.31 -23.12 44.05
C LYS G 40 10.87 -22.60 44.00
N THR G 41 10.66 -21.32 44.33
CA THR G 41 9.31 -20.71 44.33
C THR G 41 8.66 -20.84 42.95
N LEU G 42 9.42 -20.54 41.89
CA LEU G 42 8.90 -20.62 40.50
C LEU G 42 8.56 -22.07 40.17
N HIS G 43 9.44 -23.01 40.53
CA HIS G 43 9.27 -24.44 40.16
C HIS G 43 7.99 -25.00 40.79
N ASP G 44 7.72 -24.65 42.05
CA ASP G 44 6.50 -25.14 42.76
C ASP G 44 5.25 -24.54 42.12
N TRP G 45 5.34 -23.25 41.73
CA TRP G 45 4.25 -22.48 41.08
C TRP G 45 3.93 -23.07 39.70
N LEU G 46 4.97 -23.33 38.90
CA LEU G 46 4.78 -23.87 37.53
C LEU G 46 4.16 -25.27 37.64
N ASP G 47 4.59 -26.04 38.64
CA ASP G 47 4.09 -27.41 38.89
C ASP G 47 2.56 -27.39 39.10
N GLY G 48 2.07 -26.41 39.86
CA GLY G 48 0.61 -26.21 40.01
C GLY G 48 -0.08 -25.92 38.69
N LYS G 49 0.46 -24.99 37.90
CA LYS G 49 -0.16 -24.62 36.60
C LYS G 49 -0.13 -25.84 35.66
N ARG G 50 0.93 -26.65 35.75
CA ARG G 50 1.09 -27.85 34.88
C ARG G 50 -0.06 -28.83 35.15
N LYS G 51 -0.34 -29.11 36.44
CA LYS G 51 -1.36 -30.12 36.83
C LYS G 51 -2.75 -29.63 36.39
N ALA G 52 -2.99 -28.33 36.56
CA ALA G 52 -4.30 -27.67 36.31
C ALA G 52 -4.46 -27.34 34.82
N ARG G 53 -3.37 -27.47 34.05
CA ARG G 53 -3.28 -27.07 32.62
C ARG G 53 -3.70 -25.60 32.48
N LYS G 54 -3.17 -24.74 33.35
CA LYS G 54 -3.53 -23.29 33.40
C LYS G 54 -2.46 -22.49 32.65
N SER G 55 -2.89 -21.54 31.81
CA SER G 55 -1.98 -20.64 31.11
C SER G 55 -1.79 -19.46 32.06
N CYS G 56 -0.62 -18.86 32.04
CA CYS G 56 -0.29 -17.81 32.98
C CYS G 56 0.82 -16.92 32.38
N ARG G 57 1.36 -15.97 33.15
CA ARG G 57 2.47 -15.15 32.69
C ARG G 57 3.61 -15.14 33.71
N VAL G 58 4.85 -15.08 33.25
CA VAL G 58 5.97 -14.99 34.17
C VAL G 58 6.59 -13.63 33.86
N VAL G 59 6.61 -12.71 34.82
CA VAL G 59 7.15 -11.37 34.58
C VAL G 59 8.27 -10.95 35.55
N GLY G 60 9.37 -10.40 35.03
CA GLY G 60 10.48 -9.98 35.87
C GLY G 60 11.36 -8.94 35.21
N GLU G 61 12.20 -8.28 36.00
CA GLU G 61 13.13 -7.27 35.48
C GLU G 61 14.36 -7.98 34.90
N SER G 62 15.13 -7.29 34.08
CA SER G 62 16.34 -7.90 33.47
C SER G 62 17.40 -8.26 34.52
N ARG G 63 18.17 -9.32 34.24
CA ARG G 63 19.31 -9.82 35.06
C ARG G 63 18.85 -10.32 36.44
N THR G 64 17.59 -10.73 36.57
CA THR G 64 17.08 -11.21 37.89
C THR G 64 17.17 -12.74 37.93
N GLY G 65 17.46 -13.35 36.78
CA GLY G 65 17.75 -14.80 36.68
C GLY G 65 16.51 -15.57 36.27
N LYS G 66 15.58 -14.89 35.58
CA LYS G 66 14.35 -15.49 35.03
C LYS G 66 14.69 -16.63 34.04
N THR G 67 15.54 -16.40 33.04
CA THR G 67 15.75 -17.49 32.04
C THR G 67 16.37 -18.74 32.70
N VAL G 68 17.34 -18.55 33.59
CA VAL G 68 18.10 -19.67 34.23
C VAL G 68 17.13 -20.56 35.03
N ALA G 69 16.20 -19.95 35.78
CA ALA G 69 15.22 -20.73 36.55
C ALA G 69 14.39 -21.62 35.61
N CYS G 70 14.06 -21.11 34.42
CA CYS G 70 13.27 -21.89 33.44
C CYS G 70 14.07 -23.09 32.93
N ASP G 71 15.37 -22.90 32.65
CA ASP G 71 16.26 -24.02 32.24
C ASP G 71 16.29 -25.10 33.33
N ALA G 72 16.44 -24.68 34.59
CA ALA G 72 16.53 -25.61 35.73
C ALA G 72 15.26 -26.47 35.81
N TYR G 73 14.10 -25.86 35.57
CA TYR G 73 12.79 -26.56 35.57
C TYR G 73 12.75 -27.69 34.51
N ARG G 74 13.20 -27.40 33.29
CA ARG G 74 13.27 -28.41 32.21
C ARG G 74 14.10 -29.61 32.67
N TYR G 75 15.15 -29.36 33.46
CA TYR G 75 15.99 -30.45 33.95
C TYR G 75 15.36 -31.20 35.13
N ARG G 76 14.52 -30.52 35.91
CA ARG G 76 13.88 -31.17 37.06
C ARG G 76 12.99 -32.34 36.65
N HIS G 77 12.19 -32.15 35.61
CA HIS G 77 11.33 -33.21 35.11
C HIS G 77 11.79 -33.44 33.67
N LYS G 78 12.49 -34.54 33.42
CA LYS G 78 13.06 -34.77 32.10
C LYS G 78 12.22 -35.67 31.17
N PRO G 79 12.63 -35.72 29.83
CA PRO G 79 11.86 -36.64 29.00
C PRO G 79 11.99 -38.08 29.48
N GLN G 80 10.94 -38.89 29.40
CA GLN G 80 11.04 -40.25 29.91
C GLN G 80 10.62 -41.30 28.87
N GLN G 81 11.55 -42.14 28.42
CA GLN G 81 11.21 -43.15 27.44
C GLN G 81 11.24 -44.56 28.07
N GLU G 82 10.13 -45.29 28.03
CA GLU G 82 10.09 -46.64 28.56
C GLU G 82 9.44 -47.60 27.57
N ALA G 83 9.63 -47.32 26.28
CA ALA G 83 9.07 -48.11 25.18
C ALA G 83 9.80 -47.77 23.87
N GLY G 84 9.39 -48.40 22.76
CA GLY G 84 9.91 -48.11 21.42
C GLY G 84 9.24 -46.95 20.67
N ARG G 85 8.23 -46.32 21.29
CA ARG G 85 7.49 -45.12 20.82
C ARG G 85 8.35 -43.87 20.97
N PRO G 86 7.98 -42.73 20.34
CA PRO G 86 8.74 -41.48 20.49
C PRO G 86 8.91 -41.09 21.97
N PRO G 87 9.97 -40.35 22.34
CA PRO G 87 10.21 -39.97 23.73
C PRO G 87 9.01 -39.22 24.31
N THR G 88 8.66 -39.52 25.57
CA THR G 88 7.53 -38.83 26.25
C THR G 88 8.02 -37.50 26.81
N VAL G 89 8.13 -36.46 25.99
CA VAL G 89 8.61 -35.17 26.47
C VAL G 89 7.54 -34.30 27.16
N PRO G 90 7.56 -34.22 28.52
CA PRO G 90 6.53 -33.44 29.22
C PRO G 90 6.57 -31.92 29.04
N VAL G 91 7.76 -31.31 29.05
CA VAL G 91 7.86 -29.86 28.96
C VAL G 91 8.68 -29.39 27.75
N VAL G 92 8.17 -28.41 27.01
CA VAL G 92 8.89 -27.85 25.83
C VAL G 92 9.34 -26.42 26.16
N TYR G 93 10.63 -26.12 25.97
CA TYR G 93 11.13 -24.74 26.19
C TYR G 93 11.74 -24.24 24.88
N ILE G 94 11.24 -23.09 24.40
CA ILE G 94 11.76 -22.45 23.15
C ILE G 94 11.99 -20.97 23.43
N ARG G 95 12.91 -20.35 22.67
CA ARG G 95 13.11 -18.88 22.70
C ARG G 95 13.04 -18.33 21.26
N PRO G 96 11.91 -17.72 20.83
CA PRO G 96 11.75 -17.22 19.46
C PRO G 96 12.81 -16.20 19.03
N HIS G 97 13.15 -16.20 17.75
CA HIS G 97 14.08 -15.22 17.13
C HIS G 97 13.36 -13.88 16.99
N GLN G 98 14.06 -12.85 16.51
CA GLN G 98 13.46 -11.49 16.41
C GLN G 98 12.38 -11.46 15.34
N LYS G 99 11.28 -10.75 15.62
CA LYS G 99 10.12 -10.63 14.70
C LYS G 99 9.78 -12.02 14.18
N CYS G 100 9.65 -12.97 15.11
CA CYS G 100 9.26 -14.38 14.82
C CYS G 100 7.84 -14.44 14.23
N GLY G 101 7.74 -15.10 13.07
CA GLY G 101 6.49 -15.25 12.30
C GLY G 101 5.90 -16.62 12.55
N PRO G 102 4.74 -16.97 12.00
CA PRO G 102 4.16 -18.30 12.23
C PRO G 102 4.87 -19.55 11.66
N LYS G 103 5.74 -19.43 10.66
CA LYS G 103 6.50 -20.61 10.15
C LYS G 103 7.67 -20.97 11.09
N ASP G 104 8.21 -19.94 11.74
CA ASP G 104 9.42 -20.00 12.63
C ASP G 104 9.05 -20.61 13.99
N LEU G 105 7.89 -20.22 14.54
CA LEU G 105 7.40 -20.75 15.84
C LEU G 105 7.21 -22.27 15.73
N PHE G 106 6.58 -22.71 14.64
CA PHE G 106 6.27 -24.14 14.41
C PHE G 106 7.57 -24.92 14.17
N LYS G 107 8.48 -24.36 13.39
CA LYS G 107 9.78 -25.02 13.06
C LYS G 107 10.54 -25.33 14.37
N LYS G 108 10.65 -24.33 15.24
CA LYS G 108 11.46 -24.44 16.48
C LYS G 108 10.82 -25.43 17.46
N ILE G 109 9.48 -25.47 17.54
CA ILE G 109 8.80 -26.46 18.43
C ILE G 109 9.11 -27.87 17.97
N THR G 110 8.98 -28.08 16.65
CA THR G 110 9.18 -29.39 15.98
C THR G 110 10.63 -29.86 16.15
N GLU G 111 11.62 -28.97 15.96
CA GLU G 111 13.05 -29.36 16.09
C GLU G 111 13.36 -29.76 17.54
N TYR G 112 12.79 -29.00 18.49
CA TYR G 112 13.01 -29.23 19.95
C TYR G 112 12.67 -30.69 20.28
N LEU G 113 11.55 -31.18 19.74
CA LEU G 113 11.02 -32.55 19.97
C LEU G 113 11.80 -33.58 19.14
N LYS G 114 12.84 -33.12 18.43
CA LYS G 114 13.75 -33.96 17.58
C LYS G 114 13.09 -34.51 16.30
N TYR G 115 12.20 -33.76 15.65
CA TYR G 115 11.72 -34.14 14.30
C TYR G 115 12.34 -33.21 13.26
N ARG G 116 12.64 -33.73 12.08
CA ARG G 116 13.21 -32.88 10.99
C ARG G 116 12.03 -32.20 10.29
N VAL G 117 12.13 -30.92 9.96
CA VAL G 117 11.03 -30.25 9.20
C VAL G 117 11.29 -30.33 7.70
N THR G 118 10.30 -30.82 6.95
CA THR G 118 10.43 -31.00 5.47
C THR G 118 10.05 -29.67 4.79
N LYS G 119 10.37 -29.51 3.51
CA LYS G 119 9.98 -28.25 2.80
C LYS G 119 8.45 -28.24 2.65
N GLY G 120 7.83 -27.09 2.86
CA GLY G 120 6.38 -26.92 2.72
C GLY G 120 5.92 -25.56 3.21
N THR G 121 4.60 -25.34 3.27
CA THR G 121 4.00 -24.06 3.74
C THR G 121 3.57 -24.13 5.21
N VAL G 122 3.20 -22.99 5.77
CA VAL G 122 2.70 -22.93 7.18
C VAL G 122 1.54 -23.91 7.32
N SER G 123 0.66 -23.98 6.31
CA SER G 123 -0.56 -24.81 6.36
C SER G 123 -0.22 -26.30 6.33
N ASP G 124 1.04 -26.63 6.01
CA ASP G 124 1.51 -28.04 5.91
C ASP G 124 2.09 -28.53 7.26
N PHE G 125 2.98 -27.75 7.88
CA PHE G 125 3.68 -28.24 9.10
C PHE G 125 3.10 -27.58 10.35
N ARG G 126 2.02 -26.81 10.15
CA ARG G 126 1.10 -26.41 11.24
C ARG G 126 0.47 -27.72 11.76
N ASP G 127 0.07 -28.60 10.82
CA ASP G 127 -0.60 -29.91 11.06
C ASP G 127 0.45 -30.91 11.59
N ARG G 128 1.66 -30.87 11.05
CA ARG G 128 2.78 -31.74 11.53
C ARG G 128 3.11 -31.39 12.98
N THR G 129 3.10 -30.09 13.31
CA THR G 129 3.36 -29.62 14.69
C THR G 129 2.33 -30.24 15.65
N ILE G 130 1.05 -30.22 15.26
CA ILE G 130 -0.04 -30.79 16.10
C ILE G 130 0.21 -32.29 16.32
N GLU G 131 0.62 -32.99 15.25
CA GLU G 131 0.86 -34.46 15.29
C GLU G 131 1.94 -34.79 16.32
N VAL G 132 3.00 -33.96 16.41
CA VAL G 132 4.16 -34.27 17.29
C VAL G 132 3.95 -33.66 18.68
N LEU G 133 3.08 -32.65 18.79
CA LEU G 133 2.63 -32.14 20.12
C LEU G 133 1.83 -33.25 20.78
N LYS G 134 1.05 -33.99 19.96
CA LYS G 134 0.33 -35.22 20.41
C LYS G 134 1.31 -36.40 20.46
N GLY G 135 0.91 -37.51 21.10
CA GLY G 135 1.76 -38.71 21.16
C GLY G 135 2.76 -38.53 22.31
N CYS G 136 3.64 -37.52 22.24
CA CYS G 136 4.50 -37.14 23.34
C CYS G 136 3.60 -36.40 24.33
N GLY G 137 3.91 -36.42 25.62
CA GLY G 137 3.00 -35.77 26.55
C GLY G 137 2.82 -34.28 26.34
N VAL G 138 3.91 -33.53 26.18
CA VAL G 138 3.85 -32.08 25.92
C VAL G 138 2.91 -31.36 26.89
N GLU G 139 3.08 -31.62 28.17
CA GLU G 139 2.22 -31.03 29.20
C GLU G 139 2.29 -29.50 29.27
N MET G 140 3.48 -28.94 29.12
CA MET G 140 3.61 -27.48 29.21
C MET G 140 4.57 -26.90 28.16
N LEU G 141 4.23 -25.72 27.61
CA LEU G 141 5.12 -25.03 26.63
C LEU G 141 5.58 -23.71 27.23
N ILE G 142 6.90 -23.54 27.39
CA ILE G 142 7.45 -22.27 27.94
C ILE G 142 8.04 -21.42 26.80
N ILE G 143 7.48 -20.26 26.50
CA ILE G 143 8.01 -19.41 25.44
C ILE G 143 8.71 -18.19 26.02
N ASP G 144 10.03 -18.27 26.21
CA ASP G 144 10.81 -17.16 26.76
C ASP G 144 10.93 -16.03 25.74
N GLU G 145 11.11 -14.80 26.23
CA GLU G 145 11.24 -13.63 25.37
C GLU G 145 10.06 -13.56 24.39
N ALA G 146 8.86 -13.67 24.93
CA ALA G 146 7.61 -13.64 24.17
C ALA G 146 7.35 -12.32 23.44
N ASP G 147 7.87 -11.21 23.97
CA ASP G 147 7.65 -9.90 23.38
C ASP G 147 8.15 -9.82 21.94
N ARG G 148 9.29 -10.45 21.65
CA ARG G 148 9.80 -10.44 20.29
C ARG G 148 9.12 -11.56 19.49
N LEU G 149 7.90 -11.27 19.06
CA LEU G 149 7.06 -12.18 18.27
C LEU G 149 6.13 -11.32 17.42
N LYS G 150 5.59 -11.86 16.34
CA LYS G 150 4.72 -11.04 15.52
C LYS G 150 3.34 -11.09 16.18
N PRO G 151 2.62 -9.93 16.29
CA PRO G 151 1.28 -10.04 16.88
C PRO G 151 0.40 -11.12 16.24
N GLU G 152 0.61 -11.39 14.95
CA GLU G 152 -0.25 -12.35 14.19
C GLU G 152 -0.04 -13.77 14.74
N THR G 153 1.10 -14.01 15.38
CA THR G 153 1.48 -15.40 15.79
C THR G 153 0.76 -15.80 17.07
N PHE G 154 0.23 -14.82 17.80
CA PHE G 154 -0.44 -15.07 19.11
C PHE G 154 -1.73 -15.87 18.86
N ALA G 155 -2.28 -15.76 17.64
CA ALA G 155 -3.41 -16.62 17.20
C ALA G 155 -3.05 -18.13 17.18
N ASP G 156 -1.82 -18.46 16.80
CA ASP G 156 -1.41 -19.89 16.66
C ASP G 156 -1.11 -20.44 18.05
N VAL G 157 -0.60 -19.56 18.92
CA VAL G 157 -0.34 -19.86 20.36
C VAL G 157 -1.68 -20.11 21.06
N ARG G 158 -2.70 -19.27 20.83
CA ARG G 158 -4.00 -19.48 21.51
C ARG G 158 -4.63 -20.80 21.06
N ASP G 159 -4.51 -21.08 19.75
CA ASP G 159 -5.06 -22.30 19.10
C ASP G 159 -4.48 -23.53 19.80
N ILE G 160 -3.16 -23.53 20.02
CA ILE G 160 -2.47 -24.67 20.68
C ILE G 160 -3.04 -24.79 22.10
N ALA G 161 -3.07 -23.66 22.81
CA ALA G 161 -3.49 -23.61 24.24
C ALA G 161 -4.95 -24.05 24.33
N GLU G 162 -5.75 -23.72 23.32
CA GLU G 162 -7.21 -23.97 23.33
C GLU G 162 -7.54 -25.42 22.92
N ASP G 163 -6.94 -25.88 21.82
CA ASP G 163 -7.25 -27.19 21.17
C ASP G 163 -6.65 -28.35 21.97
N LEU G 164 -5.45 -28.16 22.51
CA LEU G 164 -4.70 -29.24 23.19
C LEU G 164 -4.63 -28.94 24.70
N GLY G 165 -4.59 -29.99 25.52
CA GLY G 165 -4.49 -29.86 26.99
C GLY G 165 -3.10 -29.42 27.40
N ILE G 166 -2.67 -28.25 26.91
CA ILE G 166 -1.28 -27.74 27.11
C ILE G 166 -1.31 -26.34 27.76
N ALA G 167 -0.49 -26.17 28.80
CA ALA G 167 -0.26 -24.84 29.42
C ALA G 167 0.89 -24.10 28.72
N VAL G 168 0.78 -22.77 28.55
CA VAL G 168 1.82 -21.98 27.92
C VAL G 168 2.28 -20.86 28.88
N VAL G 169 3.51 -20.92 29.40
CA VAL G 169 4.04 -19.95 30.37
C VAL G 169 4.23 -18.47 29.96
N LEU G 170 4.70 -18.20 28.75
CA LEU G 170 4.94 -16.82 28.26
C LEU G 170 5.85 -15.93 29.14
N VAL G 171 7.01 -16.45 29.53
CA VAL G 171 7.95 -15.70 30.38
C VAL G 171 8.48 -14.41 29.71
N GLY G 172 8.55 -13.30 30.45
CA GLY G 172 9.05 -12.05 29.89
C GLY G 172 9.33 -10.90 30.84
N THR G 173 9.88 -9.83 30.27
CA THR G 173 10.21 -8.59 30.97
C THR G 173 8.99 -7.66 31.07
N ASP G 174 9.14 -6.47 31.67
CA ASP G 174 8.05 -5.51 31.84
C ASP G 174 7.41 -5.07 30.53
N ARG G 175 8.22 -4.95 29.47
CA ARG G 175 7.77 -4.57 28.13
C ARG G 175 6.69 -5.51 27.51
N LEU G 176 6.71 -6.79 27.88
CA LEU G 176 5.74 -7.81 27.40
C LEU G 176 4.31 -7.36 27.70
N ASP G 177 4.07 -6.79 28.89
CA ASP G 177 2.72 -6.34 29.34
C ASP G 177 2.19 -5.27 28.38
N ALA G 178 3.07 -4.40 27.88
CA ALA G 178 2.68 -3.36 26.89
C ALA G 178 2.22 -4.04 25.59
N VAL G 179 2.84 -5.17 25.23
CA VAL G 179 2.46 -5.92 23.99
C VAL G 179 1.15 -6.69 24.24
N ILE G 180 1.05 -7.38 25.38
CA ILE G 180 -0.14 -8.24 25.70
C ILE G 180 -1.42 -7.40 25.68
N LYS G 181 -1.39 -6.21 26.28
CA LYS G 181 -2.59 -5.36 26.45
C LYS G 181 -3.06 -4.82 25.09
N ARG G 182 -2.35 -5.12 23.99
CA ARG G 182 -2.82 -4.59 22.68
C ARG G 182 -3.86 -5.51 22.06
N ASP G 183 -4.10 -6.70 22.65
CA ASP G 183 -5.03 -7.70 22.08
C ASP G 183 -5.93 -8.27 23.18
N GLU G 184 -7.25 -8.00 23.09
CA GLU G 184 -8.19 -8.34 24.20
C GLU G 184 -8.10 -9.84 24.46
N GLN G 185 -8.16 -10.64 23.39
CA GLN G 185 -8.30 -12.12 23.48
C GLN G 185 -7.05 -12.73 24.12
N VAL G 186 -5.88 -12.15 23.87
CA VAL G 186 -4.64 -12.64 24.44
C VAL G 186 -4.52 -12.23 25.91
N LEU G 187 -4.89 -10.99 26.20
CA LEU G 187 -4.79 -10.48 27.56
C LEU G 187 -5.68 -11.25 28.54
N GLU G 188 -6.91 -11.55 28.13
CA GLU G 188 -7.85 -12.27 28.97
C GLU G 188 -7.42 -13.70 29.29
N ARG G 189 -6.88 -14.38 28.28
CA ARG G 189 -6.43 -15.76 28.40
C ARG G 189 -5.25 -15.97 29.36
N PHE G 190 -4.35 -15.01 29.38
CA PHE G 190 -3.13 -15.08 30.19
C PHE G 190 -3.12 -14.18 31.43
N ARG G 191 -4.26 -13.97 32.07
CA ARG G 191 -4.32 -13.07 33.23
C ARG G 191 -3.46 -13.40 34.48
N ALA G 192 -3.39 -14.66 34.90
CA ALA G 192 -2.61 -15.04 36.09
C ALA G 192 -1.12 -14.75 35.89
N HIS G 193 -0.41 -14.25 36.92
CA HIS G 193 1.03 -13.95 36.73
C HIS G 193 1.87 -14.22 37.98
N LEU G 194 3.17 -14.49 37.81
CA LEU G 194 4.12 -14.52 38.96
C LEU G 194 5.09 -13.35 38.75
N ARG G 195 5.40 -12.59 39.80
CA ARG G 195 6.28 -11.45 39.67
C ARG G 195 7.70 -11.77 40.13
N PHE G 196 8.57 -12.18 39.21
CA PHE G 196 9.94 -12.47 39.56
C PHE G 196 10.57 -11.16 40.04
N GLY G 197 11.35 -11.21 41.11
CA GLY G 197 11.94 -9.99 41.64
C GLY G 197 13.44 -10.07 41.87
N LYS G 198 13.96 -9.01 42.48
CA LYS G 198 15.42 -8.91 42.79
C LYS G 198 15.66 -9.20 44.28
N LEU G 199 16.93 -9.26 44.68
CA LEU G 199 17.32 -9.56 46.08
C LEU G 199 17.54 -8.28 46.88
N SER G 200 17.23 -8.33 48.19
CA SER G 200 17.51 -7.24 49.15
C SER G 200 17.60 -7.82 50.56
N GLY G 201 18.21 -7.07 51.50
CA GLY G 201 18.25 -7.51 52.91
C GLY G 201 19.08 -8.77 53.11
N GLU G 202 18.71 -9.57 54.11
CA GLU G 202 19.40 -10.82 54.52
C GLU G 202 19.54 -11.79 53.34
N ASP G 203 18.53 -11.86 52.46
CA ASP G 203 18.53 -12.80 51.32
C ASP G 203 19.80 -12.56 50.48
N PHE G 204 20.20 -11.29 50.35
CA PHE G 204 21.41 -10.90 49.56
C PHE G 204 22.66 -11.37 50.30
N LYS G 205 22.77 -11.07 51.60
CA LYS G 205 23.93 -11.49 52.42
C LYS G 205 24.10 -13.01 52.36
N ASN G 206 22.99 -13.76 52.54
CA ASN G 206 23.03 -15.24 52.51
C ASN G 206 23.44 -15.72 51.12
N THR G 207 22.97 -15.04 50.07
CA THR G 207 23.34 -15.38 48.67
C THR G 207 24.84 -15.20 48.45
N VAL G 208 25.41 -14.12 49.00
CA VAL G 208 26.89 -13.88 48.85
C VAL G 208 27.65 -15.01 49.56
N GLU G 209 27.18 -15.41 50.76
CA GLU G 209 27.85 -16.50 51.52
C GLU G 209 27.76 -17.79 50.68
N MET G 210 26.58 -18.07 50.14
CA MET G 210 26.36 -19.26 49.27
C MET G 210 27.30 -19.15 48.06
N TRP G 211 27.36 -17.97 47.45
CA TRP G 211 28.21 -17.73 46.25
C TRP G 211 29.68 -18.07 46.47
N GLU G 212 30.27 -17.53 47.54
CA GLU G 212 31.66 -17.79 47.84
C GLU G 212 31.85 -19.27 48.13
N GLN G 213 30.94 -19.84 48.90
CA GLN G 213 31.01 -21.25 49.27
C GLN G 213 30.90 -22.26 48.13
N MET G 214 29.97 -22.04 47.19
CA MET G 214 29.78 -22.99 46.11
C MET G 214 30.39 -22.61 44.76
N VAL G 215 30.09 -21.40 44.30
CA VAL G 215 30.60 -20.93 43.01
C VAL G 215 32.12 -20.74 42.98
N LEU G 216 32.65 -20.21 44.07
CA LEU G 216 34.08 -19.95 44.16
C LEU G 216 34.87 -21.08 44.84
N LYS G 217 36.03 -21.41 44.31
CA LYS G 217 36.88 -22.46 44.87
C LYS G 217 38.32 -21.96 45.06
N LEU G 218 38.46 -20.69 45.42
CA LEU G 218 39.78 -20.10 45.58
C LEU G 218 40.55 -20.79 46.70
N PRO G 219 41.88 -21.00 46.51
CA PRO G 219 42.69 -21.65 47.55
C PRO G 219 42.51 -21.04 48.94
N VAL G 220 42.34 -19.73 49.01
CA VAL G 220 42.16 -19.04 50.32
C VAL G 220 40.84 -18.27 50.27
N SER G 221 40.05 -18.40 51.35
CA SER G 221 38.73 -17.74 51.55
C SER G 221 38.84 -16.21 51.51
N SER G 222 37.84 -15.56 50.91
CA SER G 222 37.78 -14.07 50.76
C SER G 222 36.90 -13.45 51.85
N ASN G 223 36.03 -14.23 52.49
CA ASN G 223 35.15 -13.70 53.57
C ASN G 223 34.31 -12.53 53.03
N LEU G 224 33.63 -12.75 51.90
CA LEU G 224 32.86 -11.70 51.19
C LEU G 224 31.63 -11.27 51.99
N LYS G 225 31.27 -12.02 53.03
CA LYS G 225 30.08 -11.71 53.87
C LYS G 225 30.40 -10.50 54.75
N SER G 226 31.68 -10.25 55.01
CA SER G 226 32.11 -9.14 55.87
C SER G 226 31.51 -7.81 55.44
N LYS G 227 31.12 -6.96 56.39
CA LYS G 227 30.44 -5.70 56.09
C LYS G 227 31.26 -4.72 55.25
N GLU G 228 32.55 -4.61 55.52
CA GLU G 228 33.42 -3.70 54.79
C GLU G 228 33.39 -3.91 53.27
N MET G 229 33.23 -5.16 52.84
CA MET G 229 33.21 -5.51 51.40
C MET G 229 31.77 -5.76 50.91
N LEU G 230 30.89 -6.16 51.83
CA LEU G 230 29.45 -6.43 51.52
C LEU G 230 28.76 -5.12 51.10
N ARG G 231 29.14 -3.99 51.71
CA ARG G 231 28.56 -2.66 51.34
C ARG G 231 28.97 -2.35 49.90
N ILE G 232 30.16 -2.80 49.51
CA ILE G 232 30.71 -2.56 48.14
C ILE G 232 29.94 -3.43 47.14
N LEU G 233 29.77 -4.72 47.48
CA LEU G 233 29.02 -5.68 46.61
C LEU G 233 27.58 -5.20 46.49
N THR G 234 27.01 -4.67 47.58
CA THR G 234 25.62 -4.14 47.59
C THR G 234 25.50 -2.93 46.64
N SER G 235 26.43 -1.98 46.72
CA SER G 235 26.37 -0.75 45.87
C SER G 235 26.57 -1.13 44.41
N ALA G 236 27.49 -2.08 44.17
CA ALA G 236 27.87 -2.51 42.81
C ALA G 236 26.75 -3.37 42.22
N THR G 237 26.05 -4.14 43.06
CA THR G 237 25.06 -5.15 42.58
C THR G 237 23.63 -4.61 42.49
N GLU G 238 23.20 -3.80 43.46
CA GLU G 238 21.82 -3.21 43.49
C GLU G 238 20.77 -4.33 43.48
N GLY G 239 21.12 -5.52 43.99
CA GLY G 239 20.19 -6.66 44.14
C GLY G 239 20.01 -7.54 42.92
N TYR G 240 20.73 -7.25 41.82
CA TYR G 240 20.58 -8.03 40.57
C TYR G 240 21.53 -9.24 40.61
N ILE G 241 20.99 -10.46 40.52
CA ILE G 241 21.84 -11.68 40.68
C ILE G 241 22.82 -11.66 39.50
N GLY G 242 22.41 -11.14 38.34
CA GLY G 242 23.31 -11.04 37.18
C GLY G 242 24.53 -10.17 37.47
N ARG G 243 24.39 -9.13 38.29
CA ARG G 243 25.58 -8.28 38.50
C ARG G 243 26.49 -8.94 39.54
N LEU G 244 25.90 -9.53 40.58
CA LEU G 244 26.70 -10.21 41.63
C LEU G 244 27.57 -11.25 40.95
N ASP G 245 26.98 -12.00 40.01
CA ASP G 245 27.73 -13.01 39.22
C ASP G 245 28.92 -12.35 38.52
N GLU G 246 28.69 -11.26 37.79
CA GLU G 246 29.74 -10.61 36.96
C GLU G 246 30.87 -10.07 37.85
N ILE G 247 30.48 -9.38 38.93
CA ILE G 247 31.43 -8.61 39.78
C ILE G 247 32.39 -9.62 40.39
N LEU G 248 31.86 -10.68 41.00
CA LEU G 248 32.67 -11.71 41.70
C LEU G 248 33.42 -12.65 40.73
N ARG G 249 32.81 -13.01 39.60
CA ARG G 249 33.45 -13.90 38.58
C ARG G 249 34.64 -13.22 37.89
N GLU G 250 34.51 -11.93 37.54
CA GLU G 250 35.65 -11.17 36.94
C GLU G 250 36.73 -10.89 38.01
N ALA G 251 36.32 -10.52 39.22
CA ALA G 251 37.26 -10.25 40.33
C ALA G 251 38.10 -11.48 40.65
N ALA G 252 37.49 -12.68 40.63
CA ALA G 252 38.22 -13.94 40.87
C ALA G 252 39.30 -14.17 39.78
N ILE G 253 38.94 -13.97 38.50
CA ILE G 253 39.92 -14.18 37.40
C ILE G 253 41.03 -13.12 37.50
N ARG G 254 40.65 -11.86 37.71
CA ARG G 254 41.62 -10.74 37.79
C ARG G 254 42.56 -10.94 38.98
N SER G 255 42.04 -11.46 40.09
CA SER G 255 42.85 -11.72 41.31
C SER G 255 43.86 -12.84 41.08
N LEU G 256 43.42 -13.97 40.53
CA LEU G 256 44.29 -15.15 40.28
C LEU G 256 45.38 -14.74 39.27
N SER G 257 45.04 -13.89 38.32
CA SER G 257 45.96 -13.49 37.23
C SER G 257 47.12 -12.68 37.81
N ARG G 258 46.94 -12.17 39.04
CA ARG G 258 47.97 -11.36 39.74
C ARG G 258 48.77 -12.24 40.70
N GLY G 259 48.44 -13.54 40.77
CA GLY G 259 49.10 -14.50 41.67
C GLY G 259 48.50 -14.49 43.07
N LEU G 260 47.30 -13.95 43.22
CA LEU G 260 46.63 -13.91 44.55
C LEU G 260 45.89 -15.24 44.77
N LYS G 261 45.67 -15.61 46.03
CA LYS G 261 44.92 -16.85 46.37
C LYS G 261 43.50 -16.50 46.80
N LYS G 262 43.18 -15.20 46.84
CA LYS G 262 41.85 -14.72 47.28
C LYS G 262 41.55 -13.37 46.61
N ILE G 263 40.31 -12.88 46.73
CA ILE G 263 39.95 -11.55 46.16
C ILE G 263 40.20 -10.47 47.23
N ASP G 264 41.06 -9.50 46.90
CA ASP G 264 41.37 -8.37 47.82
C ASP G 264 40.28 -7.30 47.70
N LYS G 265 40.03 -6.56 48.78
CA LYS G 265 39.06 -5.43 48.75
C LYS G 265 39.41 -4.51 47.57
N ALA G 266 40.71 -4.30 47.34
CA ALA G 266 41.19 -3.40 46.27
C ALA G 266 40.66 -3.87 44.91
N VAL G 267 40.52 -5.19 44.72
CA VAL G 267 40.09 -5.75 43.41
C VAL G 267 38.59 -5.50 43.24
N LEU G 268 37.82 -5.72 44.32
CA LEU G 268 36.35 -5.52 44.29
C LEU G 268 36.08 -4.04 43.97
N GLN G 269 36.87 -3.13 44.56
CA GLN G 269 36.71 -1.68 44.32
C GLN G 269 37.08 -1.36 42.86
N GLU G 270 38.21 -1.90 42.40
CA GLU G 270 38.72 -1.64 41.03
C GLU G 270 37.65 -2.09 40.01
N VAL G 271 37.06 -3.27 40.21
CA VAL G 271 36.01 -3.79 39.28
C VAL G 271 34.74 -2.92 39.40
N ALA G 272 34.33 -2.61 40.63
CA ALA G 272 33.07 -1.84 40.83
C ALA G 272 33.16 -0.50 40.11
N LYS G 273 34.34 0.10 40.07
CA LYS G 273 34.54 1.46 39.46
C LYS G 273 34.21 1.42 37.97
N GLU G 274 34.21 0.24 37.35
CA GLU G 274 33.99 0.11 35.89
C GLU G 274 32.48 0.15 35.58
N TYR G 275 31.65 0.05 36.61
CA TYR G 275 30.17 0.01 36.42
C TYR G 275 29.57 1.39 36.73
N GLU H 19 -6.01 -44.36 42.36
CA GLU H 19 -5.93 -43.31 43.42
C GLU H 19 -7.11 -42.36 43.29
N TRP H 20 -7.92 -42.23 44.34
CA TRP H 20 -9.14 -41.38 44.31
C TRP H 20 -8.75 -39.94 43.95
N LEU H 21 -7.68 -39.43 44.58
CA LEU H 21 -7.27 -38.01 44.39
C LEU H 21 -6.98 -37.74 42.92
N GLN H 22 -6.23 -38.64 42.27
CA GLN H 22 -5.83 -38.45 40.84
C GLN H 22 -7.07 -38.58 39.94
N ALA H 23 -8.01 -39.45 40.29
CA ALA H 23 -9.24 -39.62 39.48
C ALA H 23 -10.03 -38.32 39.46
N GLU H 24 -10.11 -37.64 40.62
CA GLU H 24 -10.86 -36.36 40.75
C GLU H 24 -10.11 -35.24 40.03
N ILE H 25 -8.77 -35.20 40.14
CA ILE H 25 -7.97 -34.18 39.42
C ILE H 25 -8.08 -34.37 37.91
N ALA H 26 -8.00 -35.61 37.43
CA ALA H 26 -8.15 -35.89 35.98
C ALA H 26 -9.52 -35.42 35.49
N ARG H 27 -10.55 -35.55 36.35
CA ARG H 27 -11.91 -35.05 36.04
C ARG H 27 -11.94 -33.51 36.07
N LEU H 28 -11.44 -32.90 37.16
CA LEU H 28 -11.59 -31.45 37.39
C LEU H 28 -10.88 -30.65 36.29
N LYS H 29 -9.74 -31.17 35.81
CA LYS H 29 -8.90 -30.45 34.80
C LYS H 29 -9.64 -30.44 33.46
N GLY H 30 -10.70 -31.25 33.34
CA GLY H 30 -11.46 -31.39 32.08
C GLY H 30 -12.48 -30.28 31.92
N LYS H 31 -13.29 -30.34 30.86
CA LYS H 31 -14.29 -29.28 30.57
C LYS H 31 -15.67 -29.90 30.41
N SER H 32 -16.73 -29.11 30.62
CA SER H 32 -18.12 -29.56 30.38
C SER H 32 -19.00 -28.35 30.04
N ILE H 33 -20.21 -28.61 29.55
CA ILE H 33 -21.17 -27.53 29.15
C ILE H 33 -22.23 -27.39 30.24
N VAL H 34 -22.38 -26.20 30.81
CA VAL H 34 -23.42 -25.95 31.85
C VAL H 34 -24.56 -25.15 31.21
N PRO H 35 -25.84 -25.59 31.32
CA PRO H 35 -26.96 -24.84 30.77
C PRO H 35 -27.01 -23.44 31.42
N LEU H 36 -27.19 -22.40 30.60
CA LEU H 36 -27.31 -21.01 31.12
C LEU H 36 -28.38 -20.26 30.32
N GLN H 37 -28.92 -19.18 30.90
CA GLN H 37 -29.97 -18.36 30.23
C GLN H 37 -29.44 -17.80 28.91
N GLN H 38 -28.15 -17.41 28.88
CA GLN H 38 -27.53 -16.79 27.69
C GLN H 38 -27.43 -17.82 26.56
N VAL H 39 -27.20 -19.09 26.90
CA VAL H 39 -27.01 -20.16 25.87
C VAL H 39 -28.37 -20.46 25.23
N LYS H 40 -29.42 -20.64 26.05
CA LYS H 40 -30.78 -20.92 25.53
C LYS H 40 -31.23 -19.75 24.64
N THR H 41 -30.95 -18.51 25.08
CA THR H 41 -31.35 -17.29 24.33
C THR H 41 -30.76 -17.34 22.91
N LEU H 42 -29.47 -17.67 22.80
CA LEU H 42 -28.78 -17.73 21.48
C LEU H 42 -29.41 -18.84 20.62
N HIS H 43 -29.67 -20.00 21.22
CA HIS H 43 -30.18 -21.18 20.47
C HIS H 43 -31.55 -20.86 19.85
N ASP H 44 -32.41 -20.19 20.60
CA ASP H 44 -33.78 -19.83 20.12
C ASP H 44 -33.67 -18.80 18.99
N TRP H 45 -32.73 -17.85 19.16
CA TRP H 45 -32.46 -16.76 18.17
C TRP H 45 -31.92 -17.36 16.86
N LEU H 46 -30.94 -18.25 16.96
CA LEU H 46 -30.31 -18.87 15.76
C LEU H 46 -31.37 -19.68 15.03
N ASP H 47 -32.24 -20.37 15.79
CA ASP H 47 -33.34 -21.20 15.23
C ASP H 47 -34.25 -20.36 14.33
N GLY H 48 -34.56 -19.13 14.77
CA GLY H 48 -35.33 -18.19 13.93
C GLY H 48 -34.60 -17.84 12.65
N LYS H 49 -33.32 -17.49 12.74
CA LYS H 49 -32.52 -17.11 11.54
C LYS H 49 -32.41 -18.32 10.60
N ARG H 50 -32.33 -19.53 11.15
CA ARG H 50 -32.21 -20.78 10.36
C ARG H 50 -33.46 -20.95 9.48
N LYS H 51 -34.64 -20.79 10.07
CA LYS H 51 -35.93 -21.03 9.35
C LYS H 51 -36.09 -19.98 8.25
N ALA H 52 -35.71 -18.73 8.56
CA ALA H 52 -35.88 -17.55 7.67
C ALA H 52 -34.74 -17.47 6.64
N ARG H 53 -33.70 -18.30 6.84
CA ARG H 53 -32.44 -18.29 6.04
C ARG H 53 -31.85 -16.87 6.06
N LYS H 54 -31.87 -16.20 7.21
CA LYS H 54 -31.43 -14.81 7.27
C LYS H 54 -29.99 -14.63 7.72
N SER H 55 -29.24 -13.75 7.05
CA SER H 55 -27.87 -13.46 7.46
C SER H 55 -27.98 -12.71 8.78
N CYS H 56 -27.05 -13.00 9.70
CA CYS H 56 -27.06 -12.40 11.03
C CYS H 56 -25.64 -12.19 11.49
N ARG H 57 -25.46 -11.56 12.65
CA ARG H 57 -24.13 -11.37 13.21
C ARG H 57 -24.14 -11.62 14.73
N VAL H 58 -23.12 -12.29 15.26
CA VAL H 58 -23.06 -12.52 16.71
C VAL H 58 -21.79 -11.86 17.25
N VAL H 59 -21.91 -10.94 18.20
CA VAL H 59 -20.74 -10.25 18.76
C VAL H 59 -20.83 -10.21 20.28
N GLY H 60 -19.69 -10.14 21.04
CA GLY H 60 -19.62 -9.97 22.50
C GLY H 60 -18.18 -9.87 22.96
N GLU H 61 -17.97 -9.81 24.28
CA GLU H 61 -16.61 -9.66 24.85
C GLU H 61 -15.96 -11.04 24.97
N SER H 62 -14.64 -11.09 25.14
CA SER H 62 -13.93 -12.36 25.27
C SER H 62 -14.25 -13.09 26.58
N ARG H 63 -14.12 -14.43 26.54
CA ARG H 63 -14.40 -15.33 27.70
C ARG H 63 -15.81 -15.07 28.25
N THR H 64 -16.86 -15.41 27.50
CA THR H 64 -18.25 -15.12 28.01
C THR H 64 -19.30 -16.11 27.47
N GLY H 65 -19.07 -17.42 27.53
CA GLY H 65 -20.13 -18.33 27.07
C GLY H 65 -20.53 -18.54 25.61
N LYS H 66 -19.66 -18.13 24.69
CA LYS H 66 -19.95 -18.11 23.24
C LYS H 66 -19.50 -19.31 22.41
N THR H 67 -18.26 -19.75 22.57
CA THR H 67 -17.78 -20.91 21.81
C THR H 67 -18.56 -22.14 22.25
N VAL H 68 -18.77 -22.26 23.56
CA VAL H 68 -19.52 -23.36 24.12
C VAL H 68 -20.96 -23.32 23.63
N ALA H 69 -21.54 -22.13 23.55
CA ALA H 69 -22.91 -22.00 23.07
C ALA H 69 -22.97 -22.43 21.63
N CYS H 70 -22.04 -21.97 20.81
CA CYS H 70 -22.11 -22.40 19.38
C CYS H 70 -21.92 -23.92 19.26
N ASP H 71 -20.97 -24.47 20.03
CA ASP H 71 -20.75 -25.95 20.05
C ASP H 71 -22.04 -26.65 20.50
N ALA H 72 -22.66 -26.15 21.57
CA ALA H 72 -23.88 -26.76 22.15
C ALA H 72 -24.99 -26.81 21.09
N TYR H 73 -25.12 -25.73 20.30
CA TYR H 73 -26.11 -25.64 19.20
C TYR H 73 -25.92 -26.75 18.16
N ARG H 74 -24.69 -27.02 17.74
CA ARG H 74 -24.44 -28.08 16.77
C ARG H 74 -24.88 -29.41 17.36
N TYR H 75 -24.62 -29.59 18.66
CA TYR H 75 -24.99 -30.78 19.39
C TYR H 75 -26.51 -30.96 19.44
N ARG H 76 -27.22 -29.85 19.58
CA ARG H 76 -28.68 -29.84 19.66
C ARG H 76 -29.33 -30.42 18.41
N HIS H 77 -28.75 -30.13 17.25
CA HIS H 77 -29.29 -30.62 15.99
C HIS H 77 -28.22 -31.38 15.21
N LYS H 78 -27.96 -32.61 15.66
CA LYS H 78 -26.96 -33.47 15.03
C LYS H 78 -27.40 -33.99 13.66
N PRO H 79 -26.43 -34.30 12.78
CA PRO H 79 -26.76 -34.83 11.43
C PRO H 79 -27.63 -36.08 11.43
N GLN H 80 -28.43 -36.26 10.38
CA GLN H 80 -29.30 -37.42 10.28
C GLN H 80 -28.77 -38.37 9.19
N GLN H 81 -28.62 -39.65 9.50
CA GLN H 81 -28.13 -40.61 8.53
C GLN H 81 -29.05 -41.83 8.49
N GLU H 82 -30.24 -41.65 7.95
CA GLU H 82 -31.23 -42.72 7.86
C GLU H 82 -31.25 -43.41 6.50
N ALA H 83 -30.35 -43.01 5.59
CA ALA H 83 -30.36 -43.60 4.26
C ALA H 83 -28.96 -43.70 3.60
N GLY H 84 -28.87 -44.54 2.55
CA GLY H 84 -27.69 -44.81 1.72
C GLY H 84 -27.00 -43.59 1.10
N ARG H 85 -27.70 -42.46 1.05
CA ARG H 85 -27.17 -41.16 0.53
C ARG H 85 -26.24 -40.53 1.59
N PRO H 86 -25.43 -39.51 1.22
CA PRO H 86 -24.55 -38.84 2.19
C PRO H 86 -25.34 -38.32 3.41
N PRO H 87 -24.70 -38.18 4.58
CA PRO H 87 -25.40 -37.72 5.79
C PRO H 87 -26.06 -36.36 5.57
N THR H 88 -27.28 -36.19 6.09
CA THR H 88 -28.01 -34.90 5.96
C THR H 88 -27.52 -33.94 7.04
N VAL H 89 -26.39 -33.29 6.85
CA VAL H 89 -25.86 -32.37 7.86
C VAL H 89 -26.49 -30.96 7.83
N PRO H 90 -27.41 -30.65 8.77
CA PRO H 90 -28.06 -29.34 8.76
C PRO H 90 -27.19 -28.11 9.08
N VAL H 91 -26.30 -28.22 10.06
CA VAL H 91 -25.49 -27.08 10.48
C VAL H 91 -23.98 -27.35 10.35
N VAL H 92 -23.24 -26.39 9.77
CA VAL H 92 -21.76 -26.54 9.63
C VAL H 92 -21.08 -25.51 10.55
N TYR H 93 -20.15 -25.97 11.39
CA TYR H 93 -19.39 -25.03 12.26
C TYR H 93 -17.90 -25.18 11.93
N ILE H 94 -17.26 -24.06 11.59
CA ILE H 94 -15.80 -24.03 11.27
C ILE H 94 -15.17 -22.87 12.02
N ARG H 95 -13.86 -22.97 12.31
CA ARG H 95 -13.07 -21.83 12.87
C ARG H 95 -11.81 -21.61 12.01
N PRO H 96 -11.79 -20.61 11.11
CA PRO H 96 -10.66 -20.37 10.22
C PRO H 96 -9.32 -20.14 10.94
N HIS H 97 -8.23 -20.57 10.29
CA HIS H 97 -6.85 -20.35 10.80
C HIS H 97 -6.47 -18.88 10.57
N GLN H 98 -5.28 -18.47 11.01
CA GLN H 98 -4.87 -17.06 10.91
C GLN H 98 -4.62 -16.66 9.46
N LYS H 99 -5.05 -15.45 9.08
CA LYS H 99 -4.92 -14.93 7.70
C LYS H 99 -5.39 -16.02 6.74
N CYS H 100 -6.58 -16.56 7.01
CA CYS H 100 -7.24 -17.57 6.16
C CYS H 100 -7.56 -17.01 4.77
N GLY H 101 -7.11 -17.72 3.74
CA GLY H 101 -7.27 -17.35 2.33
C GLY H 101 -8.41 -18.14 1.71
N PRO H 102 -8.77 -17.94 0.44
CA PRO H 102 -9.87 -18.69 -0.16
C PRO H 102 -9.70 -20.21 -0.41
N LYS H 103 -8.49 -20.76 -0.45
CA LYS H 103 -8.30 -22.23 -0.58
C LYS H 103 -8.55 -22.96 0.75
N ASP H 104 -8.24 -22.25 1.84
CA ASP H 104 -8.29 -22.77 3.25
C ASP H 104 -9.74 -22.82 3.75
N LEU H 105 -10.54 -21.79 3.42
CA LEU H 105 -11.98 -21.73 3.83
C LEU H 105 -12.71 -22.92 3.20
N PHE H 106 -12.47 -23.17 1.91
CA PHE H 106 -13.15 -24.25 1.15
C PHE H 106 -12.70 -25.63 1.68
N LYS H 107 -11.40 -25.77 1.93
CA LYS H 107 -10.82 -27.05 2.42
C LYS H 107 -11.51 -27.46 3.73
N LYS H 108 -11.60 -26.52 4.67
CA LYS H 108 -12.14 -26.79 6.04
C LYS H 108 -13.63 -27.10 5.98
N ILE H 109 -14.39 -26.43 5.11
CA ILE H 109 -15.85 -26.72 4.96
C ILE H 109 -16.04 -28.17 4.47
N THR H 110 -15.26 -28.52 3.44
CA THR H 110 -15.30 -29.84 2.77
C THR H 110 -14.92 -30.95 3.75
N GLU H 111 -13.86 -30.76 4.54
CA GLU H 111 -13.41 -31.80 5.51
C GLU H 111 -14.48 -32.01 6.59
N TYR H 112 -15.08 -30.91 7.05
CA TYR H 112 -16.12 -30.93 8.11
C TYR H 112 -17.23 -31.91 7.70
N LEU H 113 -17.65 -31.84 6.44
CA LEU H 113 -18.74 -32.67 5.86
C LEU H 113 -18.24 -34.09 5.55
N LYS H 114 -16.98 -34.39 5.91
CA LYS H 114 -16.32 -35.71 5.74
C LYS H 114 -16.00 -36.07 4.27
N TYR H 115 -15.63 -35.10 3.43
CA TYR H 115 -15.09 -35.44 2.08
C TYR H 115 -13.59 -35.17 2.07
N ARG H 116 -12.83 -35.98 1.32
CA ARG H 116 -11.36 -35.78 1.22
C ARG H 116 -11.14 -34.73 0.12
N VAL H 117 -10.24 -33.78 0.33
CA VAL H 117 -9.94 -32.79 -0.75
C VAL H 117 -8.76 -33.28 -1.61
N THR H 118 -8.96 -33.31 -2.94
CA THR H 118 -7.93 -33.81 -3.88
C THR H 118 -7.00 -32.65 -4.24
N LYS H 119 -5.84 -32.92 -4.85
CA LYS H 119 -4.94 -31.81 -5.24
C LYS H 119 -5.60 -31.03 -6.39
N GLY H 120 -5.51 -29.70 -6.35
CA GLY H 120 -6.07 -28.84 -7.40
C GLY H 120 -6.00 -27.37 -7.01
N THR H 121 -6.62 -26.50 -7.82
CA THR H 121 -6.64 -25.04 -7.56
C THR H 121 -7.95 -24.59 -6.90
N VAL H 122 -8.04 -23.37 -6.37
CA VAL H 122 -9.28 -22.87 -5.77
C VAL H 122 -10.53 -22.91 -6.67
N SER H 123 -10.40 -22.56 -7.95
CA SER H 123 -11.54 -22.58 -8.88
C SER H 123 -12.23 -23.93 -9.06
N ASP H 124 -11.47 -25.00 -9.25
CA ASP H 124 -12.03 -26.34 -9.34
C ASP H 124 -12.60 -26.70 -7.98
N PHE H 125 -11.91 -26.20 -6.96
CA PHE H 125 -12.35 -26.40 -5.61
C PHE H 125 -13.60 -25.60 -5.30
N ARG H 126 -13.85 -24.53 -6.05
CA ARG H 126 -15.06 -23.74 -5.84
C ARG H 126 -16.29 -24.61 -6.12
N ASP H 127 -16.20 -25.41 -7.19
CA ASP H 127 -17.27 -26.31 -7.55
C ASP H 127 -17.41 -27.53 -6.62
N ARG H 128 -16.32 -28.12 -6.12
CA ARG H 128 -16.51 -29.32 -5.28
C ARG H 128 -17.21 -28.92 -3.97
N THR H 129 -16.82 -27.77 -3.39
CA THR H 129 -17.47 -27.26 -2.16
C THR H 129 -18.96 -27.06 -2.39
N ILE H 130 -19.33 -26.45 -3.53
CA ILE H 130 -20.76 -26.20 -3.86
C ILE H 130 -21.50 -27.54 -3.96
N GLU H 131 -20.86 -28.54 -4.59
CA GLU H 131 -21.48 -29.88 -4.80
C GLU H 131 -21.82 -30.52 -3.45
N VAL H 132 -20.96 -30.36 -2.44
CA VAL H 132 -21.14 -31.06 -1.14
C VAL H 132 -21.94 -30.17 -0.18
N LEU H 133 -21.99 -28.86 -0.43
CA LEU H 133 -22.92 -27.95 0.30
C LEU H 133 -24.33 -28.34 -0.12
N LYS H 134 -24.50 -28.70 -1.39
CA LYS H 134 -25.77 -29.26 -1.92
C LYS H 134 -25.88 -30.76 -1.55
N GLY H 135 -27.07 -31.34 -1.69
CA GLY H 135 -27.25 -32.78 -1.39
C GLY H 135 -27.48 -32.92 0.11
N CYS H 136 -26.52 -32.51 0.95
CA CYS H 136 -26.74 -32.38 2.40
C CYS H 136 -27.55 -31.11 2.59
N GLY H 137 -28.36 -30.98 3.63
CA GLY H 137 -29.11 -29.76 3.74
C GLY H 137 -28.24 -28.52 3.93
N VAL H 138 -27.32 -28.55 4.88
CA VAL H 138 -26.44 -27.41 5.16
C VAL H 138 -27.22 -26.10 5.21
N GLU H 139 -28.25 -26.05 6.04
CA GLU H 139 -29.07 -24.86 6.19
C GLU H 139 -28.36 -23.68 6.82
N MET H 140 -27.39 -23.95 7.67
CA MET H 140 -26.66 -22.88 8.33
C MET H 140 -25.15 -23.07 8.35
N LEU H 141 -24.38 -22.01 8.21
CA LEU H 141 -22.90 -22.08 8.34
C LEU H 141 -22.45 -21.10 9.43
N ILE H 142 -21.82 -21.61 10.49
CA ILE H 142 -21.32 -20.73 11.59
C ILE H 142 -19.80 -20.55 11.46
N ILE H 143 -19.32 -19.35 11.15
CA ILE H 143 -17.90 -19.09 11.02
C ILE H 143 -17.40 -18.33 12.24
N ASP H 144 -16.87 -19.06 13.23
CA ASP H 144 -16.35 -18.44 14.44
C ASP H 144 -15.07 -17.65 14.14
N GLU H 145 -14.81 -16.61 14.93
CA GLU H 145 -13.62 -15.78 14.75
C GLU H 145 -13.51 -15.30 13.31
N ALA H 146 -14.56 -14.63 12.85
CA ALA H 146 -14.67 -14.09 11.49
C ALA H 146 -13.59 -13.06 11.15
N ASP H 147 -13.10 -12.31 12.14
CA ASP H 147 -12.08 -11.30 11.94
C ASP H 147 -10.78 -11.90 11.37
N ARG H 148 -10.41 -13.12 11.77
CA ARG H 148 -9.22 -13.76 11.23
C ARG H 148 -9.57 -14.39 9.88
N LEU H 149 -9.58 -13.55 8.85
CA LEU H 149 -9.90 -13.96 7.49
C LEU H 149 -9.33 -12.87 6.59
N LYS H 150 -8.84 -13.21 5.41
CA LYS H 150 -8.27 -12.18 4.50
C LYS H 150 -9.53 -11.49 3.97
N PRO H 151 -9.54 -10.15 3.82
CA PRO H 151 -10.70 -9.43 3.26
C PRO H 151 -11.21 -10.01 1.93
N GLU H 152 -10.30 -10.58 1.13
CA GLU H 152 -10.66 -11.08 -0.23
C GLU H 152 -11.62 -12.27 -0.11
N THR H 153 -11.63 -12.94 1.04
CA THR H 153 -12.38 -14.23 1.20
C THR H 153 -13.86 -13.93 1.45
N PHE H 154 -14.19 -12.70 1.85
CA PHE H 154 -15.58 -12.32 2.20
C PHE H 154 -16.43 -12.36 0.92
N ALA H 155 -15.80 -12.21 -0.25
CA ALA H 155 -16.46 -12.43 -1.56
C ALA H 155 -17.00 -13.87 -1.73
N ASP H 156 -16.26 -14.87 -1.23
CA ASP H 156 -16.64 -16.29 -1.44
C ASP H 156 -17.74 -16.65 -0.45
N VAL H 157 -17.68 -16.02 0.74
CA VAL H 157 -18.72 -16.13 1.79
C VAL H 157 -20.01 -15.50 1.27
N ARG H 158 -19.97 -14.32 0.65
CA ARG H 158 -21.23 -13.69 0.15
C ARG H 158 -21.85 -14.55 -0.94
N ASP H 159 -20.99 -15.09 -1.82
CA ASP H 159 -21.39 -15.94 -2.97
C ASP H 159 -22.19 -17.15 -2.44
N ILE H 160 -21.67 -17.78 -1.39
CA ILE H 160 -22.33 -18.97 -0.77
C ILE H 160 -23.69 -18.51 -0.24
N ALA H 161 -23.68 -17.41 0.52
CA ALA H 161 -24.89 -16.89 1.21
C ALA H 161 -25.91 -16.48 0.15
N GLU H 162 -25.43 -15.97 -0.99
CA GLU H 162 -26.32 -15.43 -2.06
C GLU H 162 -26.88 -16.54 -2.95
N ASP H 163 -26.00 -17.45 -3.41
CA ASP H 163 -26.33 -18.49 -4.42
C ASP H 163 -27.15 -19.62 -3.79
N LEU H 164 -26.83 -19.99 -2.55
CA LEU H 164 -27.47 -21.15 -1.87
C LEU H 164 -28.36 -20.64 -0.73
N GLY H 165 -29.44 -21.38 -0.43
CA GLY H 165 -30.37 -21.05 0.67
C GLY H 165 -29.74 -21.33 2.01
N ILE H 166 -28.61 -20.67 2.30
CA ILE H 166 -27.79 -20.92 3.53
C ILE H 166 -27.61 -19.62 4.33
N ALA H 167 -27.80 -19.65 5.65
CA ALA H 167 -27.61 -18.45 6.46
C ALA H 167 -26.23 -18.52 7.14
N VAL H 168 -25.47 -17.42 7.14
CA VAL H 168 -24.13 -17.41 7.73
C VAL H 168 -24.06 -16.52 8.99
N VAL H 169 -23.84 -17.13 10.16
CA VAL H 169 -23.79 -16.41 11.44
C VAL H 169 -22.66 -15.39 11.70
N LEU H 170 -21.43 -15.67 11.26
CA LEU H 170 -20.28 -14.76 11.46
C LEU H 170 -19.99 -14.32 12.91
N VAL H 171 -19.90 -15.28 13.83
CA VAL H 171 -19.64 -15.03 15.25
C VAL H 171 -18.26 -14.38 15.52
N GLY H 172 -18.18 -13.46 16.49
CA GLY H 172 -16.92 -12.81 16.83
C GLY H 172 -16.92 -11.85 18.02
N THR H 173 -15.77 -11.22 18.23
CA THR H 173 -15.53 -10.22 19.28
C THR H 173 -15.79 -8.79 18.77
N ASP H 174 -15.57 -7.77 19.60
CA ASP H 174 -15.80 -6.36 19.24
C ASP H 174 -14.98 -5.91 18.03
N ARG H 175 -13.75 -6.41 17.92
CA ARG H 175 -12.84 -6.10 16.79
C ARG H 175 -13.40 -6.43 15.39
N LEU H 176 -14.24 -7.46 15.29
CA LEU H 176 -14.88 -7.90 14.02
C LEU H 176 -15.61 -6.72 13.35
N ASP H 177 -16.31 -5.90 14.15
CA ASP H 177 -17.11 -4.75 13.64
C ASP H 177 -16.17 -3.75 12.93
N ALA H 178 -14.95 -3.58 13.43
CA ALA H 178 -13.94 -2.71 12.79
C ALA H 178 -13.57 -3.27 11.41
N VAL H 179 -13.54 -4.59 11.29
CA VAL H 179 -13.21 -5.27 9.99
C VAL H 179 -14.42 -5.18 9.04
N ILE H 180 -15.62 -5.49 9.55
CA ILE H 180 -16.85 -5.53 8.71
C ILE H 180 -17.10 -4.17 8.05
N LYS H 181 -16.94 -3.08 8.80
CA LYS H 181 -17.26 -1.71 8.32
C LYS H 181 -16.27 -1.28 7.23
N ARG H 182 -15.28 -2.09 6.91
CA ARG H 182 -14.32 -1.66 5.85
C ARG H 182 -14.86 -2.02 4.45
N ASP H 183 -15.96 -2.77 4.37
CA ASP H 183 -16.51 -3.23 3.07
C ASP H 183 -18.03 -3.02 3.04
N GLU H 184 -18.51 -2.14 2.16
CA GLU H 184 -19.94 -1.72 2.14
C GLU H 184 -20.80 -2.97 1.97
N GLN H 185 -20.45 -3.81 0.99
CA GLN H 185 -21.29 -4.96 0.55
C GLN H 185 -21.41 -5.99 1.68
N VAL H 186 -20.34 -6.19 2.45
CA VAL H 186 -20.39 -7.08 3.65
C VAL H 186 -21.20 -6.44 4.78
N LEU H 187 -20.94 -5.18 5.09
CA LEU H 187 -21.64 -4.48 6.16
C LEU H 187 -23.16 -4.55 6.04
N GLU H 188 -23.69 -4.25 4.86
CA GLU H 188 -25.14 -4.27 4.63
C GLU H 188 -25.78 -5.64 4.78
N ARG H 189 -25.10 -6.68 4.29
CA ARG H 189 -25.61 -8.05 4.36
C ARG H 189 -25.78 -8.62 5.76
N PHE H 190 -24.87 -8.29 6.67
CA PHE H 190 -24.86 -8.82 8.03
C PHE H 190 -25.29 -7.84 9.13
N ARG H 191 -26.18 -6.90 8.82
CA ARG H 191 -26.61 -5.90 9.80
C ARG H 191 -27.27 -6.43 11.07
N ALA H 192 -28.15 -7.41 10.97
CA ALA H 192 -28.82 -7.97 12.15
C ALA H 192 -27.79 -8.55 13.12
N HIS H 193 -27.91 -8.27 14.42
CA HIS H 193 -26.90 -8.81 15.37
C HIS H 193 -27.49 -9.23 16.72
N LEU H 194 -26.83 -10.16 17.43
CA LEU H 194 -27.17 -10.46 18.84
C LEU H 194 -25.98 -10.02 19.69
N ARG H 195 -26.21 -9.34 20.80
CA ARG H 195 -25.10 -8.89 21.63
C ARG H 195 -24.88 -9.80 22.83
N PHE H 196 -23.96 -10.76 22.70
CA PHE H 196 -23.66 -11.65 23.80
C PHE H 196 -23.07 -10.80 24.93
N GLY H 197 -23.46 -11.04 26.17
CA GLY H 197 -22.96 -10.25 27.26
C GLY H 197 -22.39 -11.03 28.42
N LYS H 198 -22.05 -10.30 29.48
CA LYS H 198 -21.49 -10.92 30.72
C LYS H 198 -22.57 -11.00 31.80
N LEU H 199 -22.23 -11.64 32.94
CA LEU H 199 -23.18 -11.83 34.06
C LEU H 199 -23.04 -10.71 35.11
N SER H 200 -24.15 -10.36 35.75
CA SER H 200 -24.17 -9.40 36.89
C SER H 200 -25.40 -9.67 37.74
N GLY H 201 -25.41 -9.19 38.99
CA GLY H 201 -26.60 -9.30 39.86
C GLY H 201 -26.93 -10.74 40.21
N GLU H 202 -28.22 -11.03 40.41
CA GLU H 202 -28.76 -12.36 40.82
C GLU H 202 -28.30 -13.46 39.86
N ASP H 203 -28.23 -13.16 38.56
CA ASP H 203 -27.86 -14.17 37.53
C ASP H 203 -26.50 -14.78 37.90
N PHE H 204 -25.59 -13.95 38.44
CA PHE H 204 -24.24 -14.40 38.84
C PHE H 204 -24.34 -15.31 40.07
N LYS H 205 -25.07 -14.86 41.09
CA LYS H 205 -25.26 -15.66 42.33
C LYS H 205 -25.88 -17.02 42.00
N ASN H 206 -26.91 -17.04 41.16
CA ASN H 206 -27.59 -18.30 40.76
C ASN H 206 -26.62 -19.19 39.96
N THR H 207 -25.78 -18.57 39.12
CA THR H 207 -24.76 -19.31 38.34
C THR H 207 -23.75 -19.97 39.28
N VAL H 208 -23.32 -19.27 40.33
CA VAL H 208 -22.36 -19.86 41.31
C VAL H 208 -23.02 -21.06 42.00
N GLU H 209 -24.30 -20.93 42.39
CA GLU H 209 -25.03 -22.04 43.04
C GLU H 209 -25.10 -23.23 42.08
N MET H 210 -25.43 -22.96 40.81
CA MET H 210 -25.52 -24.01 39.80
C MET H 210 -24.16 -24.64 39.55
N TRP H 211 -23.13 -23.80 39.46
CA TRP H 211 -21.77 -24.27 39.20
C TRP H 211 -21.29 -25.20 40.30
N GLU H 212 -21.54 -24.83 41.55
CA GLU H 212 -21.12 -25.66 42.66
C GLU H 212 -21.85 -26.98 42.63
N GLN H 213 -23.15 -26.92 42.34
CA GLN H 213 -23.98 -28.12 42.28
C GLN H 213 -23.65 -29.12 41.18
N MET H 214 -23.40 -28.63 39.96
CA MET H 214 -23.12 -29.52 38.84
C MET H 214 -21.64 -29.70 38.53
N VAL H 215 -20.94 -28.59 38.30
CA VAL H 215 -19.52 -28.63 37.97
C VAL H 215 -18.65 -29.22 39.08
N LEU H 216 -18.96 -28.91 40.34
CA LEU H 216 -18.18 -29.42 41.45
C LEU H 216 -18.90 -30.53 42.22
N LYS H 217 -18.26 -31.68 42.40
CA LYS H 217 -18.84 -32.82 43.09
C LYS H 217 -18.10 -33.14 44.40
N LEU H 218 -17.33 -32.17 44.91
CA LEU H 218 -16.55 -32.33 46.14
C LEU H 218 -17.25 -33.07 47.30
N PRO H 219 -16.51 -34.00 48.00
CA PRO H 219 -17.12 -34.75 49.10
C PRO H 219 -17.91 -33.91 50.10
N VAL H 220 -17.41 -32.72 50.42
CA VAL H 220 -18.12 -31.81 51.37
C VAL H 220 -18.38 -30.49 50.64
N SER H 221 -19.62 -29.98 50.79
CA SER H 221 -20.11 -28.71 50.21
C SER H 221 -19.30 -27.49 50.67
N SER H 222 -19.06 -26.56 49.75
CA SER H 222 -18.27 -25.32 50.02
C SER H 222 -19.20 -24.13 50.33
N ASN H 223 -20.47 -24.21 49.94
CA ASN H 223 -21.43 -23.10 50.22
C ASN H 223 -20.93 -21.80 49.59
N LEU H 224 -20.57 -21.85 48.30
CA LEU H 224 -19.95 -20.69 47.58
C LEU H 224 -20.94 -19.55 47.40
N LYS H 225 -22.23 -19.80 47.65
CA LYS H 225 -23.28 -18.76 47.47
C LYS H 225 -23.17 -17.75 48.61
N SER H 226 -22.59 -18.16 49.75
CA SER H 226 -22.45 -17.29 50.93
C SER H 226 -21.80 -15.95 50.58
N LYS H 227 -22.28 -14.86 51.18
CA LYS H 227 -21.81 -13.51 50.86
C LYS H 227 -20.32 -13.28 51.13
N GLU H 228 -19.81 -13.82 52.23
CA GLU H 228 -18.40 -13.64 52.59
C GLU H 228 -17.43 -14.08 51.48
N MET H 229 -17.80 -15.12 50.74
CA MET H 229 -16.94 -15.69 49.66
C MET H 229 -17.45 -15.24 48.28
N LEU H 230 -18.75 -14.93 48.17
CA LEU H 230 -19.39 -14.47 46.91
C LEU H 230 -18.82 -13.10 46.52
N ARG H 231 -18.51 -12.25 47.49
CA ARG H 231 -17.92 -10.91 47.21
C ARG H 231 -16.52 -11.12 46.61
N ILE H 232 -15.85 -12.20 47.04
CA ILE H 232 -14.48 -12.55 46.56
C ILE H 232 -14.58 -13.05 45.12
N LEU H 233 -15.51 -13.98 44.87
CA LEU H 233 -15.74 -14.56 43.53
C LEU H 233 -16.15 -13.43 42.57
N THR H 234 -16.97 -12.50 43.06
CA THR H 234 -17.43 -11.32 42.26
C THR H 234 -16.25 -10.44 41.87
N SER H 235 -15.36 -10.11 42.82
CA SER H 235 -14.21 -9.21 42.56
C SER H 235 -13.23 -9.91 41.60
N ALA H 236 -13.05 -11.21 41.81
CA ALA H 236 -12.10 -12.04 41.03
C ALA H 236 -12.66 -12.29 39.63
N THR H 237 -13.98 -12.41 39.50
CA THR H 237 -14.62 -12.83 38.23
C THR H 237 -15.03 -11.65 37.33
N GLU H 238 -15.55 -10.56 37.92
CA GLU H 238 -16.00 -9.36 37.15
C GLU H 238 -17.07 -9.74 36.11
N GLY H 239 -17.81 -10.82 36.36
CA GLY H 239 -18.95 -11.26 35.52
C GLY H 239 -18.58 -12.14 34.34
N TYR H 240 -17.30 -12.47 34.17
CA TYR H 240 -16.86 -13.28 33.01
C TYR H 240 -16.98 -14.78 33.35
N ILE H 241 -17.78 -15.54 32.59
CA ILE H 241 -18.03 -16.96 32.95
C ILE H 241 -16.68 -17.67 32.84
N GLY H 242 -15.82 -17.25 31.91
CA GLY H 242 -14.47 -17.85 31.78
C GLY H 242 -13.65 -17.70 33.05
N ARG H 243 -13.81 -16.61 33.79
CA ARG H 243 -12.94 -16.47 34.99
C ARG H 243 -13.53 -17.31 36.13
N LEU H 244 -14.87 -17.30 36.25
CA LEU H 244 -15.54 -18.07 37.33
C LEU H 244 -15.10 -19.52 37.18
N ASP H 245 -15.03 -20.02 35.94
CA ASP H 245 -14.63 -21.44 35.76
C ASP H 245 -13.16 -21.65 36.14
N GLU H 246 -12.27 -20.71 35.82
CA GLU H 246 -10.83 -20.87 36.16
C GLU H 246 -10.64 -20.84 37.68
N ILE H 247 -11.28 -19.86 38.34
CA ILE H 247 -11.04 -19.53 39.77
C ILE H 247 -11.47 -20.77 40.57
N LEU H 248 -12.68 -21.26 40.32
CA LEU H 248 -13.27 -22.41 41.06
C LEU H 248 -12.64 -23.76 40.67
N ARG H 249 -12.32 -23.96 39.39
CA ARG H 249 -11.68 -25.22 38.90
C ARG H 249 -10.26 -25.40 39.44
N GLU H 250 -9.45 -24.33 39.47
CA GLU H 250 -8.09 -24.40 40.06
C GLU H 250 -8.17 -24.54 41.58
N ALA H 251 -9.06 -23.77 42.22
CA ALA H 251 -9.25 -23.82 43.69
C ALA H 251 -9.64 -25.23 44.15
N ALA H 252 -10.51 -25.91 43.39
CA ALA H 252 -10.90 -27.30 43.70
C ALA H 252 -9.71 -28.26 43.65
N ILE H 253 -8.87 -28.15 42.61
CA ILE H 253 -7.68 -29.04 42.48
C ILE H 253 -6.67 -28.72 43.59
N ARG H 254 -6.41 -27.43 43.82
CA ARG H 254 -5.44 -26.97 44.85
C ARG H 254 -5.91 -27.41 46.25
N SER H 255 -7.22 -27.37 46.48
CA SER H 255 -7.81 -27.77 47.79
C SER H 255 -7.67 -29.28 48.03
N LEU H 256 -8.04 -30.09 47.03
CA LEU H 256 -7.98 -31.57 47.14
C LEU H 256 -6.52 -32.00 47.33
N SER H 257 -5.59 -31.27 46.68
CA SER H 257 -4.15 -31.63 46.69
C SER H 257 -3.59 -31.45 48.10
N ARG H 258 -4.31 -30.70 48.95
CA ARG H 258 -3.90 -30.42 50.35
C ARG H 258 -4.61 -31.39 51.30
N GLY H 259 -5.45 -32.29 50.76
CA GLY H 259 -6.21 -33.27 51.56
C GLY H 259 -7.51 -32.68 52.09
N LEU H 260 -7.98 -31.57 51.51
CA LEU H 260 -9.24 -30.94 51.96
C LEU H 260 -10.42 -31.63 51.24
N LYS H 261 -11.61 -31.58 51.84
CA LYS H 261 -12.83 -32.17 51.21
C LYS H 261 -13.69 -31.05 50.62
N LYS H 262 -13.26 -29.80 50.78
CA LYS H 262 -14.02 -28.61 50.30
C LYS H 262 -13.05 -27.47 50.01
N ILE H 263 -13.54 -26.39 49.37
CA ILE H 263 -12.67 -25.20 49.10
C ILE H 263 -12.79 -24.23 50.29
N ASP H 264 -11.66 -23.94 50.93
CA ASP H 264 -11.60 -22.98 52.08
C ASP H 264 -11.56 -21.55 51.53
N LYS H 265 -12.10 -20.59 52.30
CA LYS H 265 -12.04 -19.15 51.93
C LYS H 265 -10.58 -18.79 51.62
N ALA H 266 -9.65 -19.34 52.42
CA ALA H 266 -8.21 -19.03 52.27
C ALA H 266 -7.73 -19.40 50.86
N VAL H 267 -8.30 -20.47 50.28
CA VAL H 267 -7.86 -20.97 48.95
C VAL H 267 -8.38 -20.01 47.88
N LEU H 268 -9.65 -19.59 48.01
CA LEU H 268 -10.27 -18.66 47.04
C LEU H 268 -9.48 -17.35 47.03
N GLN H 269 -9.06 -16.90 48.23
CA GLN H 269 -8.27 -15.64 48.35
C GLN H 269 -6.88 -15.84 47.72
N GLU H 270 -6.24 -16.97 48.03
CA GLU H 270 -4.88 -17.27 47.53
C GLU H 270 -4.91 -17.30 46.00
N VAL H 271 -5.92 -17.93 45.40
CA VAL H 271 -6.03 -18.00 43.90
C VAL H 271 -6.36 -16.60 43.35
N ALA H 272 -7.30 -15.88 43.98
CA ALA H 272 -7.71 -14.56 43.47
C ALA H 272 -6.50 -13.62 43.40
N LYS H 273 -5.58 -13.73 44.36
CA LYS H 273 -4.40 -12.83 44.45
C LYS H 273 -3.52 -12.96 43.21
N GLU H 274 -3.65 -14.07 42.47
CA GLU H 274 -2.77 -14.33 41.30
C GLU H 274 -3.30 -13.58 40.06
N TYR H 275 -4.51 -13.02 40.17
CA TYR H 275 -5.14 -12.34 39.00
C TYR H 275 -5.01 -10.82 39.18
N GLU I 19 -49.04 -29.53 5.98
CA GLU I 19 -49.25 -28.51 7.04
C GLU I 19 -49.30 -27.12 6.40
N TRP I 20 -50.41 -26.41 6.58
CA TRP I 20 -50.60 -25.06 5.96
C TRP I 20 -49.46 -24.13 6.39
N LEU I 21 -49.12 -24.14 7.68
CA LEU I 21 -48.10 -23.20 8.23
C LEU I 21 -46.77 -23.41 7.51
N GLN I 22 -46.35 -24.66 7.34
CA GLN I 22 -45.05 -24.99 6.70
C GLN I 22 -45.08 -24.62 5.22
N ALA I 23 -46.23 -24.80 4.56
CA ALA I 23 -46.36 -24.45 3.13
C ALA I 23 -46.13 -22.95 2.93
N GLU I 24 -46.67 -22.13 3.84
CA GLU I 24 -46.54 -20.65 3.76
C GLU I 24 -45.10 -20.23 4.12
N ILE I 25 -44.49 -20.88 5.10
CA ILE I 25 -43.07 -20.58 5.47
C ILE I 25 -42.14 -20.97 4.31
N ALA I 26 -42.35 -22.14 3.70
CA ALA I 26 -41.52 -22.56 2.55
C ALA I 26 -41.65 -21.55 1.41
N ARG I 27 -42.84 -20.97 1.25
CA ARG I 27 -43.07 -19.89 0.23
C ARG I 27 -42.38 -18.59 0.66
N LEU I 28 -42.62 -18.14 1.90
CA LEU I 28 -42.17 -16.81 2.36
C LEU I 28 -40.63 -16.72 2.32
N LYS I 29 -39.96 -17.82 2.63
CA LYS I 29 -38.47 -17.85 2.73
C LYS I 29 -37.87 -17.72 1.34
N GLY I 30 -38.70 -17.86 0.30
CA GLY I 30 -38.26 -17.82 -1.11
C GLY I 30 -38.15 -16.39 -1.61
N LYS I 31 -37.83 -16.22 -2.90
CA LYS I 31 -37.62 -14.87 -3.49
C LYS I 31 -38.52 -14.71 -4.72
N SER I 32 -38.82 -13.46 -5.08
CA SER I 32 -39.58 -13.16 -6.33
C SER I 32 -39.20 -11.76 -6.83
N ILE I 33 -39.58 -11.44 -8.06
CA ILE I 33 -39.27 -10.12 -8.68
C ILE I 33 -40.54 -9.25 -8.65
N VAL I 34 -40.45 -8.07 -8.04
CA VAL I 34 -41.60 -7.13 -7.98
C VAL I 34 -41.35 -5.98 -8.98
N PRO I 35 -42.29 -5.68 -9.90
CA PRO I 35 -42.11 -4.56 -10.83
C PRO I 35 -41.93 -3.25 -10.05
N LEU I 36 -40.94 -2.44 -10.44
CA LEU I 36 -40.71 -1.13 -9.80
C LEU I 36 -40.33 -0.09 -10.85
N GLN I 37 -40.50 1.20 -10.54
CA GLN I 37 -40.16 2.30 -11.48
C GLN I 37 -38.68 2.23 -11.85
N GLN I 38 -37.82 1.89 -10.88
CA GLN I 38 -36.35 1.86 -11.08
C GLN I 38 -35.98 0.75 -12.06
N VAL I 39 -36.72 -0.38 -12.02
CA VAL I 39 -36.40 -1.56 -12.88
C VAL I 39 -36.77 -1.23 -14.33
N LYS I 40 -37.98 -0.68 -14.54
CA LYS I 40 -38.43 -0.30 -15.91
C LYS I 40 -37.47 0.74 -16.49
N THR I 41 -37.09 1.72 -15.68
CA THR I 41 -36.15 2.73 -16.12
C THR I 41 -34.88 2.04 -16.52
N LEU I 42 -34.41 1.13 -15.71
CA LEU I 42 -33.19 0.46 -16.07
C LEU I 42 -33.40 -0.33 -17.34
N HIS I 43 -34.49 -1.04 -17.46
CA HIS I 43 -34.68 -1.87 -18.63
C HIS I 43 -34.73 -1.10 -19.92
N ASP I 44 -35.39 0.04 -19.94
CA ASP I 44 -35.46 0.76 -21.20
C ASP I 44 -34.27 1.65 -21.50
N TRP I 45 -33.32 1.75 -20.59
CA TRP I 45 -32.13 2.56 -20.85
C TRP I 45 -31.17 1.64 -21.53
N LEU I 46 -31.11 0.40 -21.04
CA LEU I 46 -30.22 -0.67 -21.59
C LEU I 46 -30.63 -0.93 -23.04
N ASP I 47 -31.94 -0.92 -23.31
CA ASP I 47 -32.50 -1.15 -24.67
C ASP I 47 -31.92 -0.14 -25.67
N GLY I 48 -31.81 1.13 -25.26
CA GLY I 48 -31.15 2.16 -26.09
C GLY I 48 -29.69 1.83 -26.35
N LYS I 49 -28.93 1.48 -25.31
CA LYS I 49 -27.49 1.15 -25.46
C LYS I 49 -27.33 -0.09 -26.36
N ARG I 50 -28.26 -1.04 -26.26
CA ARG I 50 -28.22 -2.29 -27.06
C ARG I 50 -28.32 -1.95 -28.55
N LYS I 51 -29.28 -1.09 -28.92
CA LYS I 51 -29.54 -0.76 -30.35
C LYS I 51 -28.32 -0.01 -30.92
N ALA I 52 -27.75 0.89 -30.11
CA ALA I 52 -26.64 1.80 -30.50
C ALA I 52 -25.29 1.08 -30.39
N ARG I 53 -25.29 -0.12 -29.78
CA ARG I 53 -24.07 -0.90 -29.43
C ARG I 53 -23.11 -0.02 -28.63
N LYS I 54 -23.62 0.70 -27.64
CA LYS I 54 -22.80 1.58 -26.83
C LYS I 54 -22.34 0.85 -25.58
N SER I 55 -21.10 1.07 -25.16
CA SER I 55 -20.59 0.43 -23.96
C SER I 55 -20.75 1.46 -22.84
N CYS I 56 -21.48 1.11 -21.78
CA CYS I 56 -21.71 2.05 -20.70
C CYS I 56 -21.68 1.35 -19.35
N ARG I 57 -21.40 2.11 -18.31
CA ARG I 57 -21.38 1.54 -16.97
C ARG I 57 -22.70 1.85 -16.26
N VAL I 58 -22.94 1.14 -15.19
CA VAL I 58 -24.14 1.27 -14.36
C VAL I 58 -23.67 1.23 -12.90
N VAL I 59 -23.89 2.30 -12.12
CA VAL I 59 -23.40 2.35 -10.73
C VAL I 59 -24.50 2.57 -9.66
N GLY I 60 -24.49 1.79 -8.58
CA GLY I 60 -25.46 1.93 -7.51
C GLY I 60 -24.97 1.47 -6.15
N GLU I 61 -25.65 1.91 -5.09
CA GLU I 61 -25.29 1.52 -3.72
C GLU I 61 -25.74 0.10 -3.43
N SER I 62 -25.19 -0.53 -2.39
CA SER I 62 -25.58 -1.92 -2.04
C SER I 62 -27.05 -2.01 -1.58
N ARG I 63 -27.67 -3.16 -1.86
CA ARG I 63 -29.06 -3.52 -1.46
C ARG I 63 -30.10 -2.61 -2.12
N THR I 64 -29.78 -2.00 -3.27
CA THR I 64 -30.75 -1.10 -3.94
C THR I 64 -31.50 -1.89 -5.03
N GLY I 65 -31.04 -3.11 -5.30
CA GLY I 65 -31.76 -4.06 -6.18
C GLY I 65 -31.20 -4.01 -7.59
N LYS I 66 -29.93 -3.59 -7.71
CA LYS I 66 -29.19 -3.55 -9.00
C LYS I 66 -29.11 -4.96 -9.62
N THR I 67 -28.66 -5.98 -8.90
CA THR I 67 -28.49 -7.31 -9.59
C THR I 67 -29.84 -7.85 -10.09
N VAL I 68 -30.89 -7.72 -9.29
CA VAL I 68 -32.24 -8.29 -9.61
C VAL I 68 -32.78 -7.66 -10.90
N ALA I 69 -32.63 -6.35 -11.06
CA ALA I 69 -33.09 -5.66 -12.28
C ALA I 69 -32.38 -6.25 -13.51
N CYS I 70 -31.09 -6.59 -13.37
CA CYS I 70 -30.31 -7.18 -14.49
C CYS I 70 -30.86 -8.57 -14.86
N ASP I 71 -31.18 -9.38 -13.85
CA ASP I 71 -31.80 -10.72 -14.10
C ASP I 71 -33.12 -10.56 -14.86
N ALA I 72 -33.95 -9.61 -14.44
CA ALA I 72 -35.28 -9.38 -15.05
C ALA I 72 -35.11 -9.04 -16.54
N TYR I 73 -34.10 -8.24 -16.85
CA TYR I 73 -33.78 -7.85 -18.26
C TYR I 73 -33.47 -9.07 -19.14
N ARG I 74 -32.63 -9.98 -18.63
CA ARG I 74 -32.30 -11.24 -19.36
C ARG I 74 -33.58 -12.01 -19.68
N TYR I 75 -34.54 -12.05 -18.76
CA TYR I 75 -35.75 -12.88 -18.97
C TYR I 75 -36.72 -12.14 -19.90
N ARG I 76 -36.63 -10.81 -19.94
CA ARG I 76 -37.39 -9.99 -20.91
C ARG I 76 -36.98 -10.36 -22.33
N HIS I 77 -35.69 -10.62 -22.52
CA HIS I 77 -35.14 -10.89 -23.84
C HIS I 77 -34.54 -12.29 -23.93
N LYS I 78 -35.43 -13.29 -23.97
CA LYS I 78 -35.07 -14.71 -23.96
C LYS I 78 -34.43 -15.27 -25.24
N PRO I 79 -33.80 -16.46 -25.13
CA PRO I 79 -33.20 -17.12 -26.31
C PRO I 79 -34.23 -17.46 -27.38
N GLN I 80 -33.89 -17.28 -28.65
CA GLN I 80 -34.82 -17.60 -29.74
C GLN I 80 -34.20 -18.63 -30.69
N GLN I 81 -34.90 -19.71 -30.99
CA GLN I 81 -34.36 -20.70 -31.92
C GLN I 81 -35.34 -20.87 -33.10
N GLU I 82 -34.94 -20.46 -34.29
CA GLU I 82 -35.81 -20.61 -35.47
C GLU I 82 -35.26 -21.60 -36.50
N ALA I 83 -34.18 -22.29 -36.17
CA ALA I 83 -33.53 -23.23 -37.08
C ALA I 83 -32.66 -24.20 -36.26
N GLY I 84 -32.08 -25.27 -36.87
CA GLY I 84 -31.21 -26.31 -36.30
C GLY I 84 -29.86 -25.74 -35.88
N ARG I 85 -29.62 -24.46 -36.19
CA ARG I 85 -28.37 -23.75 -35.81
C ARG I 85 -28.33 -23.52 -34.29
N PRO I 86 -27.18 -23.15 -33.70
CA PRO I 86 -27.10 -22.86 -32.26
C PRO I 86 -28.12 -21.80 -31.84
N PRO I 87 -28.58 -21.79 -30.56
CA PRO I 87 -29.57 -20.82 -30.11
C PRO I 87 -29.11 -19.38 -30.34
N THR I 88 -30.02 -18.51 -30.78
CA THR I 88 -29.69 -17.09 -31.02
C THR I 88 -29.75 -16.33 -29.68
N VAL I 89 -28.74 -16.49 -28.83
CA VAL I 89 -28.68 -15.83 -27.53
C VAL I 89 -28.51 -14.31 -27.63
N PRO I 90 -29.59 -13.53 -27.40
CA PRO I 90 -29.47 -12.07 -27.51
C PRO I 90 -28.58 -11.35 -26.47
N VAL I 91 -28.68 -11.73 -25.19
CA VAL I 91 -27.91 -11.06 -24.13
C VAL I 91 -27.16 -12.06 -23.23
N VAL I 92 -25.92 -11.74 -22.83
CA VAL I 92 -25.13 -12.64 -21.94
C VAL I 92 -24.95 -11.97 -20.59
N TYR I 93 -25.30 -12.67 -19.51
CA TYR I 93 -25.09 -12.13 -18.14
C TYR I 93 -24.16 -13.08 -17.38
N ILE I 94 -23.05 -12.54 -16.86
CA ILE I 94 -22.08 -13.34 -16.07
C ILE I 94 -21.73 -12.55 -14.80
N ARG I 95 -21.32 -13.26 -13.75
CA ARG I 95 -20.78 -12.62 -12.50
C ARG I 95 -19.42 -13.24 -12.17
N PRO I 96 -18.28 -12.58 -12.48
CA PRO I 96 -16.94 -13.14 -12.24
C PRO I 96 -16.67 -13.50 -10.77
N HIS I 97 -15.86 -14.55 -10.56
CA HIS I 97 -15.42 -14.98 -9.21
C HIS I 97 -14.35 -14.00 -8.71
N GLN I 98 -13.87 -14.20 -7.48
CA GLN I 98 -12.91 -13.24 -6.87
C GLN I 98 -11.56 -13.31 -7.58
N LYS I 99 -10.93 -12.15 -7.80
CA LYS I 99 -9.63 -12.04 -8.49
C LYS I 99 -9.70 -12.89 -9.76
N CYS I 100 -10.75 -12.67 -10.54
CA CYS I 100 -10.97 -13.33 -11.85
C CYS I 100 -9.87 -12.96 -12.84
N GLY I 101 -9.25 -13.98 -13.43
CA GLY I 101 -8.13 -13.86 -14.38
C GLY I 101 -8.66 -14.03 -15.79
N PRO I 102 -7.84 -13.91 -16.85
CA PRO I 102 -8.32 -14.09 -18.22
C PRO I 102 -8.78 -15.49 -18.68
N LYS I 103 -8.40 -16.59 -18.02
CA LYS I 103 -8.90 -17.94 -18.39
C LYS I 103 -10.33 -18.16 -17.87
N ASP I 104 -10.63 -17.53 -16.72
CA ASP I 104 -11.89 -17.68 -15.96
C ASP I 104 -13.02 -16.88 -16.63
N LEU I 105 -12.72 -15.66 -17.12
CA LEU I 105 -13.70 -14.79 -17.82
C LEU I 105 -14.19 -15.52 -19.07
N PHE I 106 -13.27 -16.09 -19.84
CA PHE I 106 -13.58 -16.79 -21.12
C PHE I 106 -14.38 -18.06 -20.83
N LYS I 107 -13.97 -18.82 -19.80
CA LYS I 107 -14.65 -20.10 -19.43
C LYS I 107 -16.13 -19.83 -19.13
N LYS I 108 -16.40 -18.82 -18.31
CA LYS I 108 -17.78 -18.51 -17.83
C LYS I 108 -18.64 -18.00 -18.98
N ILE I 109 -18.08 -17.23 -19.90
CA ILE I 109 -18.87 -16.73 -21.08
C ILE I 109 -19.30 -17.93 -21.94
N THR I 110 -18.34 -18.83 -22.19
CA THR I 110 -18.51 -20.03 -23.04
C THR I 110 -19.54 -20.98 -22.42
N GLU I 111 -19.48 -21.21 -21.10
CA GLU I 111 -20.44 -22.14 -20.43
C GLU I 111 -21.86 -21.55 -20.50
N TYR I 112 -21.96 -20.24 -20.30
CA TYR I 112 -23.26 -19.52 -20.31
C TYR I 112 -24.02 -19.83 -21.62
N LEU I 113 -23.28 -19.79 -22.74
CA LEU I 113 -23.82 -20.04 -24.10
C LEU I 113 -24.02 -21.54 -24.36
N LYS I 114 -23.78 -22.37 -23.33
CA LYS I 114 -23.94 -23.86 -23.36
C LYS I 114 -22.91 -24.59 -24.22
N TYR I 115 -21.65 -24.14 -24.26
CA TYR I 115 -20.58 -24.95 -24.90
C TYR I 115 -19.68 -25.50 -23.80
N ARG I 116 -19.14 -26.72 -24.01
CA ARG I 116 -18.22 -27.32 -23.01
C ARG I 116 -16.82 -26.78 -23.31
N VAL I 117 -16.05 -26.40 -22.28
CA VAL I 117 -14.65 -25.94 -22.54
C VAL I 117 -13.67 -27.11 -22.44
N THR I 118 -12.84 -27.29 -23.48
CA THR I 118 -11.88 -28.42 -23.55
C THR I 118 -10.59 -27.99 -22.84
N LYS I 119 -9.70 -28.93 -22.51
CA LYS I 119 -8.43 -28.55 -21.84
C LYS I 119 -7.57 -27.77 -22.86
N GLY I 120 -6.93 -26.70 -22.41
CA GLY I 120 -6.04 -25.89 -23.26
C GLY I 120 -5.59 -24.62 -22.55
N THR I 121 -4.90 -23.73 -23.27
CA THR I 121 -4.40 -22.44 -22.72
C THR I 121 -5.33 -21.28 -23.04
N VAL I 122 -5.07 -20.12 -22.43
CA VAL I 122 -5.86 -18.88 -22.70
C VAL I 122 -5.86 -18.63 -24.21
N SER I 123 -4.70 -18.82 -24.85
CA SER I 123 -4.52 -18.50 -26.30
C SER I 123 -5.33 -19.47 -27.17
N ASP I 124 -5.83 -20.56 -26.58
CA ASP I 124 -6.62 -21.58 -27.32
C ASP I 124 -8.12 -21.29 -27.27
N PHE I 125 -8.68 -20.99 -26.09
CA PHE I 125 -10.16 -20.85 -25.97
C PHE I 125 -10.53 -19.36 -25.85
N ARG I 126 -9.52 -18.49 -26.00
CA ARG I 126 -9.72 -17.05 -26.30
C ARG I 126 -10.39 -17.01 -27.69
N ASP I 127 -9.89 -17.83 -28.63
CA ASP I 127 -10.33 -17.96 -30.04
C ASP I 127 -11.68 -18.70 -30.07
N ARG I 128 -11.83 -19.73 -29.24
CA ARG I 128 -13.12 -20.48 -29.13
C ARG I 128 -14.21 -19.54 -28.62
N THR I 129 -13.89 -18.67 -27.67
CA THR I 129 -14.85 -17.68 -27.13
C THR I 129 -15.35 -16.78 -28.25
N ILE I 130 -14.44 -16.30 -29.10
CA ILE I 130 -14.81 -15.41 -30.25
C ILE I 130 -15.76 -16.17 -31.19
N GLU I 131 -15.45 -17.45 -31.46
CA GLU I 131 -16.26 -18.28 -32.39
C GLU I 131 -17.70 -18.40 -31.89
N VAL I 132 -17.91 -18.52 -30.57
CA VAL I 132 -19.28 -18.76 -30.02
C VAL I 132 -19.94 -17.42 -29.68
N LEU I 133 -19.16 -16.35 -29.51
CA LEU I 133 -19.73 -14.98 -29.41
C LEU I 133 -20.33 -14.64 -30.77
N LYS I 134 -19.68 -15.11 -31.84
CA LYS I 134 -20.21 -15.02 -33.23
C LYS I 134 -21.24 -16.13 -33.46
N GLY I 135 -22.04 -16.03 -34.54
CA GLY I 135 -23.02 -17.08 -34.85
C GLY I 135 -24.28 -16.80 -34.05
N CYS I 136 -24.19 -16.83 -32.70
CA CYS I 136 -25.28 -16.36 -31.83
C CYS I 136 -25.24 -14.84 -31.90
N GLY I 137 -26.36 -14.14 -31.76
CA GLY I 137 -26.27 -12.70 -31.87
C GLY I 137 -25.38 -12.04 -30.82
N VAL I 138 -25.57 -12.37 -29.55
CA VAL I 138 -24.80 -11.84 -28.42
C VAL I 138 -24.58 -10.34 -28.55
N GLU I 139 -25.64 -9.56 -28.71
CA GLU I 139 -25.55 -8.12 -28.83
C GLU I 139 -25.13 -7.40 -27.58
N MET I 140 -25.36 -8.00 -26.43
CA MET I 140 -24.97 -7.36 -25.19
C MET I 140 -24.27 -8.27 -24.17
N LEU I 141 -23.29 -7.77 -23.47
CA LEU I 141 -22.65 -8.57 -22.38
C LEU I 141 -22.75 -7.79 -21.08
N ILE I 142 -23.43 -8.34 -20.06
CA ILE I 142 -23.54 -7.66 -18.74
C ILE I 142 -22.60 -8.32 -17.73
N ILE I 143 -21.55 -7.63 -17.28
CA ILE I 143 -20.62 -8.19 -16.31
C ILE I 143 -20.87 -7.59 -14.94
N ASP I 144 -21.64 -8.29 -14.11
CA ASP I 144 -21.95 -7.79 -12.76
C ASP I 144 -20.70 -7.85 -11.89
N GLU I 145 -20.63 -6.96 -10.89
CA GLU I 145 -19.50 -6.90 -9.97
C GLU I 145 -18.18 -6.82 -10.72
N ALA I 146 -18.08 -5.79 -11.56
CA ALA I 146 -16.91 -5.53 -12.40
C ALA I 146 -15.61 -5.30 -11.60
N ASP I 147 -15.71 -4.75 -10.40
CA ASP I 147 -14.56 -4.48 -9.54
C ASP I 147 -13.78 -5.77 -9.22
N ARG I 148 -14.47 -6.89 -9.03
CA ARG I 148 -13.80 -8.16 -8.75
C ARG I 148 -13.31 -8.75 -10.07
N LEU I 149 -12.17 -8.26 -10.53
CA LEU I 149 -11.55 -8.69 -11.77
C LEU I 149 -10.09 -8.24 -11.70
N LYS I 150 -9.17 -9.01 -12.25
CA LYS I 150 -7.73 -8.62 -12.20
C LYS I 150 -7.67 -7.48 -13.23
N PRO I 151 -6.92 -6.39 -12.96
CA PRO I 151 -6.77 -5.29 -13.93
C PRO I 151 -6.35 -5.77 -15.34
N GLU I 152 -5.59 -6.87 -15.41
CA GLU I 152 -5.04 -7.34 -16.71
C GLU I 152 -6.18 -7.82 -17.61
N THR I 153 -7.33 -8.16 -17.03
CA THR I 153 -8.43 -8.81 -17.79
C THR I 153 -9.24 -7.76 -18.56
N PHE I 154 -9.10 -6.48 -18.18
CA PHE I 154 -9.87 -5.37 -18.79
C PHE I 154 -9.42 -5.21 -20.25
N ALA I 155 -8.19 -5.63 -20.56
CA ALA I 155 -7.70 -5.71 -21.97
C ALA I 155 -8.52 -6.67 -22.84
N ASP I 156 -8.99 -7.79 -22.28
CA ASP I 156 -9.71 -8.83 -23.06
C ASP I 156 -11.15 -8.36 -23.25
N VAL I 157 -11.66 -7.65 -22.24
CA VAL I 157 -13.00 -7.00 -22.27
C VAL I 157 -13.00 -5.91 -23.34
N ARG I 158 -11.97 -5.06 -23.41
CA ARG I 158 -11.94 -3.98 -24.42
C ARG I 158 -11.89 -4.58 -25.83
N ASP I 159 -11.08 -5.64 -25.97
CA ASP I 159 -10.87 -6.36 -27.27
C ASP I 159 -12.22 -6.84 -27.78
N ILE I 160 -13.02 -7.45 -26.89
CA ILE I 160 -14.37 -7.98 -27.27
C ILE I 160 -15.23 -6.79 -27.71
N ALA I 161 -15.24 -5.74 -26.89
CA ALA I 161 -16.09 -4.56 -27.12
C ALA I 161 -15.66 -3.88 -28.42
N GLU I 162 -14.37 -3.92 -28.72
CA GLU I 162 -13.79 -3.20 -29.89
C GLU I 162 -13.96 -4.01 -31.18
N ASP I 163 -13.63 -5.31 -31.13
CA ASP I 163 -13.57 -6.20 -32.33
C ASP I 163 -14.98 -6.60 -32.78
N LEU I 164 -15.88 -6.84 -31.83
CA LEU I 164 -17.24 -7.34 -32.12
C LEU I 164 -18.27 -6.25 -31.83
N GLY I 165 -19.39 -6.25 -32.57
CA GLY I 165 -20.48 -5.29 -32.39
C GLY I 165 -21.27 -5.60 -31.12
N ILE I 166 -20.58 -5.57 -29.97
CA ILE I 166 -21.16 -5.98 -28.67
C ILE I 166 -21.02 -4.84 -27.64
N ALA I 167 -22.07 -4.52 -26.89
CA ALA I 167 -21.99 -3.47 -25.87
C ALA I 167 -21.80 -4.12 -24.49
N VAL I 168 -20.90 -3.58 -23.65
CA VAL I 168 -20.67 -4.17 -22.33
C VAL I 168 -21.12 -3.25 -21.19
N VAL I 169 -22.07 -3.70 -20.35
CA VAL I 169 -22.62 -2.91 -19.24
C VAL I 169 -21.74 -2.55 -18.03
N LEU I 170 -20.89 -3.47 -17.56
CA LEU I 170 -20.02 -3.24 -16.39
C LEU I 170 -20.72 -2.76 -15.11
N VAL I 171 -21.81 -3.42 -14.73
CA VAL I 171 -22.59 -3.06 -13.52
C VAL I 171 -21.79 -3.19 -12.22
N GLY I 172 -21.89 -2.21 -11.31
CA GLY I 172 -21.19 -2.27 -10.04
C GLY I 172 -21.52 -1.21 -9.01
N THR I 173 -20.91 -1.35 -7.84
CA THR I 173 -21.07 -0.44 -6.71
C THR I 173 -20.14 0.80 -6.83
N ASP I 174 -20.15 1.70 -5.85
CA ASP I 174 -19.33 2.91 -5.86
C ASP I 174 -17.82 2.64 -5.96
N ARG I 175 -17.37 1.56 -5.34
CA ARG I 175 -15.96 1.12 -5.38
C ARG I 175 -15.39 0.86 -6.80
N LEU I 176 -16.25 0.45 -7.73
CA LEU I 176 -15.87 0.17 -9.14
C LEU I 176 -15.21 1.41 -9.77
N ASP I 177 -15.74 2.61 -9.49
CA ASP I 177 -15.23 3.89 -10.06
C ASP I 177 -13.76 4.09 -9.63
N ALA I 178 -13.43 3.70 -8.40
CA ALA I 178 -12.03 3.79 -7.90
C ALA I 178 -11.13 2.87 -8.73
N VAL I 179 -11.66 1.72 -9.16
CA VAL I 179 -10.88 0.75 -9.99
C VAL I 179 -10.79 1.27 -11.43
N ILE I 180 -11.90 1.74 -12.00
CA ILE I 180 -11.95 2.18 -13.42
C ILE I 180 -10.96 3.32 -13.66
N LYS I 181 -10.89 4.28 -12.74
CA LYS I 181 -10.05 5.50 -12.91
C LYS I 181 -8.56 5.14 -12.85
N ARG I 182 -8.21 3.88 -12.61
CA ARG I 182 -6.76 3.56 -12.55
C ARG I 182 -6.21 3.27 -13.95
N ASP I 183 -7.07 3.20 -14.97
CA ASP I 183 -6.63 2.86 -16.35
C ASP I 183 -7.29 3.81 -17.36
N GLU I 184 -6.47 4.63 -18.04
CA GLU I 184 -7.00 5.72 -18.91
C GLU I 184 -7.92 5.09 -19.96
N GLN I 185 -7.43 4.02 -20.61
CA GLN I 185 -8.09 3.43 -21.80
C GLN I 185 -9.45 2.84 -21.42
N VAL I 186 -9.56 2.26 -20.21
CA VAL I 186 -10.86 1.77 -19.69
C VAL I 186 -11.79 2.93 -19.31
N LEU I 187 -11.28 3.91 -18.57
CA LEU I 187 -12.09 5.06 -18.15
C LEU I 187 -12.78 5.79 -19.31
N GLU I 188 -12.01 6.12 -20.36
CA GLU I 188 -12.57 6.85 -21.51
C GLU I 188 -13.63 6.06 -22.28
N ARG I 189 -13.40 4.77 -22.47
CA ARG I 189 -14.32 3.91 -23.20
C ARG I 189 -15.68 3.75 -22.52
N PHE I 190 -15.65 3.71 -21.19
CA PHE I 190 -16.82 3.47 -20.36
C PHE I 190 -17.45 4.67 -19.65
N ARG I 191 -17.31 5.87 -20.19
CA ARG I 191 -17.82 7.08 -19.53
C ARG I 191 -19.33 7.21 -19.26
N ALA I 192 -20.20 6.86 -20.20
CA ALA I 192 -21.65 6.98 -20.00
C ALA I 192 -22.10 6.15 -18.79
N HIS I 193 -22.98 6.68 -17.93
CA HIS I 193 -23.40 5.89 -16.75
C HIS I 193 -24.87 6.10 -16.36
N LEU I 194 -25.48 5.11 -15.69
CA LEU I 194 -26.81 5.31 -15.05
C LEU I 194 -26.61 5.21 -13.54
N ARG I 195 -27.20 6.10 -12.76
CA ARG I 195 -27.02 6.09 -11.32
C ARG I 195 -28.20 5.43 -10.61
N PHE I 196 -28.12 4.12 -10.36
CA PHE I 196 -29.18 3.44 -9.65
C PHE I 196 -29.25 4.03 -8.25
N GLY I 197 -30.45 4.29 -7.74
CA GLY I 197 -30.58 4.88 -6.43
C GLY I 197 -31.49 4.15 -5.48
N LYS I 198 -31.74 4.78 -4.33
CA LYS I 198 -32.63 4.20 -3.28
C LYS I 198 -34.00 4.89 -3.32
N LEU I 199 -34.94 4.40 -2.51
CA LEU I 199 -36.32 4.95 -2.45
C LEU I 199 -36.46 6.00 -1.34
N SER I 200 -37.32 6.99 -1.57
CA SER I 200 -37.69 8.02 -0.55
C SER I 200 -39.07 8.59 -0.91
N GLY I 201 -39.73 9.23 0.06
CA GLY I 201 -41.02 9.92 -0.20
C GLY I 201 -42.12 8.95 -0.59
N GLU I 202 -43.06 9.42 -1.42
CA GLU I 202 -44.26 8.66 -1.88
C GLU I 202 -43.86 7.33 -2.52
N ASP I 203 -42.74 7.30 -3.26
CA ASP I 203 -42.31 6.08 -3.97
C ASP I 203 -42.17 4.93 -2.96
N PHE I 204 -41.69 5.25 -1.75
CA PHE I 204 -41.51 4.24 -0.67
C PHE I 204 -42.88 3.77 -0.16
N LYS I 205 -43.77 4.72 0.15
CA LYS I 205 -45.14 4.38 0.63
C LYS I 205 -45.86 3.49 -0.40
N ASN I 206 -45.80 3.86 -1.68
CA ASN I 206 -46.45 3.09 -2.76
C ASN I 206 -45.82 1.70 -2.86
N THR I 207 -44.49 1.62 -2.68
CA THR I 207 -43.76 0.33 -2.72
C THR I 207 -44.23 -0.58 -1.57
N VAL I 208 -44.44 -0.01 -0.38
CA VAL I 208 -44.94 -0.82 0.78
C VAL I 208 -46.33 -1.35 0.46
N GLU I 209 -47.19 -0.51 -0.13
CA GLU I 209 -48.57 -0.93 -0.48
C GLU I 209 -48.48 -2.07 -1.52
N MET I 210 -47.63 -1.89 -2.53
CA MET I 210 -47.40 -2.93 -3.57
C MET I 210 -46.88 -4.21 -2.88
N TRP I 211 -45.92 -4.05 -1.97
CA TRP I 211 -45.31 -5.20 -1.24
C TRP I 211 -46.34 -6.05 -0.50
N GLU I 212 -47.18 -5.40 0.30
CA GLU I 212 -48.23 -6.06 1.05
C GLU I 212 -49.27 -6.55 0.06
N GLN I 213 -49.46 -5.81 -1.02
CA GLN I 213 -50.40 -6.22 -2.05
C GLN I 213 -50.01 -7.48 -2.83
N MET I 214 -48.74 -7.60 -3.21
CA MET I 214 -48.28 -8.74 -4.01
C MET I 214 -47.38 -9.80 -3.35
N VAL I 215 -46.34 -9.37 -2.64
CA VAL I 215 -45.40 -10.31 -2.03
C VAL I 215 -45.99 -11.09 -0.86
N LEU I 216 -46.79 -10.39 -0.06
CA LEU I 216 -47.44 -11.00 1.11
C LEU I 216 -48.90 -11.37 0.84
N LYS I 217 -49.27 -12.63 1.11
CA LYS I 217 -50.62 -13.12 0.87
C LYS I 217 -51.33 -13.53 2.16
N LEU I 218 -50.87 -13.02 3.30
CA LEU I 218 -51.43 -13.33 4.63
C LEU I 218 -52.98 -13.37 4.71
N PRO I 219 -53.53 -14.40 5.45
CA PRO I 219 -54.99 -14.52 5.55
C PRO I 219 -55.69 -13.21 5.92
N VAL I 220 -55.06 -12.41 6.77
CA VAL I 220 -55.67 -11.10 7.18
C VAL I 220 -54.65 -10.01 6.87
N SER I 221 -55.14 -8.91 6.27
CA SER I 221 -54.38 -7.70 5.88
C SER I 221 -53.71 -7.02 7.09
N SER I 222 -52.49 -6.53 6.89
CA SER I 222 -51.69 -5.86 7.94
C SER I 222 -51.81 -4.33 7.84
N ASN I 223 -52.21 -3.80 6.68
CA ASN I 223 -52.38 -2.34 6.52
C ASN I 223 -51.05 -1.62 6.80
N LEU I 224 -49.97 -2.10 6.17
CA LEU I 224 -48.59 -1.59 6.43
C LEU I 224 -48.41 -0.15 5.93
N LYS I 225 -49.31 0.37 5.09
CA LYS I 225 -49.22 1.76 4.63
C LYS I 225 -49.62 2.80 5.69
N SER I 226 -50.27 2.36 6.78
CA SER I 226 -50.68 3.30 7.83
C SER I 226 -49.45 3.96 8.46
N LYS I 227 -49.57 5.23 8.84
CA LYS I 227 -48.45 6.00 9.35
C LYS I 227 -47.77 5.47 10.61
N GLU I 228 -48.56 4.96 11.56
CA GLU I 228 -48.01 4.44 12.80
C GLU I 228 -46.94 3.36 12.60
N MET I 229 -47.10 2.54 11.56
CA MET I 229 -46.16 1.43 11.27
C MET I 229 -45.21 1.80 10.12
N LEU I 230 -45.65 2.71 9.23
CA LEU I 230 -44.85 3.19 8.07
C LEU I 230 -43.63 3.96 8.57
N ARG I 231 -43.76 4.71 9.68
CA ARG I 231 -42.61 5.46 10.26
C ARG I 231 -41.58 4.44 10.76
N ILE I 232 -42.05 3.28 11.21
CA ILE I 232 -41.18 2.20 11.73
C ILE I 232 -40.44 1.54 10.56
N LEU I 233 -41.19 1.21 9.50
CA LEU I 233 -40.61 0.60 8.28
C LEU I 233 -39.60 1.58 7.67
N THR I 234 -39.93 2.87 7.68
CA THR I 234 -39.02 3.93 7.16
C THR I 234 -37.71 3.98 7.95
N SER I 235 -37.79 3.97 9.29
CA SER I 235 -36.58 4.07 10.14
C SER I 235 -35.74 2.81 9.98
N ALA I 236 -36.42 1.67 9.89
CA ALA I 236 -35.76 0.34 9.80
C ALA I 236 -35.16 0.16 8.40
N THR I 237 -35.81 0.73 7.38
CA THR I 237 -35.42 0.46 5.95
C THR I 237 -34.43 1.49 5.40
N GLU I 238 -34.60 2.78 5.73
CA GLU I 238 -33.70 3.87 5.25
C GLU I 238 -33.67 3.91 3.70
N GLY I 239 -34.75 3.44 3.06
CA GLY I 239 -34.94 3.51 1.60
C GLY I 239 -34.32 2.36 0.81
N TYR I 240 -33.71 1.39 1.49
CA TYR I 240 -33.04 0.26 0.79
C TYR I 240 -34.06 -0.86 0.53
N ILE I 241 -34.28 -1.22 -0.74
CA ILE I 241 -35.35 -2.21 -1.07
C ILE I 241 -34.92 -3.53 -0.42
N GLY I 242 -33.61 -3.79 -0.32
CA GLY I 242 -33.13 -5.01 0.35
C GLY I 242 -33.54 -5.08 1.81
N ARG I 243 -33.64 -3.94 2.50
CA ARG I 243 -33.98 -4.06 3.93
C ARG I 243 -35.50 -4.23 4.06
N LEU I 244 -36.27 -3.51 3.24
CA LEU I 244 -37.75 -3.62 3.28
C LEU I 244 -38.11 -5.07 3.08
N ASP I 245 -37.41 -5.75 2.16
CA ASP I 245 -37.68 -7.18 1.86
C ASP I 245 -37.36 -8.06 3.08
N GLU I 246 -36.26 -7.78 3.78
CA GLU I 246 -35.85 -8.60 4.96
C GLU I 246 -36.82 -8.38 6.13
N ILE I 247 -37.16 -7.10 6.40
CA ILE I 247 -37.90 -6.70 7.62
C ILE I 247 -39.28 -7.35 7.52
N LEU I 248 -39.95 -7.19 6.38
CA LEU I 248 -41.33 -7.71 6.16
C LEU I 248 -41.38 -9.23 5.96
N ARG I 249 -40.39 -9.81 5.26
CA ARG I 249 -40.32 -11.27 5.02
C ARG I 249 -40.07 -12.06 6.31
N GLU I 250 -39.16 -11.59 7.17
CA GLU I 250 -38.93 -12.24 8.50
C GLU I 250 -40.12 -12.02 9.43
N ALA I 251 -40.67 -10.79 9.45
CA ALA I 251 -41.84 -10.47 10.30
C ALA I 251 -43.04 -11.35 9.95
N ALA I 252 -43.26 -11.62 8.66
CA ALA I 252 -44.36 -12.52 8.21
C ALA I 252 -44.15 -13.95 8.74
N ILE I 253 -42.93 -14.48 8.64
CA ILE I 253 -42.66 -15.87 9.13
C ILE I 253 -42.80 -15.91 10.65
N ARG I 254 -42.21 -14.92 11.34
CA ARG I 254 -42.22 -14.85 12.83
C ARG I 254 -43.68 -14.71 13.32
N SER I 255 -44.50 -13.95 12.59
CA SER I 255 -45.92 -13.74 12.96
C SER I 255 -46.74 -15.03 12.81
N LEU I 256 -46.60 -15.69 11.66
CA LEU I 256 -47.36 -16.95 11.37
C LEU I 256 -46.95 -18.02 12.37
N SER I 257 -45.67 -18.02 12.77
CA SER I 257 -45.11 -19.07 13.67
C SER I 257 -45.75 -18.94 15.06
N ARG I 258 -46.37 -17.79 15.33
CA ARG I 258 -47.03 -17.49 16.63
C ARG I 258 -48.54 -17.76 16.52
N GLY I 259 -49.00 -18.18 15.34
CA GLY I 259 -50.43 -18.44 15.08
C GLY I 259 -51.19 -17.18 14.71
N LEU I 260 -50.48 -16.13 14.30
CA LEU I 260 -51.15 -14.86 13.90
C LEU I 260 -51.57 -14.96 12.43
N LYS I 261 -52.58 -14.19 12.02
CA LYS I 261 -53.03 -14.17 10.61
C LYS I 261 -52.51 -12.90 9.93
N LYS I 262 -51.81 -12.04 10.67
CA LYS I 262 -51.29 -10.76 10.15
C LYS I 262 -50.03 -10.36 10.94
N ILE I 263 -49.32 -9.34 10.47
CA ILE I 263 -48.12 -8.83 11.21
C ILE I 263 -48.56 -7.74 12.19
N ASP I 264 -48.30 -7.95 13.49
CA ASP I 264 -48.64 -6.97 14.55
C ASP I 264 -47.55 -5.89 14.61
N LYS I 265 -47.91 -4.68 15.02
CA LYS I 265 -46.92 -3.58 15.21
C LYS I 265 -45.80 -4.09 16.10
N ALA I 266 -46.14 -4.88 17.12
CA ALA I 266 -45.16 -5.39 18.11
C ALA I 266 -44.09 -6.23 17.39
N VAL I 267 -44.48 -6.92 16.31
CA VAL I 267 -43.53 -7.82 15.58
C VAL I 267 -42.57 -6.95 14.76
N LEU I 268 -43.11 -5.92 14.10
CA LEU I 268 -42.29 -5.00 13.27
C LEU I 268 -41.26 -4.32 14.17
N GLN I 269 -41.68 -3.94 15.38
CA GLN I 269 -40.78 -3.28 16.36
C GLN I 269 -39.71 -4.28 16.82
N GLU I 270 -40.14 -5.49 17.16
CA GLU I 270 -39.23 -6.55 17.68
C GLU I 270 -38.16 -6.84 16.62
N VAL I 271 -38.55 -6.95 15.36
CA VAL I 271 -37.58 -7.23 14.25
C VAL I 271 -36.67 -5.99 14.05
N ALA I 272 -37.26 -4.79 14.03
CA ALA I 272 -36.47 -3.57 13.75
C ALA I 272 -35.36 -3.42 14.80
N LYS I 273 -35.64 -3.83 16.04
CA LYS I 273 -34.67 -3.66 17.16
C LYS I 273 -33.39 -4.46 16.90
N GLU I 274 -33.46 -5.46 16.01
CA GLU I 274 -32.29 -6.36 15.74
C GLU I 274 -31.32 -5.68 14.77
N TYR I 275 -31.75 -4.58 14.15
CA TYR I 275 -30.92 -3.89 13.13
C TYR I 275 -30.24 -2.66 13.75
N GLU J 19 -37.90 -1.64 -43.97
CA GLU J 19 -38.28 -0.47 -43.11
C GLU J 19 -37.18 0.59 -43.20
N TRP J 20 -37.53 1.80 -43.64
CA TRP J 20 -36.54 2.90 -43.82
C TRP J 20 -35.82 3.17 -42.50
N LEU J 21 -36.57 3.23 -41.39
CA LEU J 21 -36.01 3.59 -40.07
C LEU J 21 -34.90 2.58 -39.70
N GLN J 22 -35.18 1.29 -39.87
CA GLN J 22 -34.21 0.23 -39.49
C GLN J 22 -32.99 0.27 -40.40
N ALA J 23 -33.19 0.59 -41.69
CA ALA J 23 -32.07 0.68 -42.65
C ALA J 23 -31.09 1.77 -42.21
N GLU J 24 -31.62 2.90 -41.75
CA GLU J 24 -30.79 4.06 -41.31
C GLU J 24 -30.10 3.73 -39.97
N ILE J 25 -30.81 3.06 -39.06
CA ILE J 25 -30.20 2.64 -37.76
C ILE J 25 -29.09 1.62 -38.00
N ALA J 26 -29.32 0.64 -38.88
CA ALA J 26 -28.28 -0.37 -39.19
C ALA J 26 -27.04 0.33 -39.78
N ARG J 27 -27.26 1.41 -40.54
CA ARG J 27 -26.14 2.22 -41.09
C ARG J 27 -25.46 3.04 -39.97
N LEU J 28 -26.26 3.76 -39.17
CA LEU J 28 -25.71 4.73 -38.19
C LEU J 28 -24.86 4.00 -37.13
N LYS J 29 -25.27 2.78 -36.76
CA LYS J 29 -24.60 2.02 -35.68
C LYS J 29 -23.23 1.55 -36.17
N GLY J 30 -22.98 1.67 -37.49
CA GLY J 30 -21.73 1.20 -38.12
C GLY J 30 -20.63 2.24 -37.99
N LYS J 31 -19.47 1.97 -38.59
CA LYS J 31 -18.30 2.88 -38.48
C LYS J 31 -17.79 3.25 -39.87
N SER J 32 -17.08 4.38 -39.98
CA SER J 32 -16.44 4.79 -41.26
C SER J 32 -15.22 5.66 -40.95
N ILE J 33 -14.38 5.89 -41.96
CA ILE J 33 -13.15 6.71 -41.81
C ILE J 33 -13.39 8.10 -42.42
N VAL J 34 -13.22 9.15 -41.62
CA VAL J 34 -13.40 10.55 -42.12
C VAL J 34 -12.00 11.18 -42.30
N PRO J 35 -11.68 11.75 -43.48
CA PRO J 35 -10.39 12.41 -43.68
C PRO J 35 -10.23 13.56 -42.68
N LEU J 36 -9.06 13.64 -42.04
CA LEU J 36 -8.78 14.75 -41.09
C LEU J 36 -7.32 15.20 -41.25
N GLN J 37 -7.02 16.43 -40.80
CA GLN J 37 -5.65 17.00 -40.91
C GLN J 37 -4.66 16.11 -40.15
N GLN J 38 -5.08 15.57 -39.01
CA GLN J 38 -4.20 14.74 -38.14
C GLN J 38 -3.85 13.43 -38.85
N VAL J 39 -4.79 12.89 -39.63
CA VAL J 39 -4.58 11.57 -40.32
C VAL J 39 -3.57 11.76 -41.46
N LYS J 40 -3.78 12.80 -42.28
CA LYS J 40 -2.84 13.11 -43.41
C LYS J 40 -1.44 13.36 -42.85
N THR J 41 -1.35 14.10 -41.75
CA THR J 41 -0.04 14.44 -41.11
C THR J 41 0.72 13.16 -40.77
N LEU J 42 0.03 12.20 -40.15
CA LEU J 42 0.67 10.91 -39.75
C LEU J 42 1.13 10.15 -41.00
N HIS J 43 0.29 10.11 -42.04
CA HIS J 43 0.57 9.31 -43.25
C HIS J 43 1.83 9.83 -43.95
N ASP J 44 1.98 11.16 -44.02
CA ASP J 44 3.16 11.79 -44.69
C ASP J 44 4.43 11.51 -43.86
N TRP J 45 4.27 11.56 -42.52
CA TRP J 45 5.38 11.30 -41.55
C TRP J 45 5.84 9.85 -41.64
N LEU J 46 4.89 8.90 -41.64
CA LEU J 46 5.23 7.46 -41.69
C LEU J 46 5.92 7.17 -43.02
N ASP J 47 5.45 7.82 -44.10
CA ASP J 47 6.03 7.66 -45.46
C ASP J 47 7.52 8.01 -45.46
N GLY J 48 7.89 9.08 -44.76
CA GLY J 48 9.32 9.45 -44.58
C GLY J 48 10.09 8.36 -43.85
N LYS J 49 9.56 7.87 -42.72
CA LYS J 49 10.26 6.82 -41.93
C LYS J 49 10.38 5.54 -42.75
N ARG J 50 9.38 5.25 -43.60
CA ARG J 50 9.37 4.04 -44.45
C ARG J 50 10.55 4.08 -45.43
N LYS J 51 10.74 5.23 -46.10
CA LYS J 51 11.79 5.37 -47.15
C LYS J 51 13.18 5.25 -46.49
N ALA J 52 13.32 5.86 -45.31
CA ALA J 52 14.60 5.97 -44.56
C ALA J 52 14.86 4.69 -43.74
N ARG J 53 13.84 3.81 -43.66
CA ARG J 53 13.85 2.58 -42.81
C ARG J 53 14.18 2.98 -41.36
N LYS J 54 13.53 3.99 -40.81
CA LYS J 54 13.84 4.44 -39.46
C LYS J 54 12.78 4.02 -38.41
N SER J 55 13.19 3.33 -37.34
CA SER J 55 12.26 2.94 -36.29
C SER J 55 11.80 4.21 -35.60
N CYS J 56 10.54 4.29 -35.21
CA CYS J 56 10.01 5.50 -34.59
C CYS J 56 8.77 5.25 -33.72
N ARG J 57 8.41 6.24 -32.91
CA ARG J 57 7.26 6.11 -32.01
C ARG J 57 6.04 6.97 -32.37
N VAL J 58 4.85 6.52 -31.98
CA VAL J 58 3.60 7.26 -32.18
C VAL J 58 2.88 7.23 -30.82
N VAL J 59 2.77 8.36 -30.13
CA VAL J 59 2.19 8.41 -28.75
C VAL J 59 1.16 9.54 -28.71
N GLY J 60 0.04 9.28 -28.03
CA GLY J 60 -1.01 10.29 -27.84
C GLY J 60 -2.00 9.82 -26.80
N GLU J 61 -3.08 10.59 -26.59
CA GLU J 61 -4.10 10.28 -25.56
C GLU J 61 -5.12 9.29 -26.14
N SER J 62 -5.87 8.61 -25.27
CA SER J 62 -6.99 7.72 -25.69
C SER J 62 -8.11 8.49 -26.41
N ARG J 63 -8.78 7.80 -27.34
CA ARG J 63 -9.94 8.29 -28.13
C ARG J 63 -9.57 9.47 -29.03
N THR J 64 -8.29 9.59 -29.43
CA THR J 64 -7.87 10.72 -30.30
C THR J 64 -7.86 10.25 -31.75
N GLY J 65 -8.01 8.94 -31.97
CA GLY J 65 -8.21 8.35 -33.30
C GLY J 65 -6.88 7.84 -33.85
N LYS J 66 -5.96 7.51 -32.95
CA LYS J 66 -4.64 6.90 -33.30
C LYS J 66 -4.82 5.57 -34.05
N THR J 67 -5.60 4.62 -33.53
CA THR J 67 -5.66 3.31 -34.24
C THR J 67 -6.25 3.45 -35.66
N VAL J 68 -7.30 4.26 -35.81
CA VAL J 68 -8.02 4.42 -37.10
C VAL J 68 -7.08 4.97 -38.17
N ALA J 69 -6.25 5.97 -37.81
CA ALA J 69 -5.29 6.55 -38.77
C ALA J 69 -4.33 5.45 -39.27
N CYS J 70 -3.93 4.53 -38.38
CA CYS J 70 -3.02 3.43 -38.77
C CYS J 70 -3.70 2.48 -39.76
N ASP J 71 -4.98 2.16 -39.53
CA ASP J 71 -5.75 1.31 -40.48
C ASP J 71 -5.80 1.98 -41.86
N ALA J 72 -6.08 3.28 -41.88
CA ALA J 72 -6.20 4.05 -43.15
C ALA J 72 -4.89 3.97 -43.95
N TYR J 73 -3.76 4.05 -43.24
CA TYR J 73 -2.41 3.95 -43.85
C TYR J 73 -2.22 2.60 -44.57
N ARG J 74 -2.58 1.50 -43.90
CA ARG J 74 -2.49 0.14 -44.51
C ARG J 74 -3.29 0.11 -45.82
N TYR J 75 -4.47 0.71 -45.84
CA TYR J 75 -5.30 0.68 -47.04
C TYR J 75 -4.77 1.60 -48.14
N ARG J 76 -4.00 2.62 -47.75
CA ARG J 76 -3.40 3.53 -48.71
C ARG J 76 -2.41 2.79 -49.60
N HIS J 77 -1.65 1.88 -48.98
CA HIS J 77 -0.67 1.08 -49.72
C HIS J 77 -1.02 -0.39 -49.59
N LYS J 78 -1.94 -0.84 -50.45
CA LYS J 78 -2.43 -2.22 -50.43
C LYS J 78 -1.41 -3.22 -50.97
N PRO J 79 -1.62 -4.52 -50.68
CA PRO J 79 -0.68 -5.53 -51.19
C PRO J 79 -0.66 -5.54 -52.72
N GLN J 80 0.51 -5.71 -53.31
CA GLN J 80 0.62 -5.76 -54.75
C GLN J 80 1.07 -7.16 -55.16
N GLN J 81 0.34 -7.83 -56.06
CA GLN J 81 0.72 -9.16 -56.48
C GLN J 81 0.71 -9.28 -58.00
N GLU J 82 1.69 -8.66 -58.64
CA GLU J 82 1.83 -8.71 -60.08
C GLU J 82 2.99 -9.62 -60.52
N ALA J 83 3.66 -10.27 -59.58
CA ALA J 83 4.77 -11.13 -59.93
C ALA J 83 4.60 -12.55 -59.38
N GLY J 84 5.38 -13.49 -59.96
CA GLY J 84 5.43 -14.92 -59.65
C GLY J 84 5.66 -15.19 -58.18
N ARG J 85 6.45 -14.33 -57.54
CA ARG J 85 6.80 -14.46 -56.12
C ARG J 85 5.63 -14.19 -55.17
N PRO J 86 5.75 -14.58 -53.88
CA PRO J 86 4.62 -14.40 -52.97
C PRO J 86 4.15 -12.94 -52.78
N PRO J 87 2.81 -12.71 -52.60
CA PRO J 87 2.19 -11.38 -52.41
C PRO J 87 3.06 -10.38 -51.64
N THR J 88 3.32 -9.20 -52.17
CA THR J 88 4.24 -8.26 -51.54
C THR J 88 3.47 -7.26 -50.68
N VAL J 89 3.53 -7.40 -49.36
CA VAL J 89 2.84 -6.46 -48.49
C VAL J 89 3.89 -5.49 -47.96
N PRO J 90 3.82 -4.21 -48.38
CA PRO J 90 4.83 -3.26 -47.87
C PRO J 90 4.73 -2.97 -46.38
N VAL J 91 3.52 -2.84 -45.86
CA VAL J 91 3.32 -2.52 -44.45
C VAL J 91 2.57 -3.62 -43.70
N VAL J 92 3.06 -4.01 -42.51
CA VAL J 92 2.39 -5.04 -41.73
C VAL J 92 1.76 -4.44 -40.47
N TYR J 93 0.49 -4.71 -40.20
CA TYR J 93 -0.12 -4.11 -38.98
C TYR J 93 -0.65 -5.23 -38.08
N ILE J 94 -0.19 -5.26 -36.84
CA ILE J 94 -0.64 -6.28 -35.85
C ILE J 94 -1.00 -5.56 -34.55
N ARG J 95 -1.87 -6.17 -33.74
CA ARG J 95 -2.18 -5.68 -32.37
C ARG J 95 -2.04 -6.84 -31.37
N PRO J 96 -0.92 -6.93 -30.62
CA PRO J 96 -0.68 -8.04 -29.69
C PRO J 96 -1.76 -8.21 -28.61
N HIS J 97 -1.99 -9.47 -28.21
CA HIS J 97 -2.94 -9.80 -27.11
C HIS J 97 -2.29 -9.43 -25.76
N GLN J 98 -3.01 -9.62 -24.66
CA GLN J 98 -2.50 -9.21 -23.33
C GLN J 98 -1.34 -10.10 -22.90
N LYS J 99 -0.31 -9.48 -22.29
CA LYS J 99 0.90 -10.21 -21.83
C LYS J 99 1.37 -11.12 -22.97
N CYS J 100 1.49 -10.54 -24.17
CA CYS J 100 2.00 -11.24 -25.38
C CYS J 100 3.45 -11.67 -25.18
N GLY J 101 3.70 -12.96 -25.43
CA GLY J 101 5.01 -13.62 -25.28
C GLY J 101 5.66 -13.76 -26.63
N PRO J 102 6.89 -14.29 -26.74
CA PRO J 102 7.54 -14.44 -28.05
C PRO J 102 6.96 -15.45 -29.06
N LYS J 103 6.16 -16.45 -28.64
CA LYS J 103 5.52 -17.38 -29.62
C LYS J 103 4.31 -16.74 -30.31
N ASP J 104 3.65 -15.83 -29.57
CA ASP J 104 2.38 -15.15 -29.97
C ASP J 104 2.67 -14.03 -30.98
N LEU J 105 3.76 -13.27 -30.75
CA LEU J 105 4.17 -12.17 -31.66
C LEU J 105 4.47 -12.75 -33.05
N PHE J 106 5.22 -13.85 -33.09
CA PHE J 106 5.63 -14.51 -34.35
C PHE J 106 4.41 -15.11 -35.06
N LYS J 107 3.53 -15.76 -34.30
CA LYS J 107 2.30 -16.40 -34.85
C LYS J 107 1.47 -15.36 -35.60
N LYS J 108 1.22 -14.22 -34.95
CA LYS J 108 0.32 -13.16 -35.49
C LYS J 108 0.94 -12.50 -36.73
N ILE J 109 2.27 -12.32 -36.75
CA ILE J 109 2.94 -11.73 -37.95
C ILE J 109 2.76 -12.66 -39.15
N THR J 110 3.01 -13.95 -38.90
CA THR J 110 2.94 -15.04 -39.92
C THR J 110 1.53 -15.16 -40.47
N GLU J 111 0.50 -15.15 -39.61
CA GLU J 111 -0.90 -15.30 -40.07
C GLU J 111 -1.30 -14.09 -40.93
N TYR J 112 -0.86 -12.89 -40.51
CA TYR J 112 -1.18 -11.63 -41.22
C TYR J 112 -0.78 -11.75 -42.69
N LEU J 113 0.41 -12.31 -42.93
CA LEU J 113 1.00 -12.49 -44.29
C LEU J 113 0.37 -13.69 -45.01
N LYS J 114 -0.64 -14.31 -44.38
CA LYS J 114 -1.42 -15.46 -44.91
C LYS J 114 -0.64 -16.78 -44.99
N TYR J 115 0.25 -17.07 -44.03
CA TYR J 115 0.87 -18.42 -43.94
C TYR J 115 0.27 -19.14 -42.73
N ARG J 116 0.11 -20.46 -42.84
CA ARG J 116 -0.41 -21.26 -41.70
C ARG J 116 0.77 -21.58 -40.79
N VAL J 117 0.60 -21.48 -39.47
CA VAL J 117 1.72 -21.86 -38.55
C VAL J 117 1.59 -23.33 -38.14
N THR J 118 2.67 -24.11 -38.31
CA THR J 118 2.68 -25.56 -38.00
C THR J 118 3.03 -25.73 -36.52
N LYS J 119 2.79 -26.92 -35.96
CA LYS J 119 3.15 -27.13 -34.52
C LYS J 119 4.68 -27.13 -34.41
N GLY J 120 5.21 -26.48 -33.36
CA GLY J 120 6.66 -26.42 -33.12
C GLY J 120 6.99 -25.47 -31.97
N THR J 121 8.28 -25.22 -31.74
CA THR J 121 8.75 -24.29 -30.66
C THR J 121 9.07 -22.91 -31.21
N VAL J 122 9.32 -21.95 -30.30
CA VAL J 122 9.70 -20.56 -30.69
C VAL J 122 10.90 -20.64 -31.63
N SER J 123 11.86 -21.52 -31.33
CA SER J 123 13.13 -21.63 -32.08
C SER J 123 12.88 -22.18 -33.49
N ASP J 124 11.68 -22.72 -33.74
CA ASP J 124 11.31 -23.30 -35.05
C ASP J 124 10.65 -22.26 -35.98
N PHE J 125 9.67 -21.51 -35.48
CA PHE J 125 8.91 -20.60 -36.37
C PHE J 125 9.34 -19.14 -36.14
N ARG J 126 10.38 -18.97 -35.32
CA ARG J 126 11.19 -17.72 -35.26
C ARG J 126 11.85 -17.60 -36.64
N ASP J 127 12.39 -18.73 -37.16
CA ASP J 127 13.10 -18.87 -38.45
C ASP J 127 12.09 -18.79 -39.59
N ARG J 128 10.92 -19.42 -39.43
CA ARG J 128 9.83 -19.36 -40.45
C ARG J 128 9.37 -17.91 -40.60
N THR J 129 9.25 -17.17 -39.48
CA THR J 129 8.86 -15.74 -39.51
C THR J 129 9.84 -14.95 -40.37
N ILE J 130 11.15 -15.18 -40.18
CA ILE J 130 12.20 -14.46 -40.97
C ILE J 130 12.02 -14.79 -42.46
N GLU J 131 11.76 -16.06 -42.78
CA GLU J 131 11.61 -16.52 -44.19
C GLU J 131 10.47 -15.76 -44.88
N VAL J 132 9.37 -15.52 -44.16
CA VAL J 132 8.16 -14.90 -44.79
C VAL J 132 8.21 -13.37 -44.66
N LEU J 133 9.01 -12.85 -43.72
CA LEU J 133 9.30 -11.40 -43.66
C LEU J 133 10.13 -11.06 -44.90
N LYS J 134 11.01 -12.00 -45.29
CA LYS J 134 11.80 -11.89 -46.50
C LYS J 134 10.92 -12.37 -47.67
N GLY J 135 11.30 -12.08 -48.90
CA GLY J 135 10.50 -12.42 -50.07
C GLY J 135 9.46 -11.34 -50.35
N CYS J 136 8.50 -11.15 -49.43
CA CYS J 136 7.54 -10.07 -49.49
C CYS J 136 8.33 -8.81 -49.09
N GLY J 137 7.97 -7.63 -49.58
CA GLY J 137 8.76 -6.47 -49.22
C GLY J 137 8.81 -6.17 -47.74
N VAL J 138 7.65 -6.16 -47.07
CA VAL J 138 7.56 -5.95 -45.62
C VAL J 138 8.39 -4.73 -45.16
N GLU J 139 8.22 -3.61 -45.83
CA GLU J 139 9.00 -2.42 -45.53
C GLU J 139 8.78 -1.88 -44.12
N MET J 140 7.55 -1.92 -43.63
CA MET J 140 7.27 -1.40 -42.30
C MET J 140 6.38 -2.30 -41.43
N LEU J 141 6.68 -2.41 -40.14
CA LEU J 141 5.85 -3.21 -39.20
C LEU J 141 5.25 -2.25 -38.17
N ILE J 142 3.92 -2.15 -38.09
CA ILE J 142 3.26 -1.26 -37.14
C ILE J 142 2.70 -2.04 -35.97
N ILE J 143 3.29 -1.92 -34.78
CA ILE J 143 2.78 -2.64 -33.63
C ILE J 143 1.91 -1.73 -32.76
N ASP J 144 0.59 -1.91 -32.80
CA ASP J 144 -0.31 -1.11 -31.98
C ASP J 144 -0.33 -1.67 -30.56
N GLU J 145 -0.69 -0.83 -29.59
CA GLU J 145 -0.77 -1.24 -28.19
C GLU J 145 0.53 -1.91 -27.75
N ALA J 146 1.64 -1.22 -28.00
CA ALA J 146 2.98 -1.69 -27.68
C ALA J 146 3.19 -1.95 -26.18
N ASP J 147 2.55 -1.15 -25.33
CA ASP J 147 2.70 -1.28 -23.90
C ASP J 147 2.30 -2.67 -23.40
N ARG J 148 1.23 -3.25 -23.94
CA ARG J 148 0.83 -4.59 -23.52
C ARG J 148 1.62 -5.65 -24.29
N LEU J 149 2.88 -5.83 -23.86
CA LEU J 149 3.81 -6.78 -24.47
C LEU J 149 4.73 -7.26 -23.35
N LYS J 150 5.32 -8.44 -23.47
CA LYS J 150 6.19 -8.89 -22.40
C LYS J 150 7.54 -8.18 -22.57
N PRO J 151 8.19 -7.74 -21.44
CA PRO J 151 9.49 -7.09 -21.69
C PRO J 151 10.47 -7.97 -22.48
N GLU J 152 10.39 -9.29 -22.31
CA GLU J 152 11.37 -10.23 -22.94
C GLU J 152 11.21 -10.20 -24.46
N THR J 153 10.04 -9.79 -24.95
CA THR J 153 9.71 -9.90 -26.40
C THR J 153 10.36 -8.75 -27.18
N PHE J 154 10.76 -7.68 -26.48
CA PHE J 154 11.34 -6.49 -27.12
C PHE J 154 12.69 -6.85 -27.75
N ALA J 155 13.34 -7.90 -27.22
CA ALA J 155 14.54 -8.49 -27.85
C ALA J 155 14.30 -9.03 -29.27
N ASP J 156 13.12 -9.62 -29.51
CA ASP J 156 12.82 -10.25 -30.83
C ASP J 156 12.43 -9.15 -31.81
N VAL J 157 11.80 -8.11 -31.29
CA VAL J 157 11.44 -6.87 -32.06
C VAL J 157 12.74 -6.17 -32.47
N ARG J 158 13.71 -6.01 -31.57
CA ARG J 158 14.98 -5.30 -31.94
C ARG J 158 15.72 -6.11 -33.02
N ASP J 159 15.73 -7.44 -32.86
CA ASP J 159 16.41 -8.39 -33.78
C ASP J 159 15.86 -8.19 -35.19
N ILE J 160 14.52 -8.11 -35.30
CA ILE J 160 13.86 -7.93 -36.63
C ILE J 160 14.30 -6.58 -37.18
N ALA J 161 14.21 -5.53 -36.35
CA ALA J 161 14.51 -4.15 -36.77
C ALA J 161 15.98 -4.05 -37.16
N GLU J 162 16.84 -4.83 -36.48
CA GLU J 162 18.31 -4.75 -36.68
C GLU J 162 18.75 -5.57 -37.89
N ASP J 163 18.27 -6.82 -37.99
CA ASP J 163 18.73 -7.83 -38.99
C ASP J 163 18.15 -7.51 -40.37
N LEU J 164 16.89 -7.07 -40.42
CA LEU J 164 16.16 -6.84 -41.69
C LEU J 164 15.95 -5.33 -41.90
N GLY J 165 15.92 -4.90 -43.17
CA GLY J 165 15.68 -3.49 -43.54
C GLY J 165 14.24 -3.10 -43.31
N ILE J 166 13.77 -3.23 -42.05
CA ILE J 166 12.35 -3.01 -41.67
C ILE J 166 12.23 -1.94 -40.59
N ALA J 167 11.32 -0.98 -40.71
CA ALA J 167 11.14 0.03 -39.67
C ALA J 167 9.95 -0.35 -38.80
N VAL J 168 10.05 -0.18 -37.48
CA VAL J 168 8.94 -0.55 -36.59
C VAL J 168 8.33 0.69 -35.88
N VAL J 169 7.03 0.95 -36.09
CA VAL J 169 6.33 2.10 -35.51
C VAL J 169 6.09 2.18 -33.99
N LEU J 170 5.74 1.05 -33.35
CA LEU J 170 5.46 1.01 -31.89
C LEU J 170 4.39 2.01 -31.39
N VAL J 171 3.25 2.09 -32.08
CA VAL J 171 2.17 3.01 -31.70
C VAL J 171 1.58 2.73 -30.30
N GLY J 172 1.35 3.77 -29.50
CA GLY J 172 0.78 3.59 -28.16
C GLY J 172 0.38 4.85 -27.41
N THR J 173 -0.19 4.63 -26.23
CA THR J 173 -0.65 5.68 -25.33
C THR J 173 0.51 6.22 -24.45
N ASP J 174 0.22 7.17 -23.54
CA ASP J 174 1.22 7.78 -22.66
C ASP J 174 1.94 6.75 -21.76
N ARG J 175 1.22 5.73 -21.32
CA ARG J 175 1.77 4.64 -20.50
C ARG J 175 2.94 3.86 -21.13
N LEU J 176 2.97 3.78 -22.45
CA LEU J 176 4.04 3.09 -23.23
C LEU J 176 5.42 3.66 -22.85
N ASP J 177 5.52 4.98 -22.70
CA ASP J 177 6.80 5.68 -22.38
C ASP J 177 7.34 5.18 -21.03
N ALA J 178 6.44 4.91 -20.08
CA ALA J 178 6.85 4.35 -18.77
C ALA J 178 7.45 2.96 -18.95
N VAL J 179 6.94 2.19 -19.92
CA VAL J 179 7.47 0.82 -20.21
C VAL J 179 8.80 0.93 -20.97
N ILE J 180 8.85 1.79 -22.00
CA ILE J 180 10.06 1.91 -22.87
C ILE J 180 11.28 2.30 -22.03
N LYS J 181 11.13 3.26 -21.10
CA LYS J 181 12.25 3.80 -20.30
C LYS J 181 12.79 2.74 -19.34
N ARG J 182 12.20 1.56 -19.28
CA ARG J 182 12.73 0.54 -18.33
C ARG J 182 13.88 -0.25 -18.97
N ASP J 183 14.14 -0.06 -20.27
CA ASP J 183 15.19 -0.83 -21.00
C ASP J 183 16.03 0.12 -21.87
N GLU J 184 17.31 0.26 -21.53
CA GLU J 184 18.19 1.26 -22.19
C GLU J 184 18.18 1.01 -23.70
N GLN J 185 18.38 -0.25 -24.09
CA GLN J 185 18.61 -0.63 -25.52
C GLN J 185 17.35 -0.35 -26.35
N VAL J 186 16.17 -0.55 -25.77
CA VAL J 186 14.88 -0.18 -26.45
C VAL J 186 14.70 1.34 -26.50
N LEU J 187 14.91 2.03 -25.39
CA LEU J 187 14.75 3.49 -25.34
C LEU J 187 15.53 4.22 -26.42
N GLU J 188 16.82 3.91 -26.56
CA GLU J 188 17.67 4.56 -27.55
C GLU J 188 17.26 4.30 -28.99
N ARG J 189 16.88 3.06 -29.27
CA ARG J 189 16.47 2.65 -30.61
C ARG J 189 15.21 3.34 -31.13
N PHE J 190 14.26 3.58 -30.24
CA PHE J 190 12.97 4.17 -30.59
C PHE J 190 12.78 5.64 -30.18
N ARG J 191 13.86 6.40 -30.14
CA ARG J 191 13.81 7.80 -29.71
C ARG J 191 12.92 8.73 -30.55
N ALA J 192 12.91 8.60 -31.88
CA ALA J 192 12.09 9.47 -32.71
C ALA J 192 10.61 9.26 -32.39
N HIS J 193 9.81 10.34 -32.37
CA HIS J 193 8.39 10.21 -32.05
C HIS J 193 7.48 11.27 -32.70
N LEU J 194 6.20 10.93 -32.88
CA LEU J 194 5.21 11.80 -33.47
C LEU J 194 4.14 11.87 -32.39
N ARG J 195 3.78 13.07 -31.93
CA ARG J 195 2.80 13.17 -30.87
C ARG J 195 1.39 13.47 -31.39
N PHE J 196 0.44 12.56 -31.17
CA PHE J 196 -0.93 12.80 -31.60
C PHE J 196 -1.53 13.87 -30.71
N GLY J 197 -2.42 14.67 -31.25
CA GLY J 197 -3.04 15.74 -30.47
C GLY J 197 -4.54 15.75 -30.64
N LYS J 198 -5.25 16.26 -29.63
CA LYS J 198 -6.70 16.35 -29.67
C LYS J 198 -7.11 17.61 -30.44
N LEU J 199 -8.40 17.75 -30.70
CA LEU J 199 -8.88 18.94 -31.46
C LEU J 199 -9.25 20.09 -30.53
N SER J 200 -9.03 21.33 -30.99
CA SER J 200 -9.46 22.56 -30.29
C SER J 200 -9.63 23.68 -31.31
N GLY J 201 -10.36 24.75 -30.94
CA GLY J 201 -10.49 25.94 -31.81
C GLY J 201 -11.25 25.63 -33.10
N GLU J 202 -10.91 26.35 -34.17
CA GLU J 202 -11.55 26.25 -35.52
C GLU J 202 -11.52 24.81 -36.04
N ASP J 203 -10.44 24.08 -35.78
CA ASP J 203 -10.30 22.69 -36.29
C ASP J 203 -11.51 21.85 -35.82
N PHE J 204 -11.97 22.10 -34.60
CA PHE J 204 -13.14 21.37 -34.02
C PHE J 204 -14.41 21.78 -34.76
N LYS J 205 -14.64 23.10 -34.90
CA LYS J 205 -15.85 23.61 -35.60
C LYS J 205 -15.90 23.05 -37.02
N ASN J 206 -14.77 23.08 -37.74
CA ASN J 206 -14.71 22.56 -39.14
C ASN J 206 -14.97 21.06 -39.15
N THR J 207 -14.46 20.35 -38.14
CA THR J 207 -14.69 18.88 -38.02
C THR J 207 -16.18 18.59 -37.82
N VAL J 208 -16.87 19.39 -37.01
CA VAL J 208 -18.33 19.20 -36.78
C VAL J 208 -19.08 19.42 -38.10
N GLU J 209 -18.69 20.46 -38.86
CA GLU J 209 -19.34 20.76 -40.16
C GLU J 209 -19.10 19.56 -41.10
N MET J 210 -17.87 19.06 -41.14
CA MET J 210 -17.51 17.93 -41.98
C MET J 210 -18.23 16.67 -41.56
N TRP J 211 -18.32 16.46 -40.25
CA TRP J 211 -18.96 15.27 -39.71
C TRP J 211 -20.43 15.23 -40.10
N GLU J 212 -21.11 16.36 -40.02
CA GLU J 212 -22.52 16.39 -40.37
C GLU J 212 -22.73 16.08 -41.85
N GLN J 213 -21.91 16.67 -42.71
CA GLN J 213 -22.03 16.45 -44.15
C GLN J 213 -21.70 15.05 -44.67
N MET J 214 -20.62 14.45 -44.18
CA MET J 214 -20.19 13.14 -44.66
C MET J 214 -20.62 11.93 -43.84
N VAL J 215 -20.62 12.05 -42.52
CA VAL J 215 -20.97 10.93 -41.66
C VAL J 215 -22.47 10.78 -41.45
N LEU J 216 -23.20 11.90 -41.49
CA LEU J 216 -24.64 11.84 -41.27
C LEU J 216 -25.43 12.03 -42.57
N LYS J 217 -26.38 11.14 -42.85
CA LYS J 217 -27.20 11.22 -44.06
C LYS J 217 -28.64 11.54 -43.74
N LEU J 218 -28.87 12.21 -42.61
CA LEU J 218 -30.21 12.55 -42.16
C LEU J 218 -30.92 13.42 -43.20
N PRO J 219 -32.23 13.18 -43.40
CA PRO J 219 -32.95 13.96 -44.41
C PRO J 219 -33.00 15.46 -44.13
N VAL J 220 -33.21 15.85 -42.88
CA VAL J 220 -33.27 17.28 -42.57
C VAL J 220 -31.99 17.73 -41.83
N SER J 221 -31.33 18.78 -42.33
CA SER J 221 -30.08 19.32 -41.72
C SER J 221 -30.29 19.77 -40.27
N SER J 222 -29.28 19.50 -39.42
CA SER J 222 -29.30 19.86 -37.97
C SER J 222 -28.57 21.17 -37.70
N ASN J 223 -27.69 21.60 -38.63
CA ASN J 223 -26.95 22.88 -38.45
C ASN J 223 -26.15 22.84 -37.15
N LEU J 224 -25.36 21.76 -36.96
CA LEU J 224 -24.61 21.51 -35.70
C LEU J 224 -23.47 22.53 -35.52
N LYS J 225 -23.16 23.30 -36.57
CA LYS J 225 -22.05 24.30 -36.51
C LYS J 225 -22.52 25.49 -35.66
N SER J 226 -23.84 25.71 -35.55
CA SER J 226 -24.41 26.83 -34.80
C SER J 226 -23.86 26.91 -33.38
N LYS J 227 -23.60 28.12 -32.89
CA LYS J 227 -22.99 28.32 -31.57
C LYS J 227 -23.79 27.77 -30.40
N GLU J 228 -25.12 27.93 -30.43
CA GLU J 228 -25.98 27.46 -29.36
C GLU J 228 -25.80 25.95 -29.06
N MET J 229 -25.53 25.17 -30.09
CA MET J 229 -25.38 23.69 -29.95
C MET J 229 -23.90 23.30 -29.97
N LEU J 230 -23.05 24.12 -30.62
CA LEU J 230 -21.59 23.89 -30.72
C LEU J 230 -20.95 23.99 -29.32
N ARG J 231 -21.45 24.89 -28.48
CA ARG J 231 -20.92 25.03 -27.09
C ARG J 231 -21.23 23.74 -26.31
N ILE J 232 -22.36 23.10 -26.66
CA ILE J 232 -22.81 21.84 -25.99
C ILE J 232 -21.91 20.70 -26.46
N LEU J 233 -21.69 20.61 -27.78
CA LEU J 233 -20.81 19.56 -28.38
C LEU J 233 -19.39 19.73 -27.83
N THR J 234 -18.95 20.99 -27.68
CA THR J 234 -17.61 21.31 -27.13
C THR J 234 -17.48 20.83 -25.68
N SER J 235 -18.48 21.11 -24.84
CA SER J 235 -18.43 20.73 -23.40
C SER J 235 -18.49 19.21 -23.28
N ALA J 236 -19.32 18.59 -24.12
CA ALA J 236 -19.56 17.13 -24.09
C ALA J 236 -18.33 16.40 -24.67
N THR J 237 -17.65 17.01 -25.65
CA THR J 237 -16.57 16.32 -26.41
C THR J 237 -15.17 16.56 -25.82
N GLU J 238 -14.88 17.78 -25.36
CA GLU J 238 -13.56 18.14 -24.78
C GLU J 238 -12.43 17.86 -25.79
N GLY J 239 -12.74 17.91 -27.09
CA GLY J 239 -11.76 17.79 -28.18
C GLY J 239 -11.44 16.36 -28.60
N TYR J 240 -12.07 15.36 -27.98
CA TYR J 240 -11.76 13.94 -28.31
C TYR J 240 -12.64 13.48 -29.49
N ILE J 241 -12.01 13.06 -30.61
CA ILE J 241 -12.80 12.72 -31.83
C ILE J 241 -13.68 11.52 -31.45
N GLY J 242 -13.20 10.65 -30.56
CA GLY J 242 -14.03 9.50 -30.11
C GLY J 242 -15.30 9.94 -29.43
N ARG J 243 -15.30 11.06 -28.72
CA ARG J 243 -16.56 11.42 -28.03
C ARG J 243 -17.51 12.09 -29.02
N LEU J 244 -16.97 12.94 -29.91
CA LEU J 244 -17.81 13.62 -30.93
C LEU J 244 -18.53 12.55 -31.71
N ASP J 245 -17.83 11.49 -32.08
CA ASP J 245 -18.45 10.34 -32.80
C ASP J 245 -19.62 9.78 -31.99
N GLU J 246 -19.39 9.46 -30.71
CA GLU J 246 -20.42 8.80 -29.86
C GLU J 246 -21.65 9.70 -29.68
N ILE J 247 -21.40 10.99 -29.37
CA ILE J 247 -22.46 11.94 -28.96
C ILE J 247 -23.40 12.09 -30.16
N LEU J 248 -22.85 12.36 -31.33
CA LEU J 248 -23.64 12.61 -32.57
C LEU J 248 -24.25 11.32 -33.16
N ARG J 249 -23.53 10.20 -33.10
CA ARG J 249 -24.03 8.89 -33.61
C ARG J 249 -25.20 8.34 -32.79
N GLU J 250 -25.13 8.44 -31.46
CA GLU J 250 -26.26 8.03 -30.59
C GLU J 250 -27.43 9.01 -30.71
N ALA J 251 -27.14 10.31 -30.74
CA ALA J 251 -28.19 11.35 -30.88
C ALA J 251 -28.98 11.17 -32.20
N ALA J 252 -28.29 10.81 -33.28
CA ALA J 252 -28.96 10.56 -34.59
C ALA J 252 -29.91 9.36 -34.48
N ILE J 253 -29.49 8.26 -33.86
CA ILE J 253 -30.35 7.06 -33.72
C ILE J 253 -31.53 7.38 -32.79
N ARG J 254 -31.25 8.02 -31.66
CA ARG J 254 -32.29 8.38 -30.66
C ARG J 254 -33.31 9.34 -31.27
N SER J 255 -32.85 10.26 -32.12
CA SER J 255 -33.74 11.25 -32.80
C SER J 255 -34.65 10.56 -33.81
N LEU J 256 -34.08 9.72 -34.68
CA LEU J 256 -34.86 9.01 -35.73
C LEU J 256 -35.90 8.09 -35.07
N SER J 257 -35.53 7.50 -33.92
CA SER J 257 -36.39 6.52 -33.22
C SER J 257 -37.64 7.22 -32.69
N ARG J 258 -37.59 8.55 -32.62
CA ARG J 258 -38.72 9.39 -32.11
C ARG J 258 -39.55 9.92 -33.30
N GLY J 259 -39.13 9.58 -34.52
CA GLY J 259 -39.81 10.06 -35.75
C GLY J 259 -39.33 11.43 -36.18
N LEU J 260 -38.17 11.87 -35.68
CA LEU J 260 -37.62 13.20 -36.06
C LEU J 260 -36.81 13.06 -37.36
N LYS J 261 -36.67 14.14 -38.13
CA LYS J 261 -35.87 14.12 -39.38
C LYS J 261 -34.52 14.78 -39.14
N LYS J 262 -34.29 15.28 -37.92
CA LYS J 262 -33.03 15.98 -37.57
C LYS J 262 -32.76 15.81 -36.06
N ILE J 263 -31.58 16.21 -35.60
CA ILE J 263 -31.25 16.15 -34.14
C ILE J 263 -31.65 17.47 -33.49
N ASP J 264 -32.55 17.40 -32.51
CA ASP J 264 -33.02 18.60 -31.74
C ASP J 264 -31.99 18.94 -30.66
N LYS J 265 -31.88 20.23 -30.30
CA LYS J 265 -30.99 20.67 -29.19
C LYS J 265 -31.30 19.83 -27.96
N ALA J 266 -32.58 19.54 -27.73
CA ALA J 266 -33.03 18.78 -26.53
C ALA J 266 -32.37 17.41 -26.51
N VAL J 267 -32.13 16.81 -27.68
CA VAL J 267 -31.55 15.44 -27.77
C VAL J 267 -30.07 15.51 -27.43
N LEU J 268 -29.38 16.52 -27.96
CA LEU J 268 -27.93 16.70 -27.70
C LEU J 268 -27.72 16.91 -26.20
N GLN J 269 -28.61 17.68 -25.57
CA GLN J 269 -28.53 17.95 -24.10
C GLN J 269 -28.80 16.65 -23.34
N GLU J 270 -29.85 15.92 -23.74
CA GLU J 270 -30.25 14.67 -23.05
C GLU J 270 -29.09 13.67 -23.10
N VAL J 271 -28.44 13.54 -24.26
CA VAL J 271 -27.28 12.60 -24.41
C VAL J 271 -26.09 13.12 -23.60
N ALA J 272 -25.80 14.41 -23.68
CA ALA J 272 -24.62 14.98 -22.99
C ALA J 272 -24.72 14.73 -21.48
N LYS J 273 -25.95 14.77 -20.94
CA LYS J 273 -26.18 14.62 -19.48
C LYS J 273 -25.72 13.24 -18.99
N GLU J 274 -25.62 12.26 -19.90
CA GLU J 274 -25.25 10.87 -19.55
C GLU J 274 -23.73 10.71 -19.43
N TYR J 275 -22.97 11.77 -19.75
CA TYR J 275 -21.49 11.72 -19.68
C TYR J 275 -21.01 12.51 -18.45
PG ATP M . -7.12 37.86 -4.57
O1G ATP M . -5.80 37.81 -5.29
O2G ATP M . -7.48 36.56 -3.87
O3G ATP M . -7.36 39.09 -3.74
PB ATP M . -7.74 38.47 -7.19
O1B ATP M . -7.43 37.24 -8.04
O2B ATP M . -6.69 39.53 -7.01
O3B ATP M . -8.20 37.97 -5.75
PA ATP M . -9.23 39.18 -9.39
O1A ATP M . -8.18 40.11 -9.96
O2A ATP M . -9.29 37.75 -9.87
O3A ATP M . -9.05 39.15 -7.81
O5' ATP M . -10.67 39.85 -9.61
C5' ATP M . -11.76 39.49 -8.76
C4' ATP M . -13.07 40.10 -9.25
O4' ATP M . -12.83 41.33 -9.94
C3' ATP M . -13.80 39.17 -10.23
O3' ATP M . -14.98 38.66 -9.61
C2' ATP M . -14.09 39.99 -11.47
O2' ATP M . -15.49 40.10 -11.75
C1' ATP M . -13.52 41.38 -11.20
N9 ATP M . -12.58 41.77 -12.27
C8 ATP M . -11.24 41.63 -12.23
N7 ATP M . -10.68 42.08 -13.39
C5 ATP M . -11.67 42.51 -14.18
C6 ATP M . -11.77 43.10 -15.54
N6 ATP M . -10.67 43.34 -16.28
N1 ATP M . -13.01 43.41 -16.00
C2 ATP M . -14.11 43.19 -15.26
N3 ATP M . -14.09 42.65 -14.03
C4 ATP M . -12.92 42.30 -13.44
MG MG N . -7.25 35.21 -6.97
PG ATP O . 23.30 30.77 -3.87
O1G ATP O . 21.80 30.74 -3.79
O2G ATP O . 23.92 32.08 -3.46
O3G ATP O . 23.99 29.55 -3.32
PB ATP O . 25.10 30.93 -5.98
O1B ATP O . 25.48 29.75 -6.84
O2B ATP O . 25.96 31.31 -4.80
O3B ATP O . 23.60 30.70 -5.45
PA ATP O . 25.92 32.46 -8.15
O1A ATP O . 26.34 33.91 -8.16
O2A ATP O . 26.97 31.38 -8.12
O3A ATP O . 24.94 32.23 -6.91
O5' ATP O . 24.97 32.21 -9.41
C5' ATP O . 25.36 32.63 -10.72
C4' ATP O . 24.88 34.05 -10.98
O4' ATP O . 25.79 34.99 -10.41
C3' ATP O . 24.78 34.34 -12.47
O3' ATP O . 23.48 34.85 -12.77
C2' ATP O . 25.89 35.34 -12.76
O2' ATP O . 25.42 36.49 -13.48
C1' ATP O . 26.44 35.76 -11.41
N9 ATP O . 27.90 35.51 -11.38
C8 ATP O . 28.61 35.13 -10.30
N7 ATP O . 29.92 34.98 -10.60
C5 ATP O . 30.07 35.28 -11.91
C6 ATP O . 31.19 35.32 -12.86
N6 ATP O . 32.45 35.02 -12.49
N1 ATP O . 30.91 35.68 -14.14
C2 ATP O . 29.66 35.98 -14.53
N3 ATP O . 28.60 35.96 -13.72
C4 ATP O . 28.74 35.63 -12.41
MG MG P . 24.16 28.54 -5.46
PG ATP Q . 35.17 9.17 15.45
O1G ATP Q . 35.65 9.56 14.07
O2G ATP Q . 35.23 10.27 16.47
O3G ATP Q . 33.89 8.38 15.46
PB ATP Q . 37.79 8.59 16.24
O1B ATP Q . 38.37 7.68 17.30
O2B ATP Q . 37.78 10.08 16.47
O3B ATP Q . 36.28 8.11 15.95
PA ATP Q . 40.14 8.11 14.87
O1A ATP Q . 40.63 8.29 16.28
O2A ATP Q . 40.49 6.86 14.10
O3A ATP Q . 38.55 8.29 14.86
O5' ATP Q . 40.65 9.38 14.01
C5' ATP Q . 41.38 9.17 12.80
C4' ATP Q . 42.48 10.22 12.66
O4' ATP Q . 43.15 10.37 13.90
C3' ATP Q . 43.49 9.80 11.61
O3' ATP Q . 43.54 10.80 10.59
C2' ATP Q . 44.81 9.66 12.35
O2' ATP Q . 45.88 10.37 11.71
C1' ATP Q . 44.57 10.22 13.74
N9 ATP Q . 45.10 9.27 14.75
C8 ATP Q . 44.40 8.74 15.78
N7 ATP Q . 45.16 7.91 16.52
C5 ATP Q . 46.38 7.89 15.97
C6 ATP Q . 47.67 7.22 16.26
N6 ATP Q . 47.80 6.38 17.31
N1 ATP Q . 48.71 7.48 15.42
C2 ATP Q . 48.59 8.31 14.38
N3 ATP Q . 47.45 8.95 14.06
C4 ATP Q . 46.34 8.79 14.80
MG MG R . 35.59 6.64 14.43
PG ATP S . 16.81 -10.90 30.68
O1G ATP S . 18.28 -11.06 30.39
O2G ATP S . 16.49 -9.87 31.73
O3G ATP S . 15.93 -10.84 29.45
PB ATP S . 17.10 -12.72 32.76
O1B ATP S . 16.11 -13.55 33.55
O2B ATP S . 17.71 -11.48 33.37
O3B ATP S . 16.41 -12.30 31.37
PA ATP S . 19.11 -14.52 33.41
O1A ATP S . 19.17 -13.69 34.67
O2A ATP S . 18.55 -15.92 33.48
O3A ATP S . 18.30 -13.69 32.30
O5' ATP S . 20.60 -14.61 32.80
C5' ATP S . 21.51 -15.58 33.28
C4' ATP S . 22.64 -14.89 34.03
O4' ATP S . 22.21 -14.57 35.35
C3' ATP S . 23.85 -15.81 34.14
O3' ATP S . 24.99 -15.17 33.55
C2' ATP S . 24.04 -16.07 35.63
O2' ATP S . 25.35 -15.72 36.10
C1' ATP S . 22.98 -15.23 36.34
N9 ATP S . 22.11 -16.11 37.14
C8 ATP S . 20.79 -15.95 37.34
N7 ATP S . 20.29 -16.94 38.13
C5 ATP S . 21.30 -17.75 38.45
C6 ATP S . 21.46 -18.99 39.26
N6 ATP S . 20.40 -19.56 39.89
N1 ATP S . 22.69 -19.53 39.34
C2 ATP S . 23.75 -18.97 38.73
N3 ATP S . 23.67 -17.86 37.98
C4 ATP S . 22.50 -17.21 37.80
MG MG T . 16.54 -13.87 29.81
PG ATP U . -13.39 -15.65 22.75
O1G ATP U . -12.79 -16.63 21.79
O2G ATP U . -12.41 -14.63 23.29
O3G ATP U . -14.71 -15.07 22.32
PB ATP U . -15.25 -17.15 24.15
O1B ATP U . -16.22 -15.99 24.26
O2B ATP U . -15.43 -18.18 23.08
O3B ATP U . -13.78 -16.55 24.03
PA ATP U . -15.48 -19.48 25.65
O1A ATP U . -16.96 -19.72 25.77
O2A ATP U . -14.69 -20.14 24.55
O3A ATP U . -15.22 -17.90 25.58
O5' ATP U . -14.80 -19.89 27.05
C5' ATP U . -14.30 -21.20 27.24
C4' ATP U . -14.16 -21.49 28.73
O4' ATP U . -15.24 -20.89 29.45
C3' ATP U . -14.21 -22.99 29.00
O3' ATP U . -12.95 -23.42 29.53
C2' ATP U . -15.37 -23.21 29.96
O2' ATP U . -14.95 -23.80 31.20
C1' ATP U . -15.97 -21.84 30.22
N9 ATP U . -17.39 -21.84 29.79
C8 ATP U . -17.95 -20.99 28.91
N7 ATP U . -19.27 -21.26 28.74
C5 ATP U . -19.57 -22.31 29.54
C6 ATP U . -20.79 -23.10 29.84
N6 ATP U . -21.98 -22.81 29.25
N1 ATP U . -20.67 -24.11 30.72
C2 ATP U . -19.51 -24.39 31.32
N3 ATP U . -18.36 -23.73 31.09
C4 ATP U . -18.34 -22.69 30.23
MG MG V . -13.87 -18.57 21.53
PG ATP W . -25.16 -5.69 -4.58
O1G ATP W . -24.84 -6.18 -5.97
O2G ATP W . -25.42 -6.80 -3.58
O3G ATP W . -24.25 -4.60 -4.08
PB ATP W . -27.80 -5.77 -5.43
O1B ATP W . -28.60 -4.79 -6.27
O2B ATP W . -27.25 -7.02 -6.06
O3B ATP W . -26.59 -4.97 -4.73
PA ATP W . -30.17 -6.82 -4.45
O1A ATP W . -31.19 -5.96 -3.76
O2A ATP W . -30.29 -7.10 -5.92
O3A ATP W . -28.72 -6.19 -4.18
O5' ATP W . -30.09 -8.23 -3.66
C5' ATP W . -31.18 -9.15 -3.72
C4' ATP W . -32.08 -8.94 -2.51
O4' ATP W . -32.68 -7.65 -2.57
C3' ATP W . -33.19 -9.98 -2.48
O3' ATP W . -33.10 -10.74 -1.27
C2' ATP W . -34.50 -9.20 -2.59
O2' ATP W . -35.34 -9.38 -1.45
C1' ATP W . -34.10 -7.73 -2.72
N9 ATP W . -34.50 -7.23 -4.05
C8 ATP W . -33.70 -6.58 -4.91
N7 ATP W . -34.36 -6.25 -6.05
C5 ATP W . -35.62 -6.71 -5.92
C6 ATP W . -36.84 -6.71 -6.76
N6 ATP W . -36.85 -6.13 -7.99
N1 ATP W . -37.95 -7.30 -6.25
C2 ATP W . -37.95 -7.87 -5.03
N3 ATP W . -36.88 -7.91 -4.22
C4 ATP W . -35.70 -7.36 -4.61
MG MG X . -26.04 -8.77 -6.73
PG ATP Y . -6.14 3.38 -28.33
O1G ATP Y . -5.88 1.98 -28.82
O2G ATP Y . -6.94 3.45 -27.05
O3G ATP Y . -4.93 4.29 -28.35
PB ATP Y . -6.88 5.52 -29.95
O1B ATP Y . -5.47 5.62 -30.46
O2B ATP Y . -7.38 6.46 -28.89
O3B ATP Y . -7.11 4.01 -29.43
PA ATP Y . -9.17 4.67 -31.30
O1A ATP Y . -8.75 3.35 -31.89
O2A ATP Y . -9.88 4.71 -29.97
O3A ATP Y . -7.87 5.62 -31.21
O5' ATP Y . -10.09 5.44 -32.38
C5' ATP Y . -10.70 6.68 -32.04
C4' ATP Y . -12.19 6.48 -31.80
O4' ATP Y . -12.90 7.68 -32.10
C3' ATP Y . -12.73 5.39 -32.73
O3' ATP Y . -13.37 4.37 -31.95
C2' ATP Y . -13.69 6.10 -33.68
O2' ATP Y . -15.05 5.65 -33.53
C1' ATP Y . -13.60 7.57 -33.33
N9 ATP Y . -12.85 8.30 -34.39
C8 ATP Y . -12.01 9.33 -34.17
N7 ATP Y . -11.48 9.78 -35.34
C5 ATP Y . -11.96 9.00 -36.33
C6 ATP Y . -11.81 8.93 -37.80
N6 ATP Y . -10.99 9.79 -38.46
N1 ATP Y . -12.49 7.97 -38.46
C2 ATP Y . -13.30 7.11 -37.81
N3 ATP Y . -13.49 7.12 -36.48
C4 ATP Y . -12.86 8.04 -35.70
MG MG Z . -6.63 1.76 -30.58
#